data_8YD7
#
_entry.id   8YD7
#
_cell.length_a   113.936
_cell.length_b   150.057
_cell.length_c   175.703
_cell.angle_alpha   90.000
_cell.angle_beta   90.000
_cell.angle_gamma   90.000
#
_symmetry.space_group_name_H-M   'P 21 21 21'
#
loop_
_entity.id
_entity.type
_entity.pdbx_description
1 polymer 'CASP8 and FADD-like apoptosis regulator subunit p12'
2 polymer Caspase-8
3 polymer 'FAS-associated death domain protein'
4 non-polymer 'SELENIUM ATOM'
#
loop_
_entity_poly.entity_id
_entity_poly.type
_entity_poly.pdbx_seq_one_letter_code
_entity_poly.pdbx_strand_id
1 'polypeptide(L)'
;(MSE)SAEVIGQVEEALDTDEKE(MSE)LLFLCRDVAIDVVPPNVRDLLDILRERGKLSVGDLAELLYRVRRFDLLKRIL
K(MSE)DRKAVETHLLRNPHLVSDYRVL(MSE)AEIGEDLDKSDVSSLIFL(MSE)KDY(MSE)GRGKISKEKSFLDLVV
ELEKLNLVAPDQLDLLEKCLKNIHRIDLKTKIQKYKQSVQGAGTS
;
G,H,I,K
2 'polypeptide(L)'
;(MSE)DFSRNLYDIGEQLDSEDLASLKFLSLDYIPQRKQEPIKDAL(MSE)LFQRLQEKR(MSE)LEESNLSFLKELLFR
INRLDLLITYLNTRKEE(MSE)ERELQTPGRAQISAYRV(MSE)LYQISEEVSRSELRSFKGGLQEEISKCKLDDD
(MSE)NLLDIFIE(MSE)EKRVILGEGKLDILKRVCAQINKSLLKIINDYEEFSKER
;
D,C,B,E,A
3 'polypeptide(L)'
;(MSE)DPFLVLLGSVSSSLSSSELTELKFLCLGRVGKRKLERVQSGLDLFS(MSE)LLEQNDLEPGHTELLRELLASLRR
HDLLRRVDDFEAGAAAGAAPGEEDLCAAFNVICDNVGKDWRRLARQLKVSDTKIDSIEDRYPRNLTERVRESLRIWKNTE
KENATVAHLVGALRSCQ(MSE)NLVADLVQEVQQARDLQNRSGA(MSE)SP(MSE)SWNSDASTSEASLEHHHHHH
;
L
#
loop_
_chem_comp.id
_chem_comp.type
_chem_comp.name
_chem_comp.formula
SE non-polymer 'SELENIUM ATOM' Se
#
# COMPACT_ATOMS: atom_id res chain seq x y z
N SER A 2 4.67 -27.10 50.44
CA SER A 2 4.23 -26.16 51.47
C SER A 2 3.31 -25.10 50.88
N ALA A 3 2.84 -24.18 51.73
CA ALA A 3 1.95 -23.13 51.27
C ALA A 3 2.68 -22.07 50.46
N GLU A 4 3.95 -21.80 50.79
CA GLU A 4 4.74 -20.84 50.03
C GLU A 4 4.95 -21.33 48.59
N VAL A 5 5.17 -22.63 48.42
CA VAL A 5 5.36 -23.19 47.08
C VAL A 5 4.08 -23.05 46.27
N ILE A 6 2.93 -23.36 46.88
CA ILE A 6 1.65 -23.23 46.19
C ILE A 6 1.39 -21.77 45.81
N GLY A 7 1.72 -20.85 46.71
CA GLY A 7 1.54 -19.43 46.39
C GLY A 7 2.43 -18.99 45.25
N GLN A 8 3.69 -19.42 45.25
CA GLN A 8 4.59 -19.10 44.15
C GLN A 8 4.07 -19.65 42.83
N VAL A 9 3.60 -20.89 42.84
CA VAL A 9 3.09 -21.50 41.61
C VAL A 9 1.85 -20.75 41.12
N GLU A 10 0.95 -20.39 42.04
CA GLU A 10 -0.26 -19.69 41.65
C GLU A 10 0.04 -18.30 41.09
N GLU A 11 1.03 -17.62 41.66
CA GLU A 11 1.38 -16.29 41.17
C GLU A 11 2.21 -16.33 39.89
N ALA A 12 2.92 -17.43 39.65
CA ALA A 12 3.79 -17.54 38.49
C ALA A 12 3.09 -18.02 37.23
N LEU A 13 1.88 -18.54 37.35
CA LEU A 13 1.16 -19.08 36.20
C LEU A 13 0.38 -17.98 35.48
N ASP A 14 0.13 -18.21 34.20
CA ASP A 14 -0.65 -17.31 33.37
C ASP A 14 -2.09 -17.80 33.28
N THR A 15 -2.96 -16.95 32.73
CA THR A 15 -4.39 -17.27 32.70
C THR A 15 -4.66 -18.55 31.91
N ASP A 16 -4.05 -18.66 30.73
CA ASP A 16 -4.24 -19.86 29.92
C ASP A 16 -3.67 -21.09 30.62
N GLU A 17 -2.50 -20.93 31.24
CA GLU A 17 -1.90 -22.03 31.99
C GLU A 17 -2.77 -22.44 33.17
N LYS A 18 -3.39 -21.45 33.85
CA LYS A 18 -4.29 -21.77 34.95
C LYS A 18 -5.51 -22.54 34.47
N GLU A 19 -6.12 -22.08 33.38
CA GLU A 19 -7.29 -22.77 32.84
C GLU A 19 -6.95 -24.19 32.41
N MSE A 20 -5.78 -24.37 31.77
CA MSE A 20 -5.36 -25.69 31.34
C MSE A 20 -5.12 -26.59 32.54
O MSE A 20 -5.45 -27.78 32.51
CB MSE A 20 -4.10 -25.60 30.49
CG MSE A 20 -3.57 -26.96 30.06
SE MSE A 20 -2.16 -26.83 28.72
CE MSE A 20 -3.17 -25.97 27.30
N LEU A 21 -4.54 -26.04 33.61
CA LEU A 21 -4.31 -26.83 34.81
C LEU A 21 -5.64 -27.26 35.44
N LEU A 22 -6.62 -26.36 35.47
CA LEU A 22 -7.93 -26.72 35.99
C LEU A 22 -8.58 -27.81 35.14
N PHE A 23 -8.41 -27.73 33.82
CA PHE A 23 -9.02 -28.74 32.95
C PHE A 23 -8.33 -30.08 33.14
N LEU A 24 -7.00 -30.08 33.26
CA LEU A 24 -6.28 -31.33 33.46
C LEU A 24 -6.63 -31.95 34.80
N CYS A 25 -6.87 -31.13 35.82
CA CYS A 25 -7.24 -31.64 37.13
C CYS A 25 -8.74 -31.75 37.32
N ARG A 26 -9.52 -31.64 36.23
CA ARG A 26 -10.96 -31.83 36.33
C ARG A 26 -11.32 -33.26 36.72
N ASP A 27 -10.52 -34.24 36.29
CA ASP A 27 -10.82 -35.64 36.59
C ASP A 27 -10.40 -36.04 38.00
N VAL A 28 -9.41 -35.35 38.59
CA VAL A 28 -8.94 -35.76 39.91
C VAL A 28 -9.68 -35.02 41.02
N ALA A 29 -10.14 -33.81 40.75
CA ALA A 29 -11.00 -33.09 41.70
C ALA A 29 -12.43 -33.61 41.47
N ILE A 30 -12.80 -34.61 42.24
CA ILE A 30 -14.12 -35.21 42.11
C ILE A 30 -15.08 -34.53 43.08
N ASP A 31 -16.33 -34.38 42.64
CA ASP A 31 -17.41 -33.78 43.43
C ASP A 31 -17.24 -32.28 43.65
N VAL A 32 -16.06 -31.75 43.34
CA VAL A 32 -15.83 -30.31 43.53
C VAL A 32 -15.41 -29.69 42.20
N VAL A 33 -15.79 -28.42 42.03
CA VAL A 33 -15.39 -27.63 40.87
C VAL A 33 -14.53 -26.47 41.36
N PRO A 34 -13.21 -26.62 41.40
CA PRO A 34 -12.34 -25.55 41.93
C PRO A 34 -12.39 -24.33 41.02
N PRO A 35 -12.66 -23.15 41.58
CA PRO A 35 -12.75 -21.95 40.73
C PRO A 35 -11.38 -21.44 40.28
N ASN A 36 -10.47 -21.22 41.23
CA ASN A 36 -9.13 -20.75 40.94
C ASN A 36 -8.12 -21.87 41.15
N VAL A 37 -6.91 -21.65 40.66
CA VAL A 37 -5.86 -22.66 40.76
C VAL A 37 -5.41 -22.82 42.21
N ARG A 38 -5.40 -21.73 42.98
CA ARG A 38 -5.02 -21.82 44.39
C ARG A 38 -5.95 -22.76 45.15
N ASP A 39 -7.26 -22.64 44.94
CA ASP A 39 -8.21 -23.54 45.57
C ASP A 39 -8.00 -24.98 45.12
N LEU A 40 -7.72 -25.18 43.83
CA LEU A 40 -7.48 -26.53 43.31
C LEU A 40 -6.27 -27.16 43.99
N LEU A 41 -5.17 -26.41 44.08
CA LEU A 41 -3.96 -26.92 44.72
C LEU A 41 -4.19 -27.19 46.20
N ASP A 42 -4.95 -26.32 46.87
CA ASP A 42 -5.28 -26.55 48.27
C ASP A 42 -6.08 -27.83 48.46
N ILE A 43 -7.06 -28.06 47.58
CA ILE A 43 -7.86 -29.30 47.64
C ILE A 43 -6.97 -30.51 47.41
N LEU A 44 -6.08 -30.43 46.41
CA LEU A 44 -5.19 -31.55 46.12
C LEU A 44 -4.27 -31.84 47.29
N ARG A 45 -3.76 -30.80 47.95
CA ARG A 45 -2.89 -31.00 49.10
C ARG A 45 -3.65 -31.61 50.27
N GLU A 46 -4.85 -31.09 50.55
CA GLU A 46 -5.65 -31.62 51.65
C GLU A 46 -6.04 -33.08 51.40
N ARG A 47 -6.35 -33.43 50.16
CA ARG A 47 -6.72 -34.79 49.81
C ARG A 47 -5.52 -35.71 49.62
N GLY A 48 -4.31 -35.23 49.87
CA GLY A 48 -3.13 -36.07 49.74
C GLY A 48 -2.74 -36.42 48.32
N LYS A 49 -3.12 -35.58 47.35
CA LYS A 49 -2.81 -35.81 45.95
C LYS A 49 -1.92 -34.72 45.36
N LEU A 50 -1.06 -34.11 46.18
CA LEU A 50 -0.15 -33.06 45.72
C LEU A 50 1.24 -33.31 46.31
N SER A 51 1.85 -34.42 45.91
CA SER A 51 3.23 -34.69 46.24
C SER A 51 4.16 -33.85 45.35
N VAL A 52 5.48 -34.05 45.52
CA VAL A 52 6.43 -33.38 44.64
C VAL A 52 6.28 -33.90 43.22
N GLY A 53 6.04 -35.20 43.06
CA GLY A 53 5.88 -35.76 41.73
C GLY A 53 4.60 -35.29 41.05
N ASP A 54 3.53 -35.11 41.82
CA ASP A 54 2.28 -34.63 41.24
C ASP A 54 2.42 -33.20 40.75
N LEU A 55 3.06 -32.33 41.55
CA LEU A 55 3.29 -30.96 41.11
C LEU A 55 4.26 -30.92 39.93
N ALA A 56 5.23 -31.82 39.90
CA ALA A 56 6.14 -31.90 38.76
C ALA A 56 5.40 -32.28 37.48
N GLU A 57 4.50 -33.27 37.57
CA GLU A 57 3.70 -33.66 36.41
C GLU A 57 2.80 -32.53 35.96
N LEU A 58 2.17 -31.84 36.92
CA LEU A 58 1.30 -30.72 36.56
C LEU A 58 2.08 -29.62 35.85
N LEU A 59 3.27 -29.28 36.35
CA LEU A 59 4.07 -28.25 35.70
C LEU A 59 4.59 -28.72 34.34
N TYR A 60 4.87 -30.01 34.19
CA TYR A 60 5.34 -30.54 32.92
C TYR A 60 4.24 -30.56 31.87
N ARG A 61 2.99 -30.78 32.28
CA ARG A 61 1.90 -30.83 31.32
C ARG A 61 1.60 -29.45 30.74
N VAL A 62 1.84 -28.39 31.50
CA VAL A 62 1.59 -27.03 31.02
C VAL A 62 2.87 -26.49 30.38
N ARG A 63 3.88 -27.35 30.25
CA ARG A 63 5.14 -27.00 29.58
C ARG A 63 5.77 -25.77 30.23
N ARG A 64 5.80 -25.77 31.56
CA ARG A 64 6.37 -24.68 32.34
C ARG A 64 7.64 -25.18 33.02
N PHE A 65 8.67 -25.43 32.22
CA PHE A 65 9.90 -26.04 32.72
C PHE A 65 10.70 -25.09 33.61
N ASP A 66 10.55 -23.78 33.44
CA ASP A 66 11.25 -22.84 34.30
C ASP A 66 10.82 -23.00 35.76
N LEU A 67 9.54 -23.25 36.00
CA LEU A 67 9.10 -23.51 37.37
C LEU A 67 9.57 -24.89 37.85
N LEU A 68 9.69 -25.85 36.95
CA LEU A 68 10.26 -27.15 37.32
C LEU A 68 11.71 -27.01 37.77
N LYS A 69 12.45 -26.08 37.17
CA LYS A 69 13.86 -25.91 37.52
C LYS A 69 14.03 -25.01 38.74
N ARG A 70 13.19 -23.98 38.88
CA ARG A 70 13.35 -23.04 39.97
C ARG A 70 12.76 -23.55 41.28
N ILE A 71 11.56 -24.14 41.23
CA ILE A 71 10.84 -24.52 42.43
C ILE A 71 11.19 -25.94 42.87
N LEU A 72 10.97 -26.91 41.98
CA LEU A 72 11.16 -28.31 42.34
C LEU A 72 12.55 -28.85 42.03
N LYS A 73 13.41 -28.05 41.38
CA LYS A 73 14.79 -28.45 41.09
C LYS A 73 14.83 -29.75 40.29
N MSE A 74 14.06 -29.79 39.22
CA MSE A 74 14.01 -30.98 38.36
C MSE A 74 14.09 -30.59 36.89
O MSE A 74 13.54 -29.56 36.48
CB MSE A 74 12.73 -31.78 38.62
CG MSE A 74 12.64 -32.38 40.01
SE MSE A 74 11.01 -33.41 40.27
CE MSE A 74 11.38 -34.91 39.09
N ASP A 75 14.75 -31.42 36.09
CA ASP A 75 14.83 -31.19 34.66
C ASP A 75 13.65 -31.86 33.96
N ARG A 76 13.58 -31.70 32.64
CA ARG A 76 12.53 -32.38 31.90
C ARG A 76 12.77 -33.89 31.88
N LYS A 77 14.04 -34.30 31.82
CA LYS A 77 14.37 -35.72 31.80
C LYS A 77 13.90 -36.41 33.07
N ALA A 78 14.09 -35.76 34.22
CA ALA A 78 13.69 -36.36 35.49
C ALA A 78 12.18 -36.54 35.56
N VAL A 79 11.43 -35.53 35.15
CA VAL A 79 9.97 -35.62 35.20
C VAL A 79 9.47 -36.66 34.20
N GLU A 80 10.12 -36.74 33.02
CA GLU A 80 9.74 -37.74 32.04
C GLU A 80 10.00 -39.15 32.54
N THR A 81 11.13 -39.37 33.20
CA THR A 81 11.42 -40.68 33.79
C THR A 81 10.44 -41.01 34.90
N HIS A 82 10.08 -40.01 35.72
CA HIS A 82 9.09 -40.24 36.77
C HIS A 82 7.74 -40.63 36.18
N LEU A 83 7.34 -39.97 35.08
CA LEU A 83 6.09 -40.34 34.43
C LEU A 83 6.18 -41.72 33.79
N LEU A 84 7.38 -42.12 33.34
CA LEU A 84 7.55 -43.45 32.80
C LEU A 84 7.44 -44.52 33.89
N ARG A 85 7.95 -44.23 35.08
CA ARG A 85 8.01 -45.22 36.14
C ARG A 85 6.77 -45.24 37.04
N ASN A 86 6.04 -44.13 37.12
CA ASN A 86 4.94 -44.03 38.07
C ASN A 86 3.62 -43.75 37.36
N PRO A 87 2.49 -44.16 37.95
CA PRO A 87 1.20 -43.85 37.34
C PRO A 87 0.93 -42.35 37.31
N HIS A 88 0.23 -41.92 36.26
CA HIS A 88 0.02 -40.51 36.00
C HIS A 88 -1.14 -39.96 36.82
N LEU A 89 -1.00 -38.72 37.26
CA LEU A 89 -2.12 -38.04 37.92
C LEU A 89 -3.16 -37.57 36.90
N VAL A 90 -2.72 -37.16 35.71
CA VAL A 90 -3.59 -36.68 34.65
C VAL A 90 -3.54 -37.70 33.52
N SER A 91 -4.72 -38.20 33.12
CA SER A 91 -4.78 -39.22 32.09
C SER A 91 -4.34 -38.66 30.74
N ASP A 92 -4.00 -39.58 29.84
CA ASP A 92 -3.58 -39.19 28.50
C ASP A 92 -4.71 -38.54 27.70
N TYR A 93 -5.97 -38.81 28.06
CA TYR A 93 -7.09 -38.19 27.37
C TYR A 93 -7.10 -36.68 27.58
N ARG A 94 -6.90 -36.24 28.83
CA ARG A 94 -6.85 -34.81 29.10
C ARG A 94 -5.67 -34.15 28.40
N VAL A 95 -4.52 -34.84 28.35
CA VAL A 95 -3.36 -34.29 27.65
C VAL A 95 -3.64 -34.16 26.16
N LEU A 96 -4.31 -35.16 25.58
CA LEU A 96 -4.68 -35.07 24.17
C LEU A 96 -5.63 -33.93 23.91
N MSE A 97 -6.61 -33.74 24.80
CA MSE A 97 -7.55 -32.63 24.67
C MSE A 97 -6.82 -31.29 24.71
O MSE A 97 -7.09 -30.39 23.91
CB MSE A 97 -8.61 -32.68 25.78
CG MSE A 97 -9.57 -33.85 25.66
SE MSE A 97 -10.52 -33.89 23.95
CE MSE A 97 -9.49 -35.29 23.06
N ALA A 98 -5.87 -31.16 25.65
CA ALA A 98 -5.11 -29.92 25.76
C ALA A 98 -4.25 -29.69 24.52
N GLU A 99 -3.62 -30.74 24.00
CA GLU A 99 -2.82 -30.61 22.79
C GLU A 99 -3.66 -30.16 21.61
N ILE A 100 -4.83 -30.78 21.43
CA ILE A 100 -5.73 -30.38 20.34
C ILE A 100 -6.18 -28.94 20.53
N GLY A 101 -6.48 -28.54 21.77
CA GLY A 101 -6.90 -27.17 22.01
C GLY A 101 -5.82 -26.15 21.71
N GLU A 102 -4.56 -26.51 22.00
CA GLU A 102 -3.47 -25.57 21.73
C GLU A 102 -3.20 -25.42 20.25
N ASP A 103 -3.55 -26.43 19.44
CA ASP A 103 -3.35 -26.38 18.00
C ASP A 103 -4.56 -25.86 17.25
N LEU A 104 -5.43 -25.09 17.92
CA LEU A 104 -6.65 -24.58 17.33
C LEU A 104 -6.74 -23.09 17.54
N ASP A 105 -6.92 -22.34 16.44
CA ASP A 105 -7.11 -20.91 16.52
C ASP A 105 -8.56 -20.59 16.86
N LYS A 106 -8.86 -19.31 17.09
CA LYS A 106 -10.21 -18.91 17.46
C LYS A 106 -11.19 -19.20 16.34
N SER A 107 -10.77 -19.04 15.09
CA SER A 107 -11.64 -19.32 13.96
C SER A 107 -11.94 -20.82 13.85
N ASP A 108 -10.93 -21.66 14.05
CA ASP A 108 -11.15 -23.10 14.02
C ASP A 108 -12.09 -23.54 15.14
N VAL A 109 -11.92 -22.98 16.33
CA VAL A 109 -12.80 -23.31 17.44
C VAL A 109 -14.21 -22.85 17.16
N SER A 110 -14.36 -21.67 16.54
CA SER A 110 -15.69 -21.16 16.20
C SER A 110 -16.38 -22.06 15.18
N SER A 111 -15.65 -22.49 14.14
CA SER A 111 -16.23 -23.39 13.15
C SER A 111 -16.57 -24.75 13.77
N LEU A 112 -15.74 -25.21 14.70
CA LEU A 112 -16.03 -26.49 15.37
C LEU A 112 -17.28 -26.38 16.23
N ILE A 113 -17.45 -25.25 16.93
CA ILE A 113 -18.66 -25.03 17.71
C ILE A 113 -19.87 -24.94 16.80
N PHE A 114 -19.72 -24.30 15.64
CA PHE A 114 -20.83 -24.22 14.70
C PHE A 114 -21.21 -25.59 14.17
N LEU A 115 -20.23 -26.49 14.02
CA LEU A 115 -20.55 -27.83 13.57
C LEU A 115 -21.22 -28.65 14.68
N MSE A 116 -20.78 -28.47 15.92
CA MSE A 116 -21.28 -29.30 17.01
C MSE A 116 -22.50 -28.75 17.73
O MSE A 116 -23.07 -29.41 18.60
CB MSE A 116 -20.16 -29.54 18.04
CG MSE A 116 -18.91 -30.20 17.47
SE MSE A 116 -18.10 -31.41 18.75
CE MSE A 116 -16.22 -31.06 18.37
N LYS A 117 -22.93 -27.53 17.37
CA LYS A 117 -24.10 -26.93 18.00
C LYS A 117 -25.37 -27.75 17.81
N ASP A 118 -25.39 -28.64 16.83
CA ASP A 118 -26.59 -29.47 16.61
C ASP A 118 -26.74 -30.51 17.71
N TYR A 119 -25.64 -31.07 18.20
CA TYR A 119 -25.68 -32.12 19.21
C TYR A 119 -25.78 -31.58 20.63
N MSE A 120 -25.99 -30.28 20.82
CA MSE A 120 -26.02 -29.71 22.17
C MSE A 120 -27.00 -28.54 22.30
O MSE A 120 -26.59 -27.40 22.52
CB MSE A 120 -24.61 -29.29 22.59
CG MSE A 120 -23.84 -28.49 21.55
SE MSE A 120 -21.96 -28.28 22.02
CE MSE A 120 -21.55 -26.70 20.96
N GLY A 121 -28.29 -28.83 22.18
CA GLY A 121 -29.32 -27.81 22.32
C GLY A 121 -29.52 -27.37 23.76
N SER A 126 -22.67 -20.14 23.27
CA SER A 126 -21.93 -19.04 23.88
C SER A 126 -20.74 -18.65 23.02
N LYS A 127 -20.33 -17.38 23.11
CA LYS A 127 -19.27 -16.83 22.29
C LYS A 127 -17.96 -16.79 23.06
N GLU A 128 -16.86 -16.77 22.29
CA GLU A 128 -15.50 -16.67 22.83
C GLU A 128 -15.24 -17.76 23.87
N LYS A 129 -15.52 -19.00 23.47
CA LYS A 129 -15.31 -20.15 24.34
C LYS A 129 -14.01 -20.85 23.96
N SER A 130 -13.25 -21.25 24.96
CA SER A 130 -12.03 -21.98 24.68
C SER A 130 -12.35 -23.41 24.27
N PHE A 131 -11.37 -24.08 23.67
CA PHE A 131 -11.58 -25.47 23.29
C PHE A 131 -11.79 -26.34 24.52
N LEU A 132 -11.12 -26.02 25.63
CA LEU A 132 -11.30 -26.79 26.85
C LEU A 132 -12.69 -26.58 27.43
N ASP A 133 -13.24 -25.37 27.31
CA ASP A 133 -14.62 -25.15 27.73
C ASP A 133 -15.59 -25.96 26.87
N LEU A 134 -15.33 -26.03 25.57
CA LEU A 134 -16.17 -26.85 24.70
C LEU A 134 -16.06 -28.32 25.06
N VAL A 135 -14.86 -28.78 25.39
CA VAL A 135 -14.68 -30.18 25.79
C VAL A 135 -15.42 -30.47 27.09
N VAL A 136 -15.39 -29.52 28.03
CA VAL A 136 -16.12 -29.69 29.28
C VAL A 136 -17.62 -29.76 29.02
N GLU A 137 -18.12 -28.89 28.13
CA GLU A 137 -19.53 -28.92 27.78
C GLU A 137 -19.91 -30.25 27.14
N LEU A 138 -19.05 -30.77 26.25
CA LEU A 138 -19.34 -32.04 25.61
C LEU A 138 -19.29 -33.20 26.60
N GLU A 139 -18.35 -33.14 27.56
CA GLU A 139 -18.27 -34.18 28.59
C GLU A 139 -19.51 -34.17 29.47
N LYS A 140 -19.99 -32.99 29.87
CA LYS A 140 -21.21 -32.90 30.65
C LYS A 140 -22.43 -33.40 29.89
N LEU A 141 -22.39 -33.36 28.56
CA LEU A 141 -23.46 -33.84 27.71
C LEU A 141 -23.20 -35.24 27.18
N ASN A 142 -22.15 -35.92 27.65
CA ASN A 142 -21.80 -37.27 27.24
C ASN A 142 -21.56 -37.37 25.73
N LEU A 143 -20.86 -36.38 25.17
CA LEU A 143 -20.53 -36.37 23.76
C LEU A 143 -19.08 -36.72 23.46
N VAL A 144 -18.16 -36.48 24.40
CA VAL A 144 -16.77 -36.88 24.25
C VAL A 144 -16.34 -37.63 25.51
N ALA A 145 -15.42 -38.58 25.33
CA ALA A 145 -14.94 -39.42 26.41
C ALA A 145 -13.68 -40.14 25.91
N PRO A 146 -12.84 -40.63 26.84
CA PRO A 146 -11.65 -41.40 26.40
C PRO A 146 -12.00 -42.59 25.53
N ASP A 147 -13.21 -43.13 25.64
CA ASP A 147 -13.68 -44.20 24.78
C ASP A 147 -14.72 -43.72 23.78
N GLN A 148 -14.86 -42.41 23.60
CA GLN A 148 -15.88 -41.82 22.71
C GLN A 148 -15.26 -40.59 22.06
N LEU A 149 -14.48 -40.80 21.00
CA LEU A 149 -13.83 -39.73 20.26
C LEU A 149 -14.22 -39.70 18.78
N ASP A 150 -15.18 -40.52 18.36
CA ASP A 150 -15.50 -40.60 16.93
C ASP A 150 -16.15 -39.32 16.43
N LEU A 151 -17.05 -38.73 17.23
CA LEU A 151 -17.70 -37.50 16.81
C LEU A 151 -16.70 -36.35 16.73
N LEU A 152 -15.83 -36.22 17.73
CA LEU A 152 -14.80 -35.19 17.70
C LEU A 152 -13.85 -35.43 16.54
N GLU A 153 -13.51 -36.70 16.26
CA GLU A 153 -12.65 -37.03 15.14
C GLU A 153 -13.26 -36.58 13.82
N LYS A 154 -14.54 -36.91 13.59
CA LYS A 154 -15.20 -36.52 12.36
C LYS A 154 -15.32 -35.01 12.25
N CYS A 155 -15.60 -34.32 13.37
CA CYS A 155 -15.74 -32.87 13.32
C CYS A 155 -14.40 -32.20 13.02
N LEU A 156 -13.30 -32.76 13.54
CA LEU A 156 -11.98 -32.24 13.18
C LEU A 156 -11.65 -32.54 11.73
N LYS A 157 -12.13 -33.67 11.21
CA LYS A 157 -11.94 -33.96 9.79
C LYS A 157 -12.69 -32.97 8.92
N ASN A 158 -13.87 -32.54 9.35
CA ASN A 158 -14.68 -31.64 8.54
C ASN A 158 -14.15 -30.21 8.53
N ILE A 159 -13.32 -29.84 9.50
CA ILE A 159 -12.72 -28.51 9.52
C ILE A 159 -11.34 -28.60 8.85
N HIS A 160 -11.10 -29.71 8.15
CA HIS A 160 -9.87 -29.92 7.40
C HIS A 160 -8.65 -29.86 8.33
N ARG A 161 -8.79 -30.48 9.49
CA ARG A 161 -7.71 -30.59 10.48
C ARG A 161 -7.37 -32.07 10.62
N ILE A 162 -6.78 -32.65 9.56
CA ILE A 162 -6.48 -34.07 9.56
C ILE A 162 -5.34 -34.40 10.51
N ASP A 163 -4.48 -33.43 10.83
CA ASP A 163 -3.39 -33.67 11.78
C ASP A 163 -3.94 -33.98 13.17
N LEU A 164 -4.99 -33.26 13.59
CA LEU A 164 -5.60 -33.54 14.87
C LEU A 164 -6.38 -34.86 14.85
N LYS A 165 -6.99 -35.19 13.71
CA LYS A 165 -7.62 -36.50 13.56
C LYS A 165 -6.59 -37.62 13.73
N THR A 166 -5.39 -37.44 13.16
CA THR A 166 -4.34 -38.43 13.33
C THR A 166 -3.81 -38.44 14.76
N LYS A 167 -3.78 -37.29 15.43
CA LYS A 167 -3.44 -37.29 16.85
C LYS A 167 -4.42 -38.15 17.64
N ILE A 168 -5.71 -38.02 17.34
CA ILE A 168 -6.73 -38.84 18.00
C ILE A 168 -6.53 -40.31 17.67
N GLN A 169 -6.21 -40.61 16.41
CA GLN A 169 -5.95 -42.00 16.01
C GLN A 169 -4.72 -42.56 16.72
N LYS A 170 -3.70 -41.74 16.90
CA LYS A 170 -2.50 -42.17 17.62
C LYS A 170 -2.82 -42.44 19.08
N TYR A 171 -3.68 -41.61 19.68
CA TYR A 171 -4.14 -41.89 21.04
C TYR A 171 -4.89 -43.22 21.10
N LYS A 172 -5.77 -43.47 20.12
CA LYS A 172 -6.52 -44.73 20.07
C LYS A 172 -5.57 -45.92 19.95
N GLN A 173 -4.50 -45.76 19.18
CA GLN A 173 -3.52 -46.84 19.06
C GLN A 173 -2.71 -46.98 20.35
N SER A 174 -2.50 -45.86 21.06
CA SER A 174 -1.79 -45.88 22.33
C SER A 174 -2.62 -46.52 23.43
N VAL A 175 -3.93 -46.61 23.24
CA VAL A 175 -4.77 -47.27 24.25
C VAL A 175 -4.55 -48.78 24.20
N GLN A 176 -4.23 -49.32 23.02
CA GLN A 176 -3.87 -50.74 22.91
C GLN A 176 -2.73 -50.94 21.93
N MSE B 1 4.44 39.13 -11.48
CA MSE B 1 5.43 38.11 -11.79
C MSE B 1 5.10 36.78 -11.12
O MSE B 1 5.41 36.58 -9.94
CB MSE B 1 6.82 38.58 -11.39
CG MSE B 1 7.93 37.55 -11.60
SE MSE B 1 8.32 37.18 -13.48
CE MSE B 1 9.03 38.93 -13.99
N ASP B 2 4.47 35.88 -11.87
CA ASP B 2 4.20 34.52 -11.39
C ASP B 2 5.40 33.67 -11.78
N PHE B 3 6.34 33.53 -10.84
CA PHE B 3 7.58 32.80 -11.12
C PHE B 3 7.31 31.38 -11.58
N SER B 4 6.36 30.70 -10.93
CA SER B 4 6.04 29.33 -11.32
C SER B 4 5.47 29.27 -12.74
N ARG B 5 4.58 30.21 -13.08
CA ARG B 5 4.01 30.23 -14.43
C ARG B 5 5.08 30.56 -15.47
N ASN B 6 6.00 31.46 -15.14
CA ASN B 6 7.08 31.78 -16.06
C ASN B 6 7.97 30.57 -16.31
N LEU B 7 8.32 29.85 -15.24
CA LEU B 7 9.08 28.62 -15.40
C LEU B 7 8.31 27.60 -16.22
N TYR B 8 6.99 27.53 -16.01
CA TYR B 8 6.17 26.60 -16.77
C TYR B 8 6.19 26.93 -18.26
N ASP B 9 6.12 28.22 -18.60
CA ASP B 9 6.19 28.62 -20.01
C ASP B 9 7.55 28.28 -20.60
N ILE B 10 8.63 28.55 -19.85
CA ILE B 10 9.96 28.21 -20.33
C ILE B 10 10.07 26.71 -20.58
N GLY B 11 9.52 25.90 -19.68
CA GLY B 11 9.51 24.47 -19.90
C GLY B 11 8.65 24.04 -21.06
N GLU B 12 7.55 24.74 -21.29
CA GLU B 12 6.67 24.46 -22.42
C GLU B 12 7.34 24.75 -23.75
N GLN B 13 8.33 25.65 -23.77
CA GLN B 13 9.07 25.94 -24.98
C GLN B 13 10.33 25.08 -25.14
N LEU B 14 10.45 23.99 -24.40
CA LEU B 14 11.60 23.10 -24.47
C LEU B 14 11.17 21.70 -24.85
N ASP B 15 11.89 21.09 -25.78
CA ASP B 15 11.62 19.73 -26.24
C ASP B 15 12.49 18.74 -25.46
N SER B 16 12.47 17.47 -25.89
CA SER B 16 13.22 16.44 -25.18
C SER B 16 14.72 16.56 -25.40
N GLU B 17 15.15 17.02 -26.57
CA GLU B 17 16.58 17.17 -26.82
C GLU B 17 17.19 18.27 -25.96
N ASP B 18 16.51 19.42 -25.88
CA ASP B 18 16.96 20.47 -24.98
C ASP B 18 16.95 20.00 -23.53
N LEU B 19 15.99 19.15 -23.18
CA LEU B 19 15.94 18.63 -21.82
C LEU B 19 17.13 17.72 -21.54
N ALA B 20 17.50 16.86 -22.50
CA ALA B 20 18.67 16.02 -22.32
C ALA B 20 19.94 16.86 -22.22
N SER B 21 20.03 17.92 -23.02
CA SER B 21 21.18 18.82 -22.94
C SER B 21 21.26 19.48 -21.56
N LEU B 22 20.13 19.95 -21.05
CA LEU B 22 20.11 20.58 -19.72
C LEU B 22 20.47 19.57 -18.64
N LYS B 23 19.98 18.34 -18.75
CA LYS B 23 20.31 17.30 -17.77
C LYS B 23 21.79 16.98 -17.79
N PHE B 24 22.40 16.95 -18.98
CA PHE B 24 23.84 16.73 -19.06
C PHE B 24 24.60 17.89 -18.45
N LEU B 25 24.16 19.12 -18.73
CA LEU B 25 24.84 20.29 -18.19
C LEU B 25 24.66 20.42 -16.69
N SER B 26 23.66 19.75 -16.11
CA SER B 26 23.41 19.79 -14.68
C SER B 26 23.88 18.52 -13.97
N LEU B 27 24.79 17.76 -14.59
CA LEU B 27 25.24 16.51 -13.99
C LEU B 27 26.05 16.76 -12.72
N ASP B 28 26.76 17.89 -12.64
CA ASP B 28 27.58 18.18 -11.48
C ASP B 28 26.77 18.55 -10.24
N TYR B 29 25.45 18.71 -10.37
CA TYR B 29 24.61 19.08 -9.25
C TYR B 29 23.46 18.12 -8.97
N ILE B 30 23.05 17.31 -9.94
CA ILE B 30 21.95 16.37 -9.78
C ILE B 30 22.47 14.97 -10.08
N PRO B 31 22.46 14.05 -9.11
CA PRO B 31 23.01 12.71 -9.34
C PRO B 31 22.20 11.88 -10.32
N GLN B 32 22.69 10.68 -10.64
CA GLN B 32 22.05 9.85 -11.66
C GLN B 32 20.66 9.40 -11.23
N ARG B 33 20.50 9.02 -9.95
CA ARG B 33 19.21 8.55 -9.47
C ARG B 33 18.15 9.64 -9.56
N LYS B 34 18.53 10.88 -9.25
CA LYS B 34 17.59 11.99 -9.34
C LYS B 34 17.39 12.47 -10.77
N GLN B 35 18.33 12.16 -11.68
CA GLN B 35 18.18 12.56 -13.07
C GLN B 35 17.38 11.56 -13.88
N GLU B 36 17.36 10.30 -13.47
CA GLU B 36 16.65 9.27 -14.23
C GLU B 36 15.18 9.58 -14.44
N PRO B 37 14.39 9.96 -13.43
CA PRO B 37 12.96 10.21 -13.67
C PRO B 37 12.65 11.56 -14.29
N ILE B 38 13.67 12.37 -14.58
CA ILE B 38 13.45 13.70 -15.17
C ILE B 38 13.08 13.51 -16.63
N LYS B 39 11.79 13.59 -16.94
CA LYS B 39 11.31 13.45 -18.32
C LYS B 39 10.68 14.74 -18.83
N ASP B 40 10.73 15.82 -18.05
CA ASP B 40 10.28 17.12 -18.49
C ASP B 40 11.13 18.19 -17.81
N ALA B 41 11.05 19.41 -18.35
CA ALA B 41 11.87 20.50 -17.84
C ALA B 41 11.44 20.88 -16.42
N LEU B 42 10.13 20.93 -16.17
CA LEU B 42 9.61 21.39 -14.88
C LEU B 42 10.25 20.64 -13.72
N MSE B 43 10.20 19.30 -13.76
CA MSE B 43 10.78 18.49 -12.70
C MSE B 43 12.24 18.88 -12.47
O MSE B 43 12.67 19.02 -11.32
CB MSE B 43 10.68 17.00 -13.04
CG MSE B 43 10.91 16.09 -11.86
SE MSE B 43 10.64 14.20 -12.29
CE MSE B 43 10.73 13.46 -10.49
N LEU B 44 12.98 19.07 -13.56
CA LEU B 44 14.37 19.51 -13.45
C LEU B 44 14.47 20.76 -12.59
N PHE B 45 13.66 21.78 -12.92
CA PHE B 45 13.66 23.00 -12.13
C PHE B 45 13.43 22.70 -10.66
N GLN B 46 12.49 21.80 -10.36
CA GLN B 46 12.20 21.45 -8.98
C GLN B 46 13.46 20.99 -8.26
N ARG B 47 14.24 20.12 -8.90
CA ARG B 47 15.49 19.67 -8.28
C ARG B 47 16.38 20.85 -7.98
N LEU B 48 16.54 21.76 -8.95
CA LEU B 48 17.35 22.95 -8.72
C LEU B 48 16.77 23.78 -7.57
N GLN B 49 15.44 23.88 -7.50
CA GLN B 49 14.82 24.64 -6.42
C GLN B 49 15.11 23.99 -5.07
N GLU B 50 15.30 22.66 -5.06
CA GLU B 50 15.63 21.99 -3.80
C GLU B 50 17.08 22.24 -3.38
N LYS B 51 17.93 22.68 -4.30
CA LYS B 51 19.32 23.00 -3.98
C LYS B 51 19.57 24.49 -3.90
N ARG B 52 18.51 25.31 -3.85
CA ARG B 52 18.62 26.77 -3.74
C ARG B 52 19.41 27.37 -4.90
N MSE B 53 19.32 26.75 -6.08
CA MSE B 53 20.03 27.23 -7.25
C MSE B 53 19.06 27.86 -8.25
O MSE B 53 19.46 28.31 -9.32
CB MSE B 53 20.81 26.10 -7.91
CG MSE B 53 21.86 25.47 -7.02
SE MSE B 53 22.80 23.99 -7.87
CE MSE B 53 23.53 24.95 -9.41
N LEU B 54 17.78 27.87 -7.88
CA LEU B 54 16.74 28.45 -8.75
C LEU B 54 15.64 29.00 -7.87
N GLU B 55 15.52 30.33 -7.82
CA GLU B 55 14.45 30.98 -7.09
C GLU B 55 14.14 32.30 -7.78
N GLU B 56 13.11 32.98 -7.29
CA GLU B 56 12.70 34.26 -7.88
C GLU B 56 13.78 35.33 -7.75
N SER B 57 14.72 35.18 -6.83
CA SER B 57 15.81 36.13 -6.66
C SER B 57 17.14 35.62 -7.21
N ASN B 58 17.20 34.38 -7.67
CA ASN B 58 18.43 33.78 -8.20
C ASN B 58 18.10 33.10 -9.53
N LEU B 59 18.32 33.82 -10.63
CA LEU B 59 18.11 33.28 -11.97
C LEU B 59 19.42 32.99 -12.69
N SER B 60 20.55 33.02 -11.97
CA SER B 60 21.85 32.91 -12.62
C SER B 60 22.02 31.55 -13.28
N PHE B 61 21.66 30.47 -12.58
CA PHE B 61 21.86 29.13 -13.13
C PHE B 61 20.89 28.86 -14.29
N LEU B 62 19.66 29.34 -14.17
CA LEU B 62 18.70 29.18 -15.27
C LEU B 62 19.16 29.92 -16.51
N LYS B 63 19.63 31.16 -16.34
CA LYS B 63 20.14 31.92 -17.48
C LYS B 63 21.36 31.25 -18.09
N GLU B 64 22.25 30.73 -17.25
CA GLU B 64 23.44 30.04 -17.75
C GLU B 64 23.05 28.80 -18.55
N LEU B 65 22.08 28.03 -18.04
CA LEU B 65 21.60 26.85 -18.75
C LEU B 65 21.01 27.23 -20.11
N LEU B 66 20.14 28.25 -20.12
CA LEU B 66 19.51 28.65 -21.37
C LEU B 66 20.51 29.25 -22.35
N PHE B 67 21.59 29.83 -21.85
CA PHE B 67 22.61 30.39 -22.73
C PHE B 67 23.50 29.31 -23.32
N ARG B 68 23.85 28.29 -22.53
CA ARG B 68 24.72 27.24 -23.02
C ARG B 68 24.03 26.34 -24.04
N ILE B 69 22.69 26.27 -24.03
CA ILE B 69 21.96 25.46 -24.99
C ILE B 69 21.54 26.33 -26.18
N ASN B 70 22.04 27.56 -26.23
CA ASN B 70 21.82 28.47 -27.35
C ASN B 70 20.34 28.80 -27.53
N ARG B 71 19.60 28.87 -26.43
CA ARG B 71 18.19 29.26 -26.46
C ARG B 71 18.05 30.73 -26.04
N LEU B 72 18.61 31.60 -26.89
CA LEU B 72 18.58 33.02 -26.61
C LEU B 72 17.17 33.59 -26.68
N ASP B 73 16.26 32.93 -27.41
CA ASP B 73 14.88 33.39 -27.48
C ASP B 73 14.23 33.33 -26.10
N LEU B 74 14.45 32.25 -25.36
CA LEU B 74 13.91 32.15 -24.01
C LEU B 74 14.56 33.17 -23.08
N LEU B 75 15.85 33.42 -23.26
CA LEU B 75 16.54 34.41 -22.43
C LEU B 75 15.98 35.81 -22.66
N ILE B 76 15.68 36.16 -23.90
CA ILE B 76 15.20 37.51 -24.18
C ILE B 76 13.71 37.64 -23.86
N THR B 77 12.93 36.57 -24.06
CA THR B 77 11.47 36.67 -23.92
C THR B 77 11.01 36.51 -22.48
N TYR B 78 11.49 35.49 -21.77
CA TYR B 78 10.99 35.17 -20.45
C TYR B 78 11.88 35.60 -19.31
N LEU B 79 13.16 35.87 -19.56
CA LEU B 79 14.09 36.26 -18.50
C LEU B 79 14.62 37.67 -18.67
N ASN B 80 14.28 38.36 -19.76
CA ASN B 80 14.70 39.75 -19.98
C ASN B 80 16.21 39.89 -19.92
N THR B 81 16.89 39.05 -20.68
CA THR B 81 18.35 39.03 -20.73
C THR B 81 18.79 38.88 -22.18
N ARG B 82 19.65 39.78 -22.63
CA ARG B 82 20.12 39.76 -24.01
C ARG B 82 21.36 38.89 -24.16
N LYS B 83 21.77 38.68 -25.41
CA LYS B 83 22.89 37.79 -25.71
C LYS B 83 24.20 38.32 -25.15
N GLU B 84 24.44 39.63 -25.27
CA GLU B 84 25.71 40.19 -24.83
C GLU B 84 25.88 40.07 -23.32
N GLU B 85 24.83 40.38 -22.55
CA GLU B 85 24.89 40.33 -21.10
C GLU B 85 25.44 38.99 -20.61
N MSE B 86 24.77 37.91 -20.96
CA MSE B 86 25.17 36.56 -20.54
C MSE B 86 26.61 36.24 -20.88
O MSE B 86 27.23 35.40 -20.24
CB MSE B 86 24.24 35.52 -21.16
CG MSE B 86 22.86 35.47 -20.53
SE MSE B 86 22.98 35.41 -18.58
CE MSE B 86 23.99 33.74 -18.39
N GLU B 87 27.15 36.92 -21.89
CA GLU B 87 28.56 36.72 -22.22
C GLU B 87 29.45 37.37 -21.16
N ARG B 88 29.24 38.67 -20.91
CA ARG B 88 30.02 39.36 -19.89
C ARG B 88 29.84 38.69 -18.54
N GLU B 89 28.61 38.34 -18.20
CA GLU B 89 28.35 37.68 -16.92
C GLU B 89 29.15 36.40 -16.80
N LEU B 90 29.33 35.67 -17.90
CA LEU B 90 30.10 34.44 -17.87
C LEU B 90 31.59 34.67 -18.10
N GLN B 91 31.99 35.87 -18.53
CA GLN B 91 33.41 36.17 -18.67
C GLN B 91 34.06 36.58 -17.35
N THR B 92 33.29 37.11 -16.41
CA THR B 92 33.82 37.40 -15.09
C THR B 92 34.16 36.09 -14.39
N PRO B 93 35.36 35.97 -13.82
CA PRO B 93 35.74 34.68 -13.22
C PRO B 93 34.94 34.41 -11.96
N GLY B 94 34.82 33.13 -11.64
CA GLY B 94 34.03 32.74 -10.49
C GLY B 94 32.54 32.66 -10.80
N ARG B 95 32.07 33.55 -11.67
CA ARG B 95 30.64 33.71 -11.93
C ARG B 95 30.05 32.55 -12.74
N ALA B 96 30.89 31.74 -13.37
CA ALA B 96 30.42 30.60 -14.15
C ALA B 96 30.06 29.44 -13.23
N GLN B 97 28.79 29.03 -13.25
CA GLN B 97 28.37 27.91 -12.40
C GLN B 97 28.55 26.57 -13.07
N ILE B 98 28.38 26.50 -14.39
CA ILE B 98 28.68 25.28 -15.14
C ILE B 98 30.17 25.24 -15.43
N SER B 99 30.80 24.12 -15.09
CA SER B 99 32.23 23.99 -15.29
C SER B 99 32.58 24.07 -16.78
N ALA B 100 33.74 24.66 -17.07
CA ALA B 100 34.18 24.76 -18.46
C ALA B 100 34.41 23.38 -19.08
N TYR B 101 34.73 22.39 -18.25
CA TYR B 101 34.90 21.03 -18.76
C TYR B 101 33.58 20.47 -19.29
N ARG B 102 32.48 20.71 -18.58
CA ARG B 102 31.18 20.23 -19.03
C ARG B 102 30.78 20.88 -20.34
N VAL B 103 30.78 22.22 -20.38
CA VAL B 103 30.34 22.96 -21.56
C VAL B 103 31.09 22.47 -22.80
N MSE B 104 32.41 22.37 -22.70
CA MSE B 104 33.25 21.87 -23.78
C MSE B 104 32.69 20.57 -24.35
O MSE B 104 32.48 20.46 -25.56
CB MSE B 104 34.69 21.66 -23.29
CG MSE B 104 35.64 21.15 -24.36
SE MSE B 104 35.81 19.20 -24.39
CE MSE B 104 36.95 18.96 -22.83
N LEU B 105 32.44 19.61 -23.45
CA LEU B 105 31.87 18.33 -23.89
C LEU B 105 30.61 18.55 -24.70
N TYR B 106 29.68 19.36 -24.16
CA TYR B 106 28.45 19.64 -24.88
C TYR B 106 28.73 20.26 -26.24
N GLN B 107 29.72 21.16 -26.31
CA GLN B 107 30.05 21.78 -27.57
C GLN B 107 30.56 20.75 -28.58
N ILE B 108 31.26 19.72 -28.11
CA ILE B 108 31.65 18.63 -29.00
C ILE B 108 30.42 17.96 -29.57
N SER B 109 29.40 17.74 -28.74
CA SER B 109 28.15 17.16 -29.21
C SER B 109 27.46 18.07 -30.22
N GLU B 110 27.81 19.36 -30.24
CA GLU B 110 27.24 20.27 -31.22
C GLU B 110 27.84 20.10 -32.61
N GLU B 111 29.00 19.44 -32.72
CA GLU B 111 29.70 19.34 -34.00
C GLU B 111 29.86 17.89 -34.46
N VAL B 112 28.92 17.02 -34.11
CA VAL B 112 28.96 15.61 -34.50
C VAL B 112 27.63 15.24 -35.16
N SER B 113 27.72 14.70 -36.37
CA SER B 113 26.54 14.28 -37.12
C SER B 113 26.18 12.84 -36.74
N ARG B 114 25.25 12.24 -37.49
CA ARG B 114 24.81 10.88 -37.20
C ARG B 114 25.85 9.85 -37.62
N SER B 115 26.37 9.97 -38.84
CA SER B 115 27.42 9.08 -39.29
C SER B 115 28.69 9.29 -38.47
N GLU B 116 28.97 10.53 -38.07
CA GLU B 116 30.09 10.80 -37.20
C GLU B 116 29.88 10.18 -35.82
N LEU B 117 28.64 10.16 -35.34
CA LEU B 117 28.36 9.47 -34.07
C LEU B 117 28.55 7.97 -34.21
N ARG B 118 28.16 7.41 -35.35
CA ARG B 118 28.40 5.98 -35.61
C ARG B 118 29.89 5.68 -35.61
N SER B 119 30.69 6.55 -36.24
CA SER B 119 32.14 6.37 -36.24
C SER B 119 32.72 6.53 -34.85
N PHE B 120 32.14 7.44 -34.05
CA PHE B 120 32.56 7.59 -32.67
C PHE B 120 32.33 6.30 -31.89
N LYS B 121 31.14 5.72 -32.02
CA LYS B 121 30.84 4.46 -31.35
C LYS B 121 31.77 3.35 -31.83
N GLY B 122 32.08 3.33 -33.12
CA GLY B 122 33.01 2.34 -33.64
C GLY B 122 34.43 2.53 -33.13
N GLY B 123 34.81 3.77 -32.83
CA GLY B 123 36.12 4.02 -32.26
C GLY B 123 36.25 3.68 -30.80
N LEU B 124 35.13 3.58 -30.09
CA LEU B 124 35.12 3.22 -28.67
C LEU B 124 34.64 1.79 -28.46
N GLN B 125 35.10 0.87 -29.31
CA GLN B 125 34.66 -0.52 -29.21
C GLN B 125 35.39 -1.27 -28.10
N GLU B 126 36.70 -1.06 -27.98
CA GLU B 126 37.50 -1.78 -27.00
C GLU B 126 37.33 -1.25 -25.58
N GLU B 127 36.81 -0.04 -25.42
CA GLU B 127 36.73 0.58 -24.09
C GLU B 127 35.33 0.52 -23.47
N ILE B 128 34.28 0.40 -24.27
CA ILE B 128 32.91 0.40 -23.78
C ILE B 128 32.20 -0.84 -24.31
N SER B 129 31.36 -1.44 -23.46
CA SER B 129 30.61 -2.62 -23.86
C SER B 129 29.58 -2.25 -24.94
N LYS B 130 29.11 -3.28 -25.65
CA LYS B 130 28.19 -3.06 -26.75
C LYS B 130 26.84 -2.53 -26.28
N CYS B 131 26.40 -2.92 -25.08
CA CYS B 131 25.12 -2.45 -24.58
C CYS B 131 25.07 -0.94 -24.47
N LYS B 132 26.19 -0.30 -24.14
CA LYS B 132 26.24 1.15 -24.06
C LYS B 132 26.66 1.80 -25.37
N LEU B 133 26.85 1.01 -26.43
CA LEU B 133 27.19 1.54 -27.74
C LEU B 133 26.07 1.30 -28.75
N ASP B 134 24.86 1.05 -28.28
CA ASP B 134 23.73 0.80 -29.18
C ASP B 134 23.37 2.08 -29.94
N ASP B 135 22.61 1.91 -31.02
CA ASP B 135 22.28 3.03 -31.88
C ASP B 135 21.38 4.06 -31.21
N ASP B 136 20.71 3.69 -30.11
CA ASP B 136 19.86 4.61 -29.38
C ASP B 136 20.62 5.42 -28.34
N MSE B 137 21.93 5.56 -28.50
CA MSE B 137 22.77 6.30 -27.56
C MSE B 137 23.32 7.57 -28.21
O MSE B 137 24.05 7.49 -29.19
CB MSE B 137 23.90 5.42 -27.06
CG MSE B 137 23.47 4.25 -26.18
SE MSE B 137 23.18 4.76 -24.33
CE MSE B 137 25.03 5.07 -23.81
N ASN B 138 22.98 8.72 -27.63
CA ASN B 138 23.55 9.96 -28.12
C ASN B 138 24.97 10.15 -27.58
N LEU B 139 25.64 11.20 -28.05
CA LEU B 139 27.03 11.40 -27.68
C LEU B 139 27.17 11.77 -26.21
N LEU B 140 26.17 12.44 -25.63
CA LEU B 140 26.25 12.81 -24.22
C LEU B 140 26.18 11.57 -23.32
N ASP B 141 25.35 10.60 -23.69
CA ASP B 141 25.32 9.35 -22.93
C ASP B 141 26.63 8.59 -23.05
N ILE B 142 27.29 8.65 -24.22
CA ILE B 142 28.59 8.03 -24.37
C ILE B 142 29.61 8.73 -23.48
N PHE B 143 29.56 10.05 -23.42
CA PHE B 143 30.42 10.80 -22.51
C PHE B 143 30.18 10.38 -21.06
N ILE B 144 28.91 10.19 -20.69
CA ILE B 144 28.58 9.77 -19.33
C ILE B 144 29.16 8.40 -19.05
N GLU B 145 29.05 7.47 -19.99
CA GLU B 145 29.60 6.13 -19.80
C GLU B 145 31.12 6.18 -19.68
N MSE B 146 31.77 7.02 -20.48
CA MSE B 146 33.22 7.19 -20.40
C MSE B 146 33.62 7.73 -19.03
O MSE B 146 34.58 7.25 -18.43
CB MSE B 146 33.70 8.13 -21.50
CG MSE B 146 33.64 7.54 -22.90
SE MSE B 146 34.07 8.83 -24.29
CE MSE B 146 35.89 9.27 -23.74
N GLU B 147 32.87 8.71 -18.53
CA GLU B 147 33.13 9.24 -17.20
C GLU B 147 32.94 8.16 -16.14
N LYS B 148 31.94 7.30 -16.33
CA LYS B 148 31.75 6.18 -15.41
C LYS B 148 32.95 5.25 -15.41
N ARG B 149 33.51 4.98 -16.59
CA ARG B 149 34.68 4.12 -16.72
C ARG B 149 35.99 4.87 -16.53
N VAL B 150 35.96 6.09 -15.99
CA VAL B 150 37.13 6.92 -15.73
C VAL B 150 38.03 6.93 -16.97
N ILE B 151 37.42 7.02 -18.14
CA ILE B 151 38.15 7.17 -19.39
C ILE B 151 38.13 8.63 -19.83
N LEU B 152 37.09 9.35 -19.41
CA LEU B 152 36.97 10.78 -19.69
C LEU B 152 37.00 11.55 -18.38
N GLY B 153 37.65 12.71 -18.40
CA GLY B 153 37.73 13.55 -17.21
C GLY B 153 38.49 14.81 -17.52
N GLU B 154 38.55 15.68 -16.51
CA GLU B 154 39.27 16.95 -16.66
C GLU B 154 40.77 16.74 -16.83
N GLY B 155 41.30 15.61 -16.38
CA GLY B 155 42.72 15.34 -16.52
C GLY B 155 43.02 14.21 -17.48
N LYS B 156 41.99 13.47 -17.90
CA LYS B 156 42.13 12.33 -18.80
C LYS B 156 41.33 12.63 -20.06
N LEU B 157 41.99 13.23 -21.05
CA LEU B 157 41.39 13.53 -22.35
C LEU B 157 42.03 12.75 -23.48
N ASP B 158 42.86 11.75 -23.16
CA ASP B 158 43.64 11.06 -24.19
C ASP B 158 42.74 10.31 -25.17
N ILE B 159 41.85 9.47 -24.65
CA ILE B 159 40.98 8.68 -25.52
C ILE B 159 40.02 9.59 -26.28
N LEU B 160 39.60 10.69 -25.67
CA LEU B 160 38.74 11.64 -26.38
C LEU B 160 39.44 12.22 -27.60
N LYS B 161 40.68 12.69 -27.43
CA LYS B 161 41.45 13.19 -28.57
C LYS B 161 41.69 12.10 -29.60
N ARG B 162 41.99 10.88 -29.15
CA ARG B 162 42.26 9.79 -30.07
C ARG B 162 41.05 9.48 -30.94
N VAL B 163 39.86 9.41 -30.33
CA VAL B 163 38.65 9.10 -31.10
C VAL B 163 38.24 10.28 -31.96
N CYS B 164 38.43 11.51 -31.49
CA CYS B 164 38.04 12.68 -32.27
C CYS B 164 38.93 12.87 -33.49
N ALA B 165 40.22 12.58 -33.36
CA ALA B 165 41.14 12.75 -34.49
C ALA B 165 40.78 11.84 -35.66
N GLN B 166 40.16 10.69 -35.37
CA GLN B 166 39.76 9.77 -36.42
C GLN B 166 38.53 10.24 -37.18
N ILE B 167 37.83 11.27 -36.71
CA ILE B 167 36.59 11.71 -37.33
C ILE B 167 36.72 13.12 -37.90
N ASN B 168 37.09 14.07 -37.06
CA ASN B 168 37.14 15.46 -37.48
C ASN B 168 38.23 16.19 -36.72
N LYS B 169 38.69 17.30 -37.29
CA LYS B 169 39.77 18.10 -36.71
C LYS B 169 39.28 19.26 -35.86
N SER B 170 38.09 19.80 -36.13
CA SER B 170 37.59 20.92 -35.34
C SER B 170 37.29 20.51 -33.90
N LEU B 171 36.94 19.24 -33.68
CA LEU B 171 36.73 18.76 -32.32
C LEU B 171 38.02 18.83 -31.52
N LEU B 172 39.13 18.45 -32.15
CA LEU B 172 40.44 18.60 -31.52
C LEU B 172 40.75 20.07 -31.25
N LYS B 173 40.29 20.97 -32.12
CA LYS B 173 40.48 22.39 -31.89
C LYS B 173 39.73 22.86 -30.64
N ILE B 174 38.49 22.39 -30.47
CA ILE B 174 37.73 22.73 -29.27
C ILE B 174 38.40 22.18 -28.03
N ILE B 175 38.87 20.93 -28.09
CA ILE B 175 39.54 20.32 -26.95
C ILE B 175 40.79 21.10 -26.59
N ASN B 176 41.59 21.49 -27.59
CA ASN B 176 42.82 22.23 -27.34
C ASN B 176 42.53 23.63 -26.82
N ASP B 177 41.45 24.27 -27.28
CA ASP B 177 41.07 25.57 -26.74
C ASP B 177 40.69 25.45 -25.27
N TYR B 178 39.93 24.41 -24.92
CA TYR B 178 39.60 24.19 -23.51
C TYR B 178 40.86 23.96 -22.69
N GLU B 179 41.82 23.20 -23.23
CA GLU B 179 43.05 22.93 -22.50
C GLU B 179 43.87 24.21 -22.33
N GLU B 180 43.91 25.04 -23.37
CA GLU B 180 44.64 26.30 -23.32
C GLU B 180 43.98 27.30 -22.38
N PHE B 181 42.68 27.16 -22.13
CA PHE B 181 42.03 28.05 -21.16
C PHE B 181 42.36 27.64 -19.73
N SER B 182 42.46 26.34 -19.46
CA SER B 182 42.76 25.85 -18.12
C SER B 182 44.26 25.66 -17.94
N LYS B 183 44.98 26.78 -17.99
CA LYS B 183 46.43 26.78 -17.82
C LYS B 183 46.80 26.60 -16.35
N MSE C 1 33.91 9.09 9.93
CA MSE C 1 33.38 8.49 8.71
C MSE C 1 31.86 8.37 8.75
O MSE C 1 31.32 7.51 9.44
CB MSE C 1 34.02 7.12 8.47
CG MSE C 1 33.43 6.34 7.30
SE MSE C 1 33.78 7.15 5.55
CE MSE C 1 33.04 5.75 4.41
N ASP C 2 31.19 9.25 8.00
CA ASP C 2 29.73 9.20 7.85
C ASP C 2 29.38 8.06 6.89
N PHE C 3 29.55 6.83 7.39
CA PHE C 3 29.36 5.64 6.57
C PHE C 3 27.97 5.61 5.94
N SER C 4 26.93 5.97 6.70
CA SER C 4 25.59 6.01 6.12
C SER C 4 25.48 7.09 5.05
N ARG C 5 26.08 8.26 5.28
CA ARG C 5 26.05 9.32 4.27
C ARG C 5 26.81 8.91 3.02
N ASN C 6 27.95 8.23 3.18
CA ASN C 6 28.70 7.75 2.03
C ASN C 6 27.90 6.74 1.23
N LEU C 7 27.26 5.79 1.92
CA LEU C 7 26.40 4.83 1.23
C LEU C 7 25.24 5.53 0.53
N TYR C 8 24.67 6.56 1.17
CA TYR C 8 23.57 7.30 0.55
C TYR C 8 24.01 8.01 -0.72
N ASP C 9 25.21 8.61 -0.70
CA ASP C 9 25.70 9.28 -1.91
C ASP C 9 25.99 8.26 -3.02
N ILE C 10 26.59 7.12 -2.66
CA ILE C 10 26.85 6.07 -3.64
C ILE C 10 25.54 5.60 -4.27
N GLY C 11 24.51 5.41 -3.44
CA GLY C 11 23.23 5.00 -3.97
C GLY C 11 22.58 6.08 -4.82
N GLU C 12 22.77 7.34 -4.45
CA GLU C 12 22.23 8.45 -5.24
C GLU C 12 22.90 8.55 -6.60
N GLN C 13 24.12 8.04 -6.73
CA GLN C 13 24.80 8.04 -8.02
C GLN C 13 24.54 6.76 -8.81
N LEU C 14 23.51 5.98 -8.43
CA LEU C 14 23.16 4.74 -9.09
C LEU C 14 21.73 4.83 -9.62
N ASP C 15 21.53 4.41 -10.86
CA ASP C 15 20.22 4.41 -11.49
C ASP C 15 19.59 3.03 -11.36
N SER C 16 18.46 2.83 -12.04
CA SER C 16 17.74 1.56 -11.93
C SER C 16 18.46 0.43 -12.66
N GLU C 17 19.15 0.74 -13.76
CA GLU C 17 19.88 -0.29 -14.50
C GLU C 17 21.05 -0.83 -13.68
N ASP C 18 21.84 0.07 -13.09
CA ASP C 18 22.90 -0.35 -12.20
C ASP C 18 22.35 -1.11 -11.00
N LEU C 19 21.17 -0.72 -10.51
CA LEU C 19 20.55 -1.42 -9.40
C LEU C 19 20.18 -2.85 -9.78
N ALA C 20 19.60 -3.03 -10.98
CA ALA C 20 19.28 -4.37 -11.44
C ALA C 20 20.55 -5.21 -11.63
N SER C 21 21.62 -4.59 -12.13
CA SER C 21 22.88 -5.30 -12.27
C SER C 21 23.42 -5.75 -10.92
N LEU C 22 23.36 -4.85 -9.92
CA LEU C 22 23.83 -5.21 -8.57
C LEU C 22 22.97 -6.31 -7.97
N LYS C 23 21.65 -6.25 -8.19
CA LYS C 23 20.76 -7.28 -7.66
C LYS C 23 21.06 -8.63 -8.31
N PHE C 24 21.36 -8.64 -9.60
CA PHE C 24 21.73 -9.89 -10.26
C PHE C 24 23.06 -10.42 -9.73
N LEU C 25 24.03 -9.52 -9.52
CA LEU C 25 25.33 -9.94 -9.02
C LEU C 25 25.27 -10.43 -7.58
N SER C 26 24.21 -10.11 -6.84
CA SER C 26 24.05 -10.55 -5.46
C SER C 26 23.04 -11.68 -5.33
N LEU C 27 22.77 -12.41 -6.42
CA LEU C 27 21.78 -13.48 -6.38
C LEU C 27 22.24 -14.65 -5.52
N ASP C 28 23.55 -14.90 -5.45
CA ASP C 28 24.08 -16.01 -4.67
C ASP C 28 24.00 -15.77 -3.16
N TYR C 29 23.63 -14.56 -2.74
CA TYR C 29 23.55 -14.24 -1.32
C TYR C 29 22.20 -13.74 -0.86
N ILE C 30 21.36 -13.23 -1.76
CA ILE C 30 20.04 -12.71 -1.43
C ILE C 30 19.00 -13.49 -2.22
N PRO C 31 18.10 -14.22 -1.57
CA PRO C 31 17.12 -15.04 -2.31
C PRO C 31 16.12 -14.17 -3.06
N GLN C 32 15.27 -14.85 -3.83
CA GLN C 32 14.34 -14.14 -4.71
C GLN C 32 13.30 -13.35 -3.93
N ARG C 33 12.79 -13.93 -2.83
CA ARG C 33 11.77 -13.24 -2.04
C ARG C 33 12.33 -11.96 -1.42
N LYS C 34 13.58 -11.99 -0.98
CA LYS C 34 14.22 -10.81 -0.41
C LYS C 34 14.67 -9.82 -1.49
N GLN C 35 14.84 -10.29 -2.73
CA GLN C 35 15.24 -9.41 -3.82
C GLN C 35 14.06 -8.71 -4.49
N GLU C 36 12.87 -9.31 -4.42
CA GLU C 36 11.71 -8.72 -5.08
C GLU C 36 11.40 -7.29 -4.64
N PRO C 37 11.34 -6.96 -3.33
CA PRO C 37 11.00 -5.59 -2.96
C PRO C 37 12.15 -4.59 -3.03
N ILE C 38 13.35 -5.02 -3.43
CA ILE C 38 14.51 -4.13 -3.50
C ILE C 38 14.34 -3.24 -4.74
N LYS C 39 13.90 -1.99 -4.52
CA LYS C 39 13.70 -1.05 -5.61
C LYS C 39 14.63 0.15 -5.56
N ASP C 40 15.58 0.17 -4.62
CA ASP C 40 16.59 1.22 -4.57
C ASP C 40 17.88 0.63 -4.00
N ALA C 41 18.98 1.35 -4.18
CA ALA C 41 20.27 0.85 -3.75
C ALA C 41 20.37 0.72 -2.23
N LEU C 42 19.85 1.72 -1.51
CA LEU C 42 19.96 1.72 -0.04
C LEU C 42 19.43 0.43 0.56
N MSE C 43 18.22 0.03 0.16
CA MSE C 43 17.63 -1.22 0.62
C MSE C 43 18.60 -2.37 0.44
O MSE C 43 18.84 -3.13 1.38
CB MSE C 43 16.33 -1.51 -0.15
CG MSE C 43 15.27 -0.43 -0.03
SE MSE C 43 13.60 -0.94 -0.92
CE MSE C 43 13.16 -2.49 0.17
N LEU C 44 19.16 -2.47 -0.76
CA LEU C 44 20.14 -3.52 -1.04
C LEU C 44 21.25 -3.52 0.00
N PHE C 45 21.82 -2.34 0.28
CA PHE C 45 22.87 -2.23 1.27
C PHE C 45 22.44 -2.82 2.60
N GLN C 46 21.20 -2.51 3.03
CA GLN C 46 20.70 -3.04 4.29
C GLN C 46 20.75 -4.56 4.31
N ARG C 47 20.33 -5.20 3.22
CA ARG C 47 20.40 -6.65 3.15
C ARG C 47 21.84 -7.12 3.34
N LEU C 48 22.78 -6.48 2.66
CA LEU C 48 24.19 -6.81 2.85
C LEU C 48 24.60 -6.59 4.30
N GLN C 49 24.12 -5.50 4.90
CA GLN C 49 24.45 -5.22 6.30
C GLN C 49 23.89 -6.30 7.22
N GLU C 50 22.78 -6.95 6.82
CA GLU C 50 22.25 -8.03 7.64
C GLU C 50 23.10 -9.28 7.58
N LYS C 51 23.92 -9.42 6.54
CA LYS C 51 24.85 -10.54 6.41
C LYS C 51 26.29 -10.16 6.69
N ARG C 52 26.52 -8.97 7.26
CA ARG C 52 27.86 -8.46 7.59
C ARG C 52 28.74 -8.33 6.36
N MSE C 53 28.15 -8.30 5.17
CA MSE C 53 28.91 -8.16 3.94
C MSE C 53 29.10 -6.70 3.59
O MSE C 53 29.71 -6.36 2.57
CB MSE C 53 28.21 -8.90 2.80
CG MSE C 53 28.13 -10.41 3.01
SE MSE C 53 27.58 -11.38 1.42
CE MSE C 53 25.83 -10.57 1.18
N LEU C 54 28.60 -5.82 4.46
CA LEU C 54 28.76 -4.38 4.28
C LEU C 54 28.82 -3.74 5.67
N GLU C 55 29.98 -3.23 6.03
CA GLU C 55 30.18 -2.53 7.30
C GLU C 55 31.22 -1.45 7.10
N GLU C 56 31.40 -0.61 8.13
CA GLU C 56 32.41 0.44 8.04
C GLU C 56 33.82 -0.14 8.00
N SER C 57 34.01 -1.37 8.45
CA SER C 57 35.30 -2.05 8.41
C SER C 57 35.39 -3.11 7.32
N ASN C 58 34.30 -3.40 6.62
CA ASN C 58 34.27 -4.41 5.56
C ASN C 58 33.58 -3.81 4.34
N LEU C 59 34.38 -3.27 3.43
CA LEU C 59 33.89 -2.72 2.17
C LEU C 59 34.24 -3.59 0.97
N SER C 60 34.73 -4.81 1.20
CA SER C 60 35.24 -5.64 0.12
C SER C 60 34.14 -5.98 -0.88
N PHE C 61 32.98 -6.40 -0.37
CA PHE C 61 31.91 -6.81 -1.29
C PHE C 61 31.33 -5.61 -2.03
N LEU C 62 31.22 -4.47 -1.37
CA LEU C 62 30.76 -3.26 -2.05
C LEU C 62 31.72 -2.84 -3.15
N LYS C 63 33.02 -2.89 -2.87
CA LYS C 63 34.01 -2.54 -3.88
C LYS C 63 33.97 -3.53 -5.04
N GLU C 64 33.81 -4.82 -4.75
CA GLU C 64 33.71 -5.81 -5.82
C GLU C 64 32.48 -5.58 -6.68
N LEU C 65 31.35 -5.28 -6.04
CA LEU C 65 30.12 -4.99 -6.79
C LEU C 65 30.30 -3.77 -7.68
N LEU C 66 30.87 -2.69 -7.14
CA LEU C 66 31.05 -1.48 -7.93
C LEU C 66 32.08 -1.68 -9.04
N PHE C 67 33.01 -2.60 -8.86
CA PHE C 67 34.01 -2.88 -9.90
C PHE C 67 33.42 -3.74 -11.02
N ARG C 68 32.59 -4.73 -10.66
CA ARG C 68 32.03 -5.62 -11.66
C ARG C 68 31.00 -4.93 -12.55
N ILE C 69 30.38 -3.87 -12.08
CA ILE C 69 29.40 -3.13 -12.89
C ILE C 69 30.11 -1.98 -13.59
N ASN C 70 31.44 -1.97 -13.50
CA ASN C 70 32.28 -0.99 -14.21
C ASN C 70 32.01 0.44 -13.76
N ARG C 71 31.67 0.62 -12.49
CA ARG C 71 31.49 1.96 -11.92
C ARG C 71 32.73 2.37 -11.12
N LEU C 72 33.85 2.50 -11.85
CA LEU C 72 35.12 2.86 -11.23
C LEU C 72 35.11 4.28 -10.69
N ASP C 73 34.27 5.16 -11.24
CA ASP C 73 34.20 6.53 -10.73
C ASP C 73 33.76 6.55 -9.27
N LEU C 74 32.75 5.74 -8.92
CA LEU C 74 32.32 5.66 -7.53
C LEU C 74 33.40 5.03 -6.66
N LEU C 75 34.13 4.05 -7.20
CA LEU C 75 35.20 3.42 -6.44
C LEU C 75 36.29 4.43 -6.10
N ILE C 76 36.62 5.31 -7.04
CA ILE C 76 37.70 6.27 -6.79
C ILE C 76 37.21 7.45 -5.96
N THR C 77 35.94 7.86 -6.12
CA THR C 77 35.47 9.08 -5.47
C THR C 77 35.02 8.83 -4.04
N TYR C 78 34.21 7.79 -3.82
CA TYR C 78 33.62 7.57 -2.51
C TYR C 78 34.27 6.46 -1.71
N LEU C 79 35.01 5.56 -2.35
CA LEU C 79 35.65 4.45 -1.65
C LEU C 79 37.18 4.52 -1.68
N ASN C 80 37.74 5.50 -2.39
CA ASN C 80 39.20 5.71 -2.45
C ASN C 80 39.93 4.46 -2.91
N THR C 81 39.46 3.89 -4.03
CA THR C 81 40.06 2.69 -4.59
C THR C 81 40.13 2.85 -6.10
N ARG C 82 41.32 2.68 -6.67
CA ARG C 82 41.51 2.83 -8.11
C ARG C 82 41.31 1.49 -8.81
N LYS C 83 41.34 1.54 -10.14
CA LYS C 83 41.05 0.36 -10.95
C LYS C 83 42.09 -0.75 -10.75
N GLU C 84 43.37 -0.37 -10.67
CA GLU C 84 44.42 -1.39 -10.58
C GLU C 84 44.31 -2.18 -9.28
N GLU C 85 44.12 -1.48 -8.16
CA GLU C 85 44.05 -2.15 -6.86
C GLU C 85 43.06 -3.29 -6.87
N MSE C 86 41.79 -2.98 -7.16
CA MSE C 86 40.73 -3.97 -7.26
C MSE C 86 41.19 -5.19 -8.07
O MSE C 86 41.06 -6.32 -7.61
CB MSE C 86 39.49 -3.37 -7.90
CG MSE C 86 38.78 -2.36 -7.03
SE MSE C 86 38.35 -3.10 -5.28
CE MSE C 86 37.37 -4.67 -5.87
N GLU C 87 41.77 -4.93 -9.25
CA GLU C 87 42.21 -6.01 -10.10
C GLU C 87 43.13 -6.95 -9.33
N ARG C 88 44.20 -6.39 -8.75
CA ARG C 88 45.10 -7.21 -7.95
C ARG C 88 44.35 -7.88 -6.82
N GLU C 89 43.48 -7.13 -6.13
CA GLU C 89 42.71 -7.70 -5.03
C GLU C 89 41.86 -8.87 -5.51
N LEU C 90 41.35 -8.78 -6.74
CA LEU C 90 40.52 -9.84 -7.27
C LEU C 90 41.32 -10.94 -7.93
N GLN C 91 42.61 -10.73 -8.16
CA GLN C 91 43.44 -11.80 -8.70
C GLN C 91 43.91 -12.77 -7.61
N THR C 92 44.00 -12.31 -6.38
CA THR C 92 44.31 -13.21 -5.28
C THR C 92 43.17 -14.19 -5.06
N PRO C 93 43.44 -15.49 -4.98
CA PRO C 93 42.35 -16.46 -4.88
C PRO C 93 41.68 -16.38 -3.51
N GLY C 94 40.43 -16.83 -3.48
CA GLY C 94 39.63 -16.78 -2.28
C GLY C 94 38.96 -15.45 -2.01
N ARG C 95 39.65 -14.35 -2.33
CA ARG C 95 39.14 -13.03 -1.98
C ARG C 95 37.97 -12.58 -2.84
N ALA C 96 37.71 -13.26 -3.96
CA ALA C 96 36.59 -12.92 -4.82
C ALA C 96 35.30 -13.47 -4.21
N GLN C 97 34.38 -12.57 -3.88
CA GLN C 97 33.12 -13.00 -3.27
C GLN C 97 32.04 -13.31 -4.29
N ILE C 98 32.03 -12.59 -5.41
CA ILE C 98 31.10 -12.92 -6.50
C ILE C 98 31.69 -14.07 -7.31
N SER C 99 30.90 -15.11 -7.52
CA SER C 99 31.38 -16.29 -8.22
C SER C 99 31.75 -15.95 -9.66
N ALA C 100 32.77 -16.64 -10.17
CA ALA C 100 33.21 -16.42 -11.54
C ALA C 100 32.12 -16.82 -12.54
N TYR C 101 31.24 -17.75 -12.16
CA TYR C 101 30.12 -18.11 -13.02
C TYR C 101 29.14 -16.95 -13.16
N ARG C 102 28.86 -16.26 -12.07
CA ARG C 102 27.96 -15.10 -12.12
C ARG C 102 28.55 -13.98 -12.98
N VAL C 103 29.79 -13.58 -12.66
CA VAL C 103 30.43 -12.47 -13.37
C VAL C 103 30.37 -12.70 -14.88
N MSE C 104 30.85 -13.86 -15.32
CA MSE C 104 30.79 -14.26 -16.72
C MSE C 104 29.42 -13.96 -17.32
O MSE C 104 29.32 -13.27 -18.33
CB MSE C 104 31.11 -15.75 -16.87
CG MSE C 104 31.04 -16.29 -18.29
SE MSE C 104 29.30 -17.03 -18.76
CE MSE C 104 29.28 -18.55 -17.53
N LEU C 105 28.38 -14.47 -16.67
CA LEU C 105 27.02 -14.25 -17.15
C LEU C 105 26.74 -12.77 -17.35
N TYR C 106 27.05 -11.96 -16.33
CA TYR C 106 26.82 -10.52 -16.44
C TYR C 106 27.60 -9.94 -17.62
N GLN C 107 28.83 -10.41 -17.83
CA GLN C 107 29.62 -9.89 -18.94
C GLN C 107 28.98 -10.24 -20.28
N ILE C 108 28.35 -11.41 -20.37
CA ILE C 108 27.60 -11.73 -21.59
C ILE C 108 26.48 -10.71 -21.79
N SER C 109 25.80 -10.35 -20.71
CA SER C 109 24.76 -9.32 -20.80
C SER C 109 25.33 -7.98 -21.24
N GLU C 110 26.63 -7.76 -21.09
CA GLU C 110 27.26 -6.53 -21.56
C GLU C 110 27.47 -6.51 -23.07
N GLU C 111 27.43 -7.67 -23.74
CA GLU C 111 27.77 -7.75 -25.16
C GLU C 111 26.60 -8.19 -26.02
N VAL C 112 25.37 -7.87 -25.63
CA VAL C 112 24.18 -8.24 -26.38
C VAL C 112 23.34 -6.99 -26.63
N SER C 113 23.02 -6.72 -27.89
CA SER C 113 22.21 -5.56 -28.26
C SER C 113 20.74 -5.93 -28.18
N ARG C 114 19.87 -5.05 -28.71
CA ARG C 114 18.43 -5.30 -28.64
C ARG C 114 18.00 -6.37 -29.64
N SER C 115 18.49 -6.28 -30.88
CA SER C 115 18.18 -7.30 -31.87
C SER C 115 18.79 -8.64 -31.48
N GLU C 116 20.00 -8.62 -30.89
CA GLU C 116 20.61 -9.85 -30.42
C GLU C 116 19.82 -10.44 -29.25
N LEU C 117 19.26 -9.58 -28.40
CA LEU C 117 18.40 -10.08 -27.32
C LEU C 117 17.11 -10.69 -27.87
N ARG C 118 16.54 -10.08 -28.90
CA ARG C 118 15.37 -10.67 -29.56
C ARG C 118 15.69 -12.01 -30.17
N SER C 119 16.87 -12.13 -30.80
CA SER C 119 17.28 -13.41 -31.36
C SER C 119 17.51 -14.44 -30.26
N PHE C 120 18.04 -14.01 -29.12
CA PHE C 120 18.21 -14.89 -27.98
C PHE C 120 16.86 -15.44 -27.52
N LYS C 121 15.88 -14.55 -27.34
CA LYS C 121 14.55 -14.96 -26.91
C LYS C 121 13.92 -15.90 -27.92
N GLY C 122 14.10 -15.63 -29.22
CA GLY C 122 13.57 -16.53 -30.23
C GLY C 122 14.27 -17.88 -30.24
N GLY C 123 15.55 -17.91 -29.87
CA GLY C 123 16.27 -19.16 -29.79
C GLY C 123 15.96 -19.98 -28.56
N LEU C 124 15.42 -19.35 -27.51
CA LEU C 124 15.05 -20.07 -26.29
C LEU C 124 13.54 -20.27 -26.18
N GLN C 125 12.88 -20.63 -27.28
CA GLN C 125 11.43 -20.79 -27.26
C GLN C 125 10.99 -22.13 -26.67
N GLU C 126 11.68 -23.22 -27.00
CA GLU C 126 11.25 -24.54 -26.56
C GLU C 126 11.55 -24.80 -25.08
N GLU C 127 12.44 -24.02 -24.47
CA GLU C 127 12.84 -24.26 -23.09
C GLU C 127 12.19 -23.30 -22.10
N ILE C 128 11.74 -22.13 -22.56
CA ILE C 128 11.16 -21.11 -21.70
C ILE C 128 9.79 -20.73 -22.22
N SER C 129 8.84 -20.53 -21.30
CA SER C 129 7.49 -20.13 -21.66
C SER C 129 7.49 -18.71 -22.23
N LYS C 130 6.39 -18.38 -22.92
CA LYS C 130 6.26 -17.08 -23.57
C LYS C 130 6.22 -15.95 -22.56
N CYS C 131 5.67 -16.20 -21.36
CA CYS C 131 5.57 -15.16 -20.35
C CYS C 131 6.93 -14.59 -19.99
N LYS C 132 7.97 -15.43 -19.97
CA LYS C 132 9.32 -14.99 -19.66
C LYS C 132 10.13 -14.62 -20.89
N LEU C 133 9.54 -14.69 -22.10
CA LEU C 133 10.24 -14.32 -23.32
C LEU C 133 9.67 -13.06 -23.96
N ASP C 134 8.89 -12.28 -23.22
CA ASP C 134 8.31 -11.07 -23.77
C ASP C 134 9.41 -10.02 -23.99
N ASP C 135 9.10 -9.02 -24.81
CA ASP C 135 10.09 -8.01 -25.19
C ASP C 135 10.53 -7.15 -24.02
N ASP C 136 9.79 -7.13 -22.91
CA ASP C 136 10.15 -6.32 -21.76
C ASP C 136 11.12 -7.01 -20.82
N MSE C 137 11.58 -8.22 -21.16
CA MSE C 137 12.57 -8.92 -20.37
C MSE C 137 13.98 -8.62 -20.85
O MSE C 137 14.22 -8.51 -22.04
CB MSE C 137 12.32 -10.44 -20.41
CG MSE C 137 10.95 -10.86 -19.91
SE MSE C 137 10.89 -11.04 -17.97
CE MSE C 137 11.70 -12.80 -17.80
N ASN C 138 14.91 -8.46 -19.90
CA ASN C 138 16.32 -8.29 -20.22
C ASN C 138 17.03 -9.63 -20.13
N LEU C 139 18.31 -9.62 -20.53
CA LEU C 139 19.06 -10.88 -20.60
C LEU C 139 19.31 -11.47 -19.22
N LEU C 140 19.42 -10.63 -18.18
CA LEU C 140 19.64 -11.15 -16.84
C LEU C 140 18.44 -11.93 -16.33
N ASP C 141 17.23 -11.43 -16.64
CA ASP C 141 16.03 -12.19 -16.28
C ASP C 141 15.96 -13.52 -17.03
N ILE C 142 16.44 -13.54 -18.27
CA ILE C 142 16.49 -14.80 -19.01
C ILE C 142 17.48 -15.76 -18.36
N PHE C 143 18.63 -15.25 -17.91
CA PHE C 143 19.58 -16.08 -17.18
C PHE C 143 18.94 -16.63 -15.91
N ILE C 144 18.19 -15.81 -15.19
CA ILE C 144 17.54 -16.25 -13.95
C ILE C 144 16.52 -17.34 -14.25
N GLU C 145 15.72 -17.16 -15.29
CA GLU C 145 14.71 -18.17 -15.64
C GLU C 145 15.37 -19.47 -16.07
N MSE C 146 16.47 -19.39 -16.83
CA MSE C 146 17.18 -20.58 -17.27
C MSE C 146 17.78 -21.33 -16.08
O MSE C 146 17.77 -22.55 -16.05
CB MSE C 146 18.26 -20.22 -18.27
CG MSE C 146 17.73 -19.87 -19.65
SE MSE C 146 19.11 -20.01 -21.02
CE MSE C 146 20.31 -18.61 -20.40
N GLU C 147 18.28 -20.57 -15.11
CA GLU C 147 18.78 -21.19 -13.88
C GLU C 147 17.64 -21.85 -13.12
N LYS C 148 16.46 -21.23 -13.11
CA LYS C 148 15.29 -21.83 -12.46
C LYS C 148 14.91 -23.15 -13.12
N ARG C 149 14.93 -23.20 -14.45
CA ARG C 149 14.58 -24.41 -15.18
C ARG C 149 15.75 -25.37 -15.38
N VAL C 150 16.83 -25.20 -14.60
CA VAL C 150 18.03 -26.03 -14.58
C VAL C 150 18.54 -26.35 -15.99
N ILE C 151 18.44 -25.39 -16.89
CA ILE C 151 19.07 -25.52 -18.20
C ILE C 151 20.37 -24.73 -18.27
N LEU C 152 20.52 -23.69 -17.44
CA LEU C 152 21.76 -22.93 -17.31
C LEU C 152 22.30 -23.14 -15.90
N GLY C 153 23.62 -23.25 -15.79
CA GLY C 153 24.23 -23.45 -14.49
C GLY C 153 25.73 -23.51 -14.61
N GLU C 154 26.37 -23.63 -13.44
CA GLU C 154 27.83 -23.71 -13.40
C GLU C 154 28.36 -24.96 -14.06
N GLY C 155 27.54 -26.02 -14.18
CA GLY C 155 27.97 -27.24 -14.81
C GLY C 155 27.25 -27.52 -16.12
N LYS C 156 26.20 -26.76 -16.41
CA LYS C 156 25.39 -26.93 -17.61
C LYS C 156 25.44 -25.64 -18.43
N LEU C 157 26.39 -25.58 -19.37
CA LEU C 157 26.53 -24.43 -20.26
C LEU C 157 26.23 -24.77 -21.72
N ASP C 158 25.66 -25.96 -21.97
CA ASP C 158 25.48 -26.42 -23.35
C ASP C 158 24.47 -25.55 -24.09
N ILE C 159 23.29 -25.34 -23.51
CA ILE C 159 22.26 -24.55 -24.17
C ILE C 159 22.71 -23.10 -24.32
N LEU C 160 23.46 -22.59 -23.35
CA LEU C 160 24.01 -21.24 -23.45
C LEU C 160 24.93 -21.12 -24.66
N LYS C 161 25.85 -22.08 -24.81
CA LYS C 161 26.72 -22.09 -25.97
C LYS C 161 25.92 -22.20 -27.26
N ARG C 162 24.86 -23.02 -27.26
CA ARG C 162 24.05 -23.20 -28.46
C ARG C 162 23.40 -21.89 -28.88
N VAL C 163 22.80 -21.17 -27.93
CA VAL C 163 22.13 -19.93 -28.31
C VAL C 163 23.13 -18.82 -28.62
N CYS C 164 24.27 -18.79 -27.93
CA CYS C 164 25.26 -17.75 -28.19
C CYS C 164 25.94 -17.94 -29.53
N ALA C 165 26.22 -19.19 -29.91
CA ALA C 165 26.86 -19.45 -31.19
C ALA C 165 25.99 -19.02 -32.37
N GLN C 166 24.67 -19.03 -32.20
CA GLN C 166 23.77 -18.62 -33.27
C GLN C 166 23.75 -17.12 -33.52
N ILE C 167 24.34 -16.31 -32.65
CA ILE C 167 24.30 -14.85 -32.76
C ILE C 167 25.69 -14.25 -32.95
N ASN C 168 26.62 -14.56 -32.05
CA ASN C 168 27.92 -13.92 -32.09
C ASN C 168 29.00 -14.88 -31.58
N LYS C 169 30.24 -14.59 -31.93
CA LYS C 169 31.38 -15.42 -31.55
C LYS C 169 32.04 -14.97 -30.26
N SER C 170 31.96 -13.68 -29.94
CA SER C 170 32.59 -13.18 -28.73
C SER C 170 31.93 -13.75 -27.47
N LEU C 171 30.63 -14.02 -27.53
CA LEU C 171 29.97 -14.65 -26.39
C LEU C 171 30.51 -16.06 -26.15
N LEU C 172 30.68 -16.83 -27.22
CA LEU C 172 31.29 -18.15 -27.10
C LEU C 172 32.72 -18.05 -26.61
N LYS C 173 33.45 -17.01 -27.03
CA LYS C 173 34.81 -16.81 -26.54
C LYS C 173 34.82 -16.53 -25.04
N ILE C 174 33.88 -15.72 -24.56
CA ILE C 174 33.78 -15.44 -23.13
C ILE C 174 33.45 -16.72 -22.38
N ILE C 175 32.54 -17.53 -22.92
CA ILE C 175 32.19 -18.80 -22.28
C ILE C 175 33.42 -19.71 -22.20
N ASN C 176 34.20 -19.78 -23.27
CA ASN C 176 35.38 -20.65 -23.27
C ASN C 176 36.45 -20.11 -22.31
N ASP C 177 36.57 -18.79 -22.21
CA ASP C 177 37.51 -18.21 -21.25
C ASP C 177 37.12 -18.54 -19.83
N TYR C 178 35.83 -18.45 -19.52
CA TYR C 178 35.36 -18.87 -18.19
C TYR C 178 35.63 -20.34 -17.96
N GLU C 179 35.43 -21.17 -18.98
CA GLU C 179 35.65 -22.61 -18.85
C GLU C 179 37.11 -22.94 -18.61
N GLU C 180 38.03 -22.19 -19.23
CA GLU C 180 39.45 -22.45 -19.06
C GLU C 180 39.92 -22.24 -17.63
N PHE C 181 39.23 -21.40 -16.85
CA PHE C 181 39.54 -21.24 -15.43
C PHE C 181 38.93 -22.40 -14.65
N SER C 182 39.54 -23.57 -14.80
CA SER C 182 39.08 -24.77 -14.13
C SER C 182 40.19 -25.79 -13.98
N MSE D 1 19.74 -31.71 7.85
CA MSE D 1 18.55 -31.48 7.05
C MSE D 1 17.32 -31.32 7.95
O MSE D 1 16.64 -32.31 8.25
CB MSE D 1 18.34 -32.61 6.05
CG MSE D 1 17.46 -32.26 4.85
SE MSE D 1 15.56 -32.49 5.20
CE MSE D 1 15.55 -34.38 5.65
N ASP D 2 17.05 -30.10 8.38
CA ASP D 2 15.89 -29.79 9.20
C ASP D 2 14.70 -29.48 8.29
N PHE D 3 13.60 -30.19 8.50
CA PHE D 3 12.43 -30.02 7.64
C PHE D 3 11.91 -28.59 7.66
N SER D 4 11.83 -27.98 8.84
CA SER D 4 11.37 -26.60 8.93
C SER D 4 12.34 -25.64 8.26
N ARG D 5 13.64 -25.84 8.45
CA ARG D 5 14.63 -24.99 7.81
C ARG D 5 14.60 -25.16 6.29
N ASN D 6 14.39 -26.39 5.82
CA ASN D 6 14.29 -26.63 4.38
C ASN D 6 13.08 -25.93 3.80
N LEU D 7 11.92 -26.04 4.47
CA LEU D 7 10.72 -25.34 4.02
C LEU D 7 10.94 -23.83 4.02
N TYR D 8 11.62 -23.30 5.03
CA TYR D 8 11.88 -21.87 5.10
C TYR D 8 12.77 -21.42 3.93
N ASP D 9 13.80 -22.21 3.62
CA ASP D 9 14.67 -21.87 2.50
C ASP D 9 13.92 -21.93 1.18
N ILE D 10 13.07 -22.95 1.00
CA ILE D 10 12.27 -23.04 -0.22
C ILE D 10 11.35 -21.84 -0.34
N GLY D 11 10.72 -21.42 0.77
CA GLY D 11 9.85 -20.27 0.73
C GLY D 11 10.59 -18.97 0.46
N GLU D 12 11.82 -18.85 0.96
CA GLU D 12 12.62 -17.66 0.71
C GLU D 12 13.03 -17.55 -0.76
N GLN D 13 13.06 -18.65 -1.49
CA GLN D 13 13.39 -18.64 -2.91
C GLN D 13 12.16 -18.51 -3.80
N LEU D 14 11.02 -18.11 -3.24
CA LEU D 14 9.79 -17.95 -3.98
C LEU D 14 9.31 -16.51 -3.87
N ASP D 15 8.95 -15.91 -5.00
CA ASP D 15 8.46 -14.54 -5.03
C ASP D 15 6.94 -14.54 -5.01
N SER D 16 6.34 -13.36 -5.23
CA SER D 16 4.88 -13.25 -5.15
C SER D 16 4.21 -13.93 -6.34
N GLU D 17 4.83 -13.93 -7.51
CA GLU D 17 4.22 -14.58 -8.67
C GLU D 17 4.18 -16.09 -8.50
N ASP D 18 5.30 -16.68 -8.05
CA ASP D 18 5.28 -18.11 -7.75
C ASP D 18 4.30 -18.44 -6.64
N LEU D 19 4.15 -17.53 -5.66
CA LEU D 19 3.19 -17.75 -4.60
C LEU D 19 1.76 -17.75 -5.13
N ALA D 20 1.44 -16.82 -6.02
CA ALA D 20 0.11 -16.80 -6.63
C ALA D 20 -0.12 -18.05 -7.47
N SER D 21 0.90 -18.50 -8.19
CA SER D 21 0.78 -19.74 -8.96
C SER D 21 0.50 -20.93 -8.05
N LEU D 22 1.23 -21.02 -6.93
CA LEU D 22 1.00 -22.12 -6.00
C LEU D 22 -0.39 -22.04 -5.38
N LYS D 23 -0.85 -20.83 -5.06
CA LYS D 23 -2.19 -20.68 -4.49
C LYS D 23 -3.26 -21.09 -5.50
N PHE D 24 -3.07 -20.76 -6.77
CA PHE D 24 -4.01 -21.18 -7.80
C PHE D 24 -3.98 -22.69 -7.98
N LEU D 25 -2.79 -23.29 -8.00
CA LEU D 25 -2.67 -24.73 -8.18
C LEU D 25 -3.21 -25.51 -6.99
N SER D 26 -3.36 -24.88 -5.83
CA SER D 26 -3.90 -25.52 -4.65
C SER D 26 -5.34 -25.12 -4.38
N LEU D 27 -6.05 -24.63 -5.39
CA LEU D 27 -7.43 -24.19 -5.19
C LEU D 27 -8.34 -25.38 -4.90
N ASP D 28 -8.03 -26.55 -5.45
CA ASP D 28 -8.85 -27.73 -5.22
C ASP D 28 -8.69 -28.30 -3.81
N TYR D 29 -7.75 -27.78 -3.03
CA TYR D 29 -7.50 -28.27 -1.68
C TYR D 29 -7.62 -27.20 -0.60
N ILE D 30 -7.47 -25.93 -0.94
CA ILE D 30 -7.57 -24.83 0.00
C ILE D 30 -8.65 -23.88 -0.47
N PRO D 31 -9.74 -23.69 0.30
CA PRO D 31 -10.82 -22.81 -0.17
C PRO D 31 -10.44 -21.35 -0.21
N GLN D 32 -11.36 -20.51 -0.72
CA GLN D 32 -11.05 -19.10 -0.92
C GLN D 32 -10.83 -18.37 0.40
N ARG D 33 -11.65 -18.68 1.42
CA ARG D 33 -11.52 -18.01 2.70
C ARG D 33 -10.17 -18.28 3.34
N LYS D 34 -9.67 -19.51 3.23
CA LYS D 34 -8.35 -19.84 3.75
C LYS D 34 -7.22 -19.38 2.85
N GLN D 35 -7.52 -19.11 1.57
CA GLN D 35 -6.50 -18.64 0.63
C GLN D 35 -6.29 -17.13 0.68
N GLU D 36 -7.31 -16.38 1.10
CA GLU D 36 -7.19 -14.92 1.12
C GLU D 36 -6.03 -14.41 1.97
N PRO D 37 -5.84 -14.84 3.22
CA PRO D 37 -4.75 -14.28 4.04
C PRO D 37 -3.37 -14.83 3.71
N ILE D 38 -3.24 -15.73 2.75
CA ILE D 38 -1.95 -16.31 2.40
C ILE D 38 -1.10 -15.30 1.64
N LYS D 39 -0.16 -14.67 2.32
CA LYS D 39 0.72 -13.68 1.71
C LYS D 39 2.18 -14.11 1.66
N ASP D 40 2.49 -15.34 2.07
CA ASP D 40 3.84 -15.89 1.95
C ASP D 40 3.73 -17.40 1.78
N ALA D 41 4.83 -18.01 1.33
CA ALA D 41 4.82 -19.43 1.04
C ALA D 41 4.63 -20.27 2.30
N LEU D 42 5.30 -19.91 3.40
CA LEU D 42 5.25 -20.70 4.62
C LEU D 42 3.81 -20.94 5.07
N MSE D 43 3.01 -19.87 5.12
CA MSE D 43 1.59 -19.97 5.45
C MSE D 43 0.92 -21.07 4.63
O MSE D 43 0.28 -21.96 5.18
CB MSE D 43 0.88 -18.64 5.20
CG MSE D 43 1.47 -17.47 5.96
SE MSE D 43 0.40 -15.86 5.79
CE MSE D 43 -1.24 -16.49 6.67
N LEU D 44 1.12 -21.00 3.31
CA LEU D 44 0.59 -22.03 2.43
C LEU D 44 1.00 -23.42 2.90
N PHE D 45 2.29 -23.60 3.16
CA PHE D 45 2.78 -24.89 3.66
C PHE D 45 2.01 -25.34 4.88
N GLN D 46 1.78 -24.41 5.82
CA GLN D 46 1.04 -24.74 7.03
C GLN D 46 -0.32 -25.32 6.69
N ARG D 47 -1.03 -24.70 5.75
CA ARG D 47 -2.33 -25.23 5.35
C ARG D 47 -2.20 -26.67 4.88
N LEU D 48 -1.20 -26.93 4.02
CA LEU D 48 -0.98 -28.31 3.57
C LEU D 48 -0.68 -29.22 4.76
N GLN D 49 0.11 -28.71 5.72
CA GLN D 49 0.41 -29.51 6.90
C GLN D 49 -0.84 -29.83 7.70
N GLU D 50 -1.86 -28.97 7.64
CA GLU D 50 -3.10 -29.26 8.34
C GLU D 50 -3.92 -30.33 7.64
N LYS D 51 -3.68 -30.57 6.36
CA LYS D 51 -4.35 -31.64 5.63
C LYS D 51 -3.45 -32.84 5.37
N ARG D 52 -2.29 -32.89 6.03
CA ARG D 52 -1.35 -34.01 5.91
C ARG D 52 -0.87 -34.19 4.48
N MSE D 53 -0.79 -33.09 3.73
CA MSE D 53 -0.30 -33.14 2.36
C MSE D 53 1.14 -32.64 2.33
O MSE D 53 1.75 -32.55 1.25
CB MSE D 53 -1.19 -32.32 1.44
CG MSE D 53 -2.61 -32.86 1.34
SE MSE D 53 -3.72 -31.87 0.07
CE MSE D 53 -3.69 -30.13 0.94
N LEU D 54 1.68 -32.32 3.50
CA LEU D 54 3.06 -31.85 3.60
C LEU D 54 3.62 -32.23 4.96
N GLU D 55 4.55 -33.18 4.97
CA GLU D 55 5.27 -33.58 6.17
C GLU D 55 6.63 -34.11 5.73
N GLU D 56 7.47 -34.42 6.72
CA GLU D 56 8.80 -34.93 6.40
C GLU D 56 8.74 -36.28 5.68
N SER D 57 7.63 -37.00 5.79
CA SER D 57 7.46 -38.27 5.12
C SER D 57 6.57 -38.21 3.89
N ASN D 58 5.95 -37.06 3.61
CA ASN D 58 5.07 -36.87 2.46
C ASN D 58 5.47 -35.57 1.77
N LEU D 59 6.33 -35.68 0.76
CA LEU D 59 6.74 -34.54 -0.05
C LEU D 59 6.15 -34.58 -1.45
N SER D 60 5.20 -35.48 -1.71
CA SER D 60 4.71 -35.67 -3.07
C SER D 60 4.00 -34.43 -3.59
N PHE D 61 3.13 -33.84 -2.78
CA PHE D 61 2.37 -32.67 -3.23
C PHE D 61 3.27 -31.44 -3.35
N LEU D 62 4.22 -31.28 -2.44
CA LEU D 62 5.16 -30.16 -2.54
C LEU D 62 6.01 -30.29 -3.79
N LYS D 63 6.51 -31.49 -4.06
CA LYS D 63 7.30 -31.71 -5.28
C LYS D 63 6.46 -31.47 -6.53
N GLU D 64 5.20 -31.91 -6.52
CA GLU D 64 4.32 -31.68 -7.66
C GLU D 64 4.08 -30.19 -7.88
N LEU D 65 3.86 -29.45 -6.79
CA LEU D 65 3.68 -28.01 -6.89
C LEU D 65 4.92 -27.33 -7.47
N LEU D 66 6.09 -27.67 -6.93
CA LEU D 66 7.32 -27.05 -7.41
C LEU D 66 7.64 -27.45 -8.85
N PHE D 67 7.19 -28.63 -9.28
CA PHE D 67 7.43 -29.07 -10.64
C PHE D 67 6.49 -28.38 -11.63
N ARG D 68 5.23 -28.20 -11.24
CA ARG D 68 4.26 -27.57 -12.15
C ARG D 68 4.55 -26.10 -12.39
N ILE D 69 5.23 -25.44 -11.46
CA ILE D 69 5.58 -24.03 -11.62
C ILE D 69 6.97 -23.93 -12.23
N ASN D 70 7.50 -25.07 -12.67
CA ASN D 70 8.78 -25.15 -13.39
C ASN D 70 9.95 -24.64 -12.54
N ARG D 71 9.90 -24.87 -11.24
CA ARG D 71 11.00 -24.52 -10.35
C ARG D 71 11.84 -25.77 -10.03
N LEU D 72 12.46 -26.30 -11.09
CA LEU D 72 13.26 -27.50 -10.96
C LEU D 72 14.51 -27.26 -10.11
N ASP D 73 14.99 -26.02 -10.03
CA ASP D 73 16.15 -25.72 -9.20
C ASP D 73 15.88 -26.04 -7.73
N LEU D 74 14.71 -25.65 -7.22
CA LEU D 74 14.36 -25.96 -5.85
C LEU D 74 14.17 -27.46 -5.66
N LEU D 75 13.60 -28.13 -6.66
CA LEU D 75 13.42 -29.59 -6.57
C LEU D 75 14.76 -30.31 -6.47
N ILE D 76 15.75 -29.87 -7.24
CA ILE D 76 17.04 -30.55 -7.22
C ILE D 76 17.87 -30.14 -6.00
N THR D 77 17.73 -28.90 -5.54
CA THR D 77 18.60 -28.41 -4.47
C THR D 77 18.08 -28.79 -3.09
N TYR D 78 16.78 -28.60 -2.84
CA TYR D 78 16.22 -28.78 -1.51
C TYR D 78 15.46 -30.09 -1.36
N LEU D 79 15.03 -30.71 -2.45
CA LEU D 79 14.27 -31.96 -2.38
C LEU D 79 15.01 -33.14 -3.00
N ASN D 80 16.17 -32.91 -3.61
CA ASN D 80 16.98 -33.98 -4.21
C ASN D 80 16.16 -34.77 -5.23
N THR D 81 15.54 -34.04 -6.16
CA THR D 81 14.69 -34.65 -7.17
C THR D 81 14.99 -34.01 -8.52
N ARG D 82 15.26 -34.83 -9.52
CA ARG D 82 15.61 -34.36 -10.84
C ARG D 82 14.35 -34.17 -11.69
N LYS D 83 14.54 -33.59 -12.88
CA LYS D 83 13.41 -33.29 -13.75
C LYS D 83 12.74 -34.56 -14.26
N GLU D 84 13.53 -35.57 -14.63
CA GLU D 84 12.97 -36.78 -15.19
C GLU D 84 12.14 -37.55 -14.17
N GLU D 85 12.65 -37.67 -12.94
CA GLU D 85 11.97 -38.42 -11.89
C GLU D 85 10.51 -38.01 -11.76
N MSE D 86 10.28 -36.74 -11.43
CA MSE D 86 8.93 -36.19 -11.31
C MSE D 86 8.07 -36.58 -12.49
O MSE D 86 6.93 -37.04 -12.30
CB MSE D 86 8.98 -34.66 -11.19
CG MSE D 86 9.44 -34.18 -9.83
SE MSE D 86 8.39 -34.93 -8.38
CE MSE D 86 6.61 -34.40 -8.99
N GLU D 87 8.61 -36.44 -13.71
CA GLU D 87 7.85 -36.79 -14.90
C GLU D 87 7.30 -38.20 -14.80
N ARG D 88 8.17 -39.18 -14.55
CA ARG D 88 7.72 -40.54 -14.39
C ARG D 88 6.71 -40.65 -13.26
N GLU D 89 6.99 -39.99 -12.14
CA GLU D 89 6.07 -40.03 -11.00
C GLU D 89 4.70 -39.49 -11.39
N LEU D 90 4.68 -38.47 -12.25
CA LEU D 90 3.42 -37.89 -12.67
C LEU D 90 2.82 -38.60 -13.88
N GLN D 91 3.57 -39.48 -14.54
CA GLN D 91 3.01 -40.26 -15.64
C GLN D 91 2.26 -41.49 -15.15
N THR D 92 2.58 -42.00 -13.97
CA THR D 92 1.80 -43.08 -13.40
C THR D 92 0.41 -42.57 -13.05
N PRO D 93 -0.66 -43.25 -13.46
CA PRO D 93 -2.00 -42.71 -13.23
C PRO D 93 -2.38 -42.75 -11.76
N GLY D 94 -3.29 -41.86 -11.38
CA GLY D 94 -3.72 -41.77 -10.00
C GLY D 94 -2.81 -40.92 -9.13
N ARG D 95 -1.49 -41.02 -9.36
CA ARG D 95 -0.53 -40.37 -8.47
C ARG D 95 -0.47 -38.86 -8.64
N ALA D 96 -1.06 -38.32 -9.70
CA ALA D 96 -1.08 -36.87 -9.90
C ALA D 96 -2.13 -36.26 -8.99
N GLN D 97 -1.70 -35.38 -8.08
CA GLN D 97 -2.63 -34.77 -7.14
C GLN D 97 -3.25 -33.49 -7.67
N ILE D 98 -2.51 -32.71 -8.46
CA ILE D 98 -3.09 -31.54 -9.12
C ILE D 98 -3.83 -32.00 -10.36
N SER D 99 -5.09 -31.60 -10.48
CA SER D 99 -5.90 -32.05 -11.61
C SER D 99 -5.33 -31.54 -12.93
N ALA D 100 -5.49 -32.35 -13.97
CA ALA D 100 -5.02 -31.96 -15.29
C ALA D 100 -5.78 -30.74 -15.81
N TYR D 101 -7.03 -30.56 -15.36
CA TYR D 101 -7.77 -29.36 -15.73
C TYR D 101 -7.14 -28.10 -15.15
N ARG D 102 -6.71 -28.17 -13.89
CA ARG D 102 -6.05 -27.03 -13.26
C ARG D 102 -4.74 -26.71 -13.95
N VAL D 103 -3.86 -27.71 -14.07
CA VAL D 103 -2.54 -27.51 -14.67
C VAL D 103 -2.68 -26.85 -16.03
N MSE D 104 -3.52 -27.42 -16.89
CA MSE D 104 -3.82 -26.85 -18.20
C MSE D 104 -4.05 -25.35 -18.10
O MSE D 104 -3.37 -24.57 -18.78
CB MSE D 104 -5.06 -27.54 -18.81
CG MSE D 104 -5.51 -26.96 -20.14
SE MSE D 104 -6.91 -25.61 -20.00
CE MSE D 104 -8.37 -26.74 -19.36
N LEU D 105 -4.98 -24.97 -17.23
CA LEU D 105 -5.29 -23.55 -17.06
C LEU D 105 -4.03 -22.75 -16.75
N TYR D 106 -3.25 -23.22 -15.77
CA TYR D 106 -2.03 -22.52 -15.41
C TYR D 106 -1.09 -22.41 -16.62
N GLN D 107 -1.00 -23.49 -17.40
CA GLN D 107 -0.13 -23.45 -18.57
C GLN D 107 -0.60 -22.41 -19.57
N ILE D 108 -1.92 -22.23 -19.69
CA ILE D 108 -2.42 -21.15 -20.54
C ILE D 108 -1.92 -19.81 -20.02
N SER D 109 -1.94 -19.62 -18.70
CA SER D 109 -1.41 -18.39 -18.12
C SER D 109 0.08 -18.23 -18.39
N GLU D 110 0.79 -19.31 -18.70
CA GLU D 110 2.19 -19.23 -19.06
C GLU D 110 2.41 -18.73 -20.48
N GLU D 111 1.38 -18.77 -21.32
CA GLU D 111 1.51 -18.42 -22.74
C GLU D 111 0.68 -17.19 -23.09
N VAL D 112 0.48 -16.30 -22.12
CA VAL D 112 -0.28 -15.07 -22.32
C VAL D 112 0.57 -13.90 -21.85
N SER D 113 0.78 -12.93 -22.73
CA SER D 113 1.57 -11.75 -22.39
C SER D 113 0.65 -10.71 -21.75
N ARG D 114 1.16 -9.49 -21.57
CA ARG D 114 0.36 -8.44 -20.93
C ARG D 114 -0.71 -7.92 -21.89
N SER D 115 -0.34 -7.66 -23.14
CA SER D 115 -1.32 -7.24 -24.13
C SER D 115 -2.33 -8.34 -24.42
N GLU D 116 -1.88 -9.60 -24.42
CA GLU D 116 -2.83 -10.70 -24.60
C GLU D 116 -3.78 -10.81 -23.42
N LEU D 117 -3.31 -10.52 -22.21
CA LEU D 117 -4.20 -10.50 -21.06
C LEU D 117 -5.20 -9.35 -21.14
N ARG D 118 -4.74 -8.19 -21.61
CA ARG D 118 -5.67 -7.07 -21.81
C ARG D 118 -6.73 -7.42 -22.85
N SER D 119 -6.33 -8.12 -23.92
CA SER D 119 -7.30 -8.54 -24.93
C SER D 119 -8.28 -9.57 -24.37
N PHE D 120 -7.81 -10.47 -23.51
CA PHE D 120 -8.69 -11.43 -22.86
C PHE D 120 -9.73 -10.72 -22.01
N LYS D 121 -9.27 -9.80 -21.15
CA LYS D 121 -10.19 -9.08 -20.27
C LYS D 121 -11.17 -8.23 -21.07
N GLY D 122 -10.71 -7.61 -22.17
CA GLY D 122 -11.62 -6.88 -23.03
C GLY D 122 -12.60 -7.78 -23.74
N GLY D 123 -12.21 -9.03 -24.01
CA GLY D 123 -13.12 -9.99 -24.60
C GLY D 123 -14.14 -10.55 -23.65
N LEU D 124 -13.90 -10.45 -22.34
CA LEU D 124 -14.86 -10.90 -21.35
C LEU D 124 -15.64 -9.74 -20.73
N GLN D 125 -16.06 -8.76 -21.53
CA GLN D 125 -16.75 -7.60 -20.98
C GLN D 125 -18.22 -7.90 -20.70
N GLU D 126 -18.90 -8.62 -21.60
CA GLU D 126 -20.33 -8.87 -21.45
C GLU D 126 -20.65 -9.92 -20.41
N GLU D 127 -19.66 -10.74 -20.02
CA GLU D 127 -19.91 -11.85 -19.10
C GLU D 127 -19.49 -11.57 -17.66
N ILE D 128 -18.56 -10.65 -17.44
CA ILE D 128 -18.04 -10.36 -16.10
C ILE D 128 -18.18 -8.86 -15.84
N SER D 129 -18.52 -8.51 -14.61
CA SER D 129 -18.66 -7.11 -14.23
C SER D 129 -17.32 -6.40 -14.27
N LYS D 130 -17.38 -5.06 -14.34
CA LYS D 130 -16.16 -4.27 -14.47
C LYS D 130 -15.30 -4.35 -13.22
N CYS D 131 -15.92 -4.48 -12.04
CA CYS D 131 -15.15 -4.54 -10.79
C CYS D 131 -14.19 -5.72 -10.78
N LYS D 132 -14.57 -6.83 -11.39
CA LYS D 132 -13.71 -8.00 -11.45
C LYS D 132 -12.85 -8.04 -12.72
N LEU D 133 -12.93 -7.00 -13.55
CA LEU D 133 -12.12 -6.89 -14.76
C LEU D 133 -11.12 -5.75 -14.68
N ASP D 134 -10.79 -5.30 -13.48
CA ASP D 134 -9.87 -4.18 -13.33
C ASP D 134 -8.47 -4.57 -13.82
N ASP D 135 -7.66 -3.54 -14.10
CA ASP D 135 -6.33 -3.77 -14.67
C ASP D 135 -5.39 -4.48 -13.70
N ASP D 136 -5.72 -4.49 -12.41
CA ASP D 136 -4.89 -5.13 -11.40
C ASP D 136 -5.23 -6.61 -11.22
N MSE D 137 -5.55 -7.32 -12.29
CA MSE D 137 -5.89 -8.73 -12.19
C MSE D 137 -5.20 -9.58 -13.26
O MSE D 137 -5.31 -9.29 -14.46
CB MSE D 137 -7.40 -8.93 -12.27
CG MSE D 137 -8.14 -8.51 -11.01
SE MSE D 137 -9.79 -9.52 -10.74
CE MSE D 137 -10.09 -9.11 -8.86
N ASN D 138 -4.53 -10.63 -12.81
CA ASN D 138 -3.85 -11.55 -13.71
C ASN D 138 -4.85 -12.57 -14.26
N LEU D 139 -4.38 -13.42 -15.17
CA LEU D 139 -5.26 -14.36 -15.86
C LEU D 139 -5.83 -15.41 -14.92
N LEU D 140 -5.09 -15.76 -13.85
CA LEU D 140 -5.60 -16.77 -12.92
C LEU D 140 -6.81 -16.25 -12.15
N ASP D 141 -6.82 -14.97 -11.78
CA ASP D 141 -7.99 -14.39 -11.14
C ASP D 141 -9.18 -14.38 -12.10
N ILE D 142 -8.92 -14.16 -13.39
CA ILE D 142 -10.00 -14.23 -14.38
C ILE D 142 -10.53 -15.66 -14.47
N PHE D 143 -9.64 -16.64 -14.44
CA PHE D 143 -10.08 -18.03 -14.42
C PHE D 143 -10.94 -18.32 -13.19
N ILE D 144 -10.54 -17.80 -12.03
CA ILE D 144 -11.31 -18.01 -10.81
C ILE D 144 -12.69 -17.39 -10.92
N GLU D 145 -12.77 -16.16 -11.46
CA GLU D 145 -14.06 -15.51 -11.62
C GLU D 145 -14.95 -16.27 -12.60
N MSE D 146 -14.36 -16.77 -13.69
CA MSE D 146 -15.10 -17.56 -14.67
C MSE D 146 -15.64 -18.83 -14.04
O MSE D 146 -16.77 -19.23 -14.31
CB MSE D 146 -14.20 -17.89 -15.87
CG MSE D 146 -13.84 -16.70 -16.73
SE MSE D 146 -13.23 -17.19 -18.52
CE MSE D 146 -11.83 -18.45 -18.03
N GLU D 147 -14.82 -19.48 -13.20
CA GLU D 147 -15.28 -20.66 -12.49
C GLU D 147 -16.42 -20.32 -11.53
N LYS D 148 -16.33 -19.15 -10.89
CA LYS D 148 -17.41 -18.70 -10.01
C LYS D 148 -18.71 -18.52 -10.78
N ARG D 149 -18.64 -17.94 -11.99
CA ARG D 149 -19.83 -17.73 -12.79
C ARG D 149 -20.18 -18.94 -13.66
N VAL D 150 -19.60 -20.11 -13.35
CA VAL D 150 -19.86 -21.37 -14.04
C VAL D 150 -19.83 -21.20 -15.56
N ILE D 151 -18.91 -20.39 -16.05
CA ILE D 151 -18.66 -20.32 -17.48
C ILE D 151 -17.41 -21.09 -17.87
N LEU D 152 -16.49 -21.30 -16.93
CA LEU D 152 -15.30 -22.12 -17.13
C LEU D 152 -15.36 -23.35 -16.24
N GLY D 153 -14.92 -24.48 -16.77
CA GLY D 153 -14.90 -25.71 -15.99
C GLY D 153 -14.32 -26.83 -16.84
N GLU D 154 -14.16 -27.99 -16.18
CA GLU D 154 -13.63 -29.15 -16.88
C GLU D 154 -14.59 -29.67 -17.96
N GLY D 155 -15.87 -29.35 -17.84
CA GLY D 155 -16.85 -29.76 -18.83
C GLY D 155 -17.39 -28.59 -19.63
N LYS D 156 -17.07 -27.38 -19.19
CA LYS D 156 -17.53 -26.14 -19.83
C LYS D 156 -16.29 -25.38 -20.28
N LEU D 157 -15.83 -25.64 -21.49
CA LEU D 157 -14.67 -24.96 -22.07
C LEU D 157 -15.03 -24.13 -23.29
N ASP D 158 -16.32 -23.93 -23.58
CA ASP D 158 -16.70 -23.27 -24.82
C ASP D 158 -16.24 -21.81 -24.85
N ILE D 159 -16.56 -21.05 -23.80
CA ILE D 159 -16.16 -19.65 -23.76
C ILE D 159 -14.64 -19.53 -23.70
N LEU D 160 -13.97 -20.49 -23.05
CA LEU D 160 -12.51 -20.48 -23.00
C LEU D 160 -11.93 -20.59 -24.41
N LYS D 161 -12.41 -21.56 -25.19
CA LYS D 161 -11.96 -21.70 -26.57
C LYS D 161 -12.30 -20.46 -27.38
N ARG D 162 -13.49 -19.89 -27.17
CA ARG D 162 -13.92 -18.72 -27.92
C ARG D 162 -12.98 -17.54 -27.70
N VAL D 163 -12.66 -17.28 -26.43
CA VAL D 163 -11.80 -16.13 -26.13
C VAL D 163 -10.36 -16.42 -26.51
N CYS D 164 -9.90 -17.66 -26.40
CA CYS D 164 -8.53 -17.98 -26.76
C CYS D 164 -8.33 -17.87 -28.26
N ALA D 165 -9.32 -18.28 -29.05
CA ALA D 165 -9.21 -18.17 -30.50
C ALA D 165 -9.08 -16.74 -30.95
N GLN D 166 -9.63 -15.79 -30.18
CA GLN D 166 -9.53 -14.37 -30.52
C GLN D 166 -8.14 -13.80 -30.27
N ILE D 167 -7.27 -14.54 -29.59
CA ILE D 167 -5.95 -14.03 -29.23
C ILE D 167 -4.85 -14.85 -29.89
N ASN D 168 -4.86 -16.17 -29.65
CA ASN D 168 -3.78 -17.02 -30.14
C ASN D 168 -4.32 -18.41 -30.46
N LYS D 169 -3.59 -19.12 -31.31
CA LYS D 169 -3.99 -20.46 -31.73
C LYS D 169 -3.34 -21.56 -30.89
N SER D 170 -2.16 -21.30 -30.33
CA SER D 170 -1.51 -22.31 -29.50
C SER D 170 -2.30 -22.59 -28.23
N LEU D 171 -3.04 -21.59 -27.74
CA LEU D 171 -3.90 -21.80 -26.59
C LEU D 171 -4.99 -22.83 -26.91
N LEU D 172 -5.57 -22.72 -28.11
CA LEU D 172 -6.53 -23.74 -28.55
C LEU D 172 -5.87 -25.11 -28.66
N LYS D 173 -4.60 -25.15 -29.05
CA LYS D 173 -3.88 -26.43 -29.10
C LYS D 173 -3.74 -27.03 -27.71
N ILE D 174 -3.41 -26.19 -26.71
CA ILE D 174 -3.32 -26.68 -25.34
C ILE D 174 -4.68 -27.18 -24.86
N ILE D 175 -5.74 -26.43 -25.16
CA ILE D 175 -7.08 -26.82 -24.74
C ILE D 175 -7.46 -28.17 -25.36
N ASN D 176 -7.19 -28.33 -26.65
CA ASN D 176 -7.55 -29.58 -27.32
C ASN D 176 -6.69 -30.75 -26.84
N ASP D 177 -5.41 -30.49 -26.53
CA ASP D 177 -4.57 -31.54 -25.98
C ASP D 177 -5.10 -32.00 -24.62
N TYR D 178 -5.51 -31.05 -23.77
CA TYR D 178 -6.13 -31.43 -22.51
C TYR D 178 -7.43 -32.20 -22.73
N GLU D 179 -8.22 -31.78 -23.73
CA GLU D 179 -9.50 -32.42 -23.99
C GLU D 179 -9.32 -33.86 -24.46
N GLU D 180 -8.29 -34.13 -25.26
CA GLU D 180 -8.06 -35.49 -25.72
C GLU D 180 -7.66 -36.42 -24.58
N PHE D 181 -7.10 -35.89 -23.49
CA PHE D 181 -6.81 -36.68 -22.30
C PHE D 181 -8.07 -36.88 -21.45
N SER D 182 -9.10 -37.43 -22.10
CA SER D 182 -10.37 -37.67 -21.44
C SER D 182 -11.17 -38.76 -22.14
N ASP E 2 -21.64 14.33 -37.87
CA ASP E 2 -20.62 13.52 -37.21
C ASP E 2 -19.27 14.23 -37.29
N PHE E 3 -19.16 15.33 -36.54
CA PHE E 3 -17.97 16.17 -36.57
C PHE E 3 -16.71 15.40 -36.21
N SER E 4 -16.78 14.54 -35.20
CA SER E 4 -15.60 13.77 -34.80
C SER E 4 -15.16 12.82 -35.91
N ARG E 5 -16.12 12.15 -36.57
CA ARG E 5 -15.77 11.27 -37.68
C ARG E 5 -15.18 12.05 -38.84
N ASN E 6 -15.71 13.26 -39.07
CA ASN E 6 -15.17 14.11 -40.14
C ASN E 6 -13.72 14.50 -39.84
N LEU E 7 -13.44 14.88 -38.59
CA LEU E 7 -12.06 15.21 -38.22
C LEU E 7 -11.15 13.99 -38.36
N TYR E 8 -11.65 12.80 -37.98
CA TYR E 8 -10.84 11.59 -38.11
C TYR E 8 -10.53 11.28 -39.56
N ASP E 9 -11.52 11.42 -40.44
CA ASP E 9 -11.29 11.18 -41.87
C ASP E 9 -10.34 12.20 -42.46
N ILE E 10 -10.49 13.48 -42.08
CA ILE E 10 -9.57 14.51 -42.57
C ILE E 10 -8.14 14.19 -42.14
N GLY E 11 -7.96 13.77 -40.89
CA GLY E 11 -6.62 13.43 -40.42
C GLY E 11 -6.05 12.20 -41.10
N GLU E 12 -6.91 11.22 -41.39
CA GLU E 12 -6.44 10.01 -42.05
C GLU E 12 -5.98 10.24 -43.49
N GLN E 13 -6.45 11.31 -44.13
CA GLN E 13 -6.05 11.63 -45.49
C GLN E 13 -4.82 12.54 -45.56
N LEU E 14 -4.07 12.65 -44.47
CA LEU E 14 -2.88 13.49 -44.41
C LEU E 14 -1.66 12.65 -44.09
N ASP E 15 -0.57 12.88 -44.82
CA ASP E 15 0.66 12.14 -44.64
C ASP E 15 1.59 12.89 -43.67
N SER E 16 2.84 12.40 -43.53
CA SER E 16 3.76 13.00 -42.57
C SER E 16 4.26 14.36 -43.02
N GLU E 17 4.43 14.57 -44.33
CA GLU E 17 4.89 15.86 -44.82
C GLU E 17 3.82 16.93 -44.59
N ASP E 18 2.56 16.60 -44.91
CA ASP E 18 1.47 17.52 -44.60
C ASP E 18 1.38 17.79 -43.11
N LEU E 19 1.67 16.77 -42.29
CA LEU E 19 1.66 16.97 -40.84
C LEU E 19 2.74 17.94 -40.40
N ALA E 20 3.94 17.82 -40.97
CA ALA E 20 5.02 18.75 -40.63
C ALA E 20 4.66 20.17 -41.07
N SER E 21 4.05 20.30 -42.25
CA SER E 21 3.63 21.62 -42.72
C SER E 21 2.60 22.23 -41.78
N LEU E 22 1.61 21.44 -41.37
CA LEU E 22 0.58 21.94 -40.45
C LEU E 22 1.18 22.30 -39.10
N LYS E 23 2.12 21.49 -38.60
CA LYS E 23 2.75 21.79 -37.33
C LYS E 23 3.57 23.08 -37.39
N PHE E 24 4.25 23.31 -38.52
CA PHE E 24 4.98 24.56 -38.67
C PHE E 24 4.03 25.75 -38.76
N LEU E 25 2.93 25.60 -39.50
CA LEU E 25 1.97 26.69 -39.64
C LEU E 25 1.24 26.98 -38.34
N SER E 26 1.25 26.04 -37.39
CA SER E 26 0.60 26.22 -36.10
C SER E 26 1.60 26.49 -34.98
N LEU E 27 2.79 26.98 -35.30
CA LEU E 27 3.80 27.22 -34.28
C LEU E 27 3.41 28.37 -33.35
N ASP E 28 2.65 29.35 -33.85
CA ASP E 28 2.26 30.49 -33.03
C ASP E 28 1.19 30.14 -31.99
N TYR E 29 0.63 28.93 -32.02
CA TYR E 29 -0.41 28.54 -31.08
C TYR E 29 -0.09 27.28 -30.29
N ILE E 30 0.80 26.43 -30.76
CA ILE E 30 1.18 25.19 -30.08
C ILE E 30 2.69 25.22 -29.85
N PRO E 31 3.15 25.22 -28.59
CA PRO E 31 4.60 25.31 -28.33
C PRO E 31 5.37 24.07 -28.77
N GLN E 32 6.70 24.11 -28.65
CA GLN E 32 7.52 23.02 -29.17
C GLN E 32 7.30 21.73 -28.38
N ARG E 33 7.18 21.84 -27.05
CA ARG E 33 6.98 20.65 -26.24
C ARG E 33 5.64 19.98 -26.55
N LYS E 34 4.60 20.78 -26.81
CA LYS E 34 3.31 20.23 -27.16
C LYS E 34 3.25 19.75 -28.61
N GLN E 35 4.16 20.21 -29.46
CA GLN E 35 4.22 19.76 -30.85
C GLN E 35 5.04 18.48 -31.00
N GLU E 36 5.99 18.24 -30.10
CA GLU E 36 6.84 17.05 -30.22
C GLU E 36 6.07 15.74 -30.25
N PRO E 37 5.11 15.47 -29.35
CA PRO E 37 4.41 14.18 -29.40
C PRO E 37 3.33 14.10 -30.47
N ILE E 38 3.08 15.17 -31.21
CA ILE E 38 2.08 15.16 -32.28
C ILE E 38 2.69 14.41 -33.46
N LYS E 39 2.31 13.14 -33.63
CA LYS E 39 2.84 12.31 -34.70
C LYS E 39 1.78 11.92 -35.73
N ASP E 40 0.58 12.48 -35.61
CA ASP E 40 -0.46 12.30 -36.62
C ASP E 40 -1.29 13.58 -36.68
N ALA E 41 -2.05 13.72 -37.76
CA ALA E 41 -2.81 14.95 -37.96
C ALA E 41 -3.91 15.11 -36.91
N LEU E 42 -4.62 14.03 -36.60
CA LEU E 42 -5.72 14.10 -35.65
C LEU E 42 -5.26 14.67 -34.31
N MSE E 43 -4.14 14.18 -33.80
CA MSE E 43 -3.59 14.64 -32.53
C MSE E 43 -3.33 16.14 -32.53
O MSE E 43 -3.39 16.80 -31.48
CB MSE E 43 -2.29 13.90 -32.20
CG MSE E 43 -2.49 12.47 -31.76
SE MSE E 43 -0.80 11.56 -31.35
CE MSE E 43 -1.52 9.86 -30.72
N LEU E 44 -3.04 16.70 -33.70
CA LEU E 44 -2.91 18.15 -33.82
C LEU E 44 -4.27 18.83 -33.65
N PHE E 45 -5.27 18.35 -34.40
CA PHE E 45 -6.61 18.92 -34.31
C PHE E 45 -7.11 18.95 -32.88
N GLN E 46 -6.91 17.85 -32.14
CA GLN E 46 -7.32 17.79 -30.74
C GLN E 46 -6.71 18.93 -29.95
N ARG E 47 -5.40 19.19 -30.15
CA ARG E 47 -4.76 20.30 -29.47
C ARG E 47 -5.48 21.61 -29.78
N LEU E 48 -5.82 21.83 -31.05
CA LEU E 48 -6.57 23.02 -31.41
C LEU E 48 -7.91 23.05 -30.69
N GLN E 49 -8.56 21.89 -30.55
CA GLN E 49 -9.82 21.83 -29.82
C GLN E 49 -9.63 22.21 -28.36
N GLU E 50 -8.44 21.95 -27.81
CA GLU E 50 -8.16 22.36 -26.43
C GLU E 50 -7.91 23.85 -26.31
N LYS E 51 -7.59 24.53 -27.42
CA LYS E 51 -7.39 25.97 -27.42
C LYS E 51 -8.57 26.73 -28.03
N ARG E 52 -9.71 26.05 -28.22
CA ARG E 52 -10.93 26.68 -28.74
C ARG E 52 -10.71 27.28 -30.13
N MSE E 53 -9.90 26.62 -30.95
CA MSE E 53 -9.68 27.07 -32.32
C MSE E 53 -10.18 26.03 -33.32
O MSE E 53 -9.90 26.12 -34.52
CB MSE E 53 -8.20 27.37 -32.57
CG MSE E 53 -7.72 28.64 -31.88
SE MSE E 53 -5.77 28.78 -31.85
CE MSE E 53 -5.62 30.42 -30.80
N LEU E 54 -10.92 25.04 -32.82
CA LEU E 54 -11.48 24.01 -33.68
C LEU E 54 -12.69 23.39 -32.99
N GLU E 55 -13.87 23.65 -33.53
CA GLU E 55 -15.10 23.05 -33.02
C GLU E 55 -16.08 22.93 -34.18
N GLU E 56 -17.22 22.29 -33.92
CA GLU E 56 -18.22 22.12 -34.96
C GLU E 56 -18.81 23.44 -35.43
N SER E 57 -18.67 24.51 -34.64
CA SER E 57 -19.16 25.82 -35.04
C SER E 57 -18.05 26.76 -35.47
N ASN E 58 -16.79 26.37 -35.35
CA ASN E 58 -15.64 27.18 -35.73
C ASN E 58 -14.69 26.29 -36.53
N LEU E 59 -14.82 26.33 -37.85
CA LEU E 59 -13.95 25.59 -38.75
C LEU E 59 -12.98 26.51 -39.49
N SER E 60 -12.90 27.78 -39.08
CA SER E 60 -12.12 28.76 -39.83
C SER E 60 -10.64 28.40 -39.85
N PHE E 61 -10.08 28.03 -38.68
CA PHE E 61 -8.65 27.76 -38.62
C PHE E 61 -8.30 26.47 -39.34
N LEU E 62 -9.15 25.45 -39.24
CA LEU E 62 -8.89 24.20 -39.96
C LEU E 62 -8.93 24.43 -41.47
N LYS E 63 -9.94 25.18 -41.94
CA LYS E 63 -10.02 25.49 -43.36
C LYS E 63 -8.82 26.32 -43.82
N GLU E 64 -8.38 27.27 -43.00
CA GLU E 64 -7.22 28.07 -43.35
C GLU E 64 -5.96 27.20 -43.44
N LEU E 65 -5.80 26.28 -42.49
CA LEU E 65 -4.67 25.36 -42.54
C LEU E 65 -4.71 24.51 -43.80
N LEU E 66 -5.87 23.94 -44.12
CA LEU E 66 -5.98 23.10 -45.31
C LEU E 66 -5.79 23.89 -46.60
N PHE E 67 -6.12 25.19 -46.58
CA PHE E 67 -5.95 26.02 -47.77
C PHE E 67 -4.49 26.42 -47.95
N ARG E 68 -3.79 26.75 -46.85
CA ARG E 68 -2.40 27.15 -46.93
C ARG E 68 -1.49 26.01 -47.33
N ILE E 69 -1.92 24.77 -47.08
CA ILE E 69 -1.14 23.58 -47.41
C ILE E 69 -1.53 23.07 -48.79
N ASN E 70 -2.37 23.83 -49.49
CA ASN E 70 -2.78 23.53 -50.87
C ASN E 70 -3.48 22.18 -50.97
N ARG E 71 -4.20 21.78 -49.92
CA ARG E 71 -4.99 20.55 -49.95
C ARG E 71 -6.46 20.86 -50.17
N LEU E 72 -6.76 21.40 -51.35
CA LEU E 72 -8.13 21.79 -51.70
C LEU E 72 -9.05 20.58 -51.86
N ASP E 73 -8.51 19.41 -52.17
CA ASP E 73 -9.34 18.23 -52.31
C ASP E 73 -10.04 17.89 -51.00
N LEU E 74 -9.32 17.96 -49.88
CA LEU E 74 -9.95 17.69 -48.59
C LEU E 74 -10.97 18.76 -48.24
N LEU E 75 -10.69 20.02 -48.59
CA LEU E 75 -11.64 21.10 -48.35
C LEU E 75 -12.94 20.87 -49.11
N ILE E 76 -12.83 20.36 -50.35
CA ILE E 76 -14.03 20.15 -51.16
C ILE E 76 -14.76 18.87 -50.73
N THR E 77 -14.02 17.85 -50.29
CA THR E 77 -14.64 16.56 -50.03
C THR E 77 -15.24 16.50 -48.63
N TYR E 78 -14.49 16.94 -47.60
CA TYR E 78 -14.93 16.77 -46.23
C TYR E 78 -15.48 18.03 -45.59
N LEU E 79 -15.17 19.21 -46.14
CA LEU E 79 -15.66 20.46 -45.56
C LEU E 79 -16.60 21.23 -46.49
N ASN E 80 -16.79 20.77 -47.73
CA ASN E 80 -17.72 21.39 -48.67
C ASN E 80 -17.39 22.87 -48.88
N THR E 81 -16.12 23.14 -49.20
CA THR E 81 -15.65 24.51 -49.39
C THR E 81 -14.76 24.57 -50.63
N ARG E 82 -15.09 25.50 -51.53
CA ARG E 82 -14.35 25.67 -52.77
C ARG E 82 -13.20 26.66 -52.58
N LYS E 83 -12.37 26.77 -53.63
CA LYS E 83 -11.20 27.63 -53.56
C LYS E 83 -11.60 29.10 -53.44
N GLU E 84 -12.63 29.51 -54.19
CA GLU E 84 -13.05 30.90 -54.19
C GLU E 84 -13.55 31.32 -52.81
N GLU E 85 -14.31 30.45 -52.15
CA GLU E 85 -14.77 30.74 -50.79
C GLU E 85 -13.60 31.12 -49.89
N MSE E 86 -12.52 30.33 -49.95
CA MSE E 86 -11.33 30.57 -49.14
C MSE E 86 -10.59 31.83 -49.56
O MSE E 86 -10.07 32.55 -48.71
CB MSE E 86 -10.40 29.37 -49.21
CG MSE E 86 -11.00 28.08 -48.67
SE MSE E 86 -11.04 28.03 -46.72
CE MSE E 86 -12.76 28.89 -46.38
N GLU E 87 -10.53 32.09 -50.87
CA GLU E 87 -9.94 33.33 -51.35
C GLU E 87 -10.66 34.54 -50.75
N ARG E 88 -11.99 34.58 -50.88
CA ARG E 88 -12.77 35.66 -50.30
C ARG E 88 -12.58 35.74 -48.79
N GLU E 89 -12.61 34.59 -48.11
CA GLU E 89 -12.47 34.58 -46.65
C GLU E 89 -11.12 35.13 -46.20
N LEU E 90 -10.05 34.82 -46.91
CA LEU E 90 -8.72 35.27 -46.51
C LEU E 90 -8.33 36.62 -47.09
N GLN E 91 -9.11 37.16 -48.03
CA GLN E 91 -8.79 38.49 -48.54
C GLN E 91 -9.26 39.59 -47.58
N THR E 92 -10.27 39.30 -46.77
CA THR E 92 -10.68 40.24 -45.73
C THR E 92 -9.57 40.35 -44.68
N PRO E 93 -9.19 41.57 -44.28
CA PRO E 93 -7.99 41.74 -43.44
C PRO E 93 -8.14 41.29 -41.99
N GLY E 94 -9.24 40.67 -41.58
CA GLY E 94 -9.35 40.35 -40.16
C GLY E 94 -9.38 38.89 -39.76
N ARG E 95 -10.09 38.06 -40.54
CA ARG E 95 -10.31 36.67 -40.17
C ARG E 95 -9.09 35.78 -40.35
N ALA E 96 -8.01 36.27 -40.95
CA ALA E 96 -6.84 35.44 -41.14
C ALA E 96 -6.15 35.22 -39.80
N GLN E 97 -6.08 33.95 -39.38
CA GLN E 97 -5.54 33.57 -38.08
C GLN E 97 -4.04 33.30 -38.08
N ILE E 98 -3.50 32.78 -39.18
CA ILE E 98 -2.06 32.57 -39.28
C ILE E 98 -1.40 33.89 -39.66
N SER E 99 -0.38 34.27 -38.89
CA SER E 99 0.30 35.55 -39.11
C SER E 99 0.95 35.57 -40.49
N ALA E 100 0.99 36.78 -41.08
CA ALA E 100 1.61 36.94 -42.40
C ALA E 100 3.10 36.62 -42.36
N TYR E 101 3.73 36.80 -41.19
CA TYR E 101 5.15 36.44 -41.08
C TYR E 101 5.35 34.93 -41.20
N ARG E 102 4.48 34.14 -40.58
CA ARG E 102 4.59 32.69 -40.68
C ARG E 102 4.36 32.21 -42.11
N VAL E 103 3.23 32.62 -42.71
CA VAL E 103 2.87 32.18 -44.05
C VAL E 103 4.02 32.40 -45.03
N MSE E 104 4.54 33.63 -45.04
CA MSE E 104 5.69 33.98 -45.87
C MSE E 104 6.79 32.94 -45.76
O MSE E 104 7.22 32.38 -46.77
CB MSE E 104 6.23 35.36 -45.47
CG MSE E 104 7.45 35.80 -46.27
SE MSE E 104 9.13 35.50 -45.34
CE MSE E 104 8.92 36.77 -43.87
N LEU E 105 7.19 32.64 -44.52
CA LEU E 105 8.25 31.65 -44.30
C LEU E 105 7.89 30.34 -44.99
N TYR E 106 6.67 29.85 -44.74
CA TYR E 106 6.25 28.59 -45.36
C TYR E 106 6.31 28.69 -46.87
N GLN E 107 5.89 29.84 -47.42
CA GLN E 107 5.92 30.00 -48.87
C GLN E 107 7.35 29.95 -49.40
N ILE E 108 8.31 30.47 -48.62
CA ILE E 108 9.71 30.34 -49.01
C ILE E 108 10.08 28.87 -49.11
N SER E 109 9.64 28.06 -48.14
CA SER E 109 9.90 26.63 -48.21
C SER E 109 9.24 25.98 -49.41
N GLU E 110 8.21 26.62 -49.97
CA GLU E 110 7.58 26.11 -51.18
C GLU E 110 8.37 26.40 -52.44
N GLU E 111 9.31 27.35 -52.38
CA GLU E 111 10.04 27.80 -53.57
C GLU E 111 11.54 27.52 -53.46
N VAL E 112 11.92 26.46 -52.75
CA VAL E 112 13.32 26.09 -52.57
C VAL E 112 13.51 24.63 -52.97
N SER E 113 14.46 24.38 -53.86
CA SER E 113 14.76 23.03 -54.30
C SER E 113 15.78 22.40 -53.34
N ARG E 114 16.31 21.23 -53.71
CA ARG E 114 17.26 20.53 -52.84
C ARG E 114 18.64 21.19 -52.89
N SER E 115 19.12 21.54 -54.08
CA SER E 115 20.39 22.25 -54.19
C SER E 115 20.30 23.62 -53.53
N GLU E 116 19.14 24.28 -53.65
CA GLU E 116 18.96 25.54 -52.95
C GLU E 116 18.94 25.35 -51.44
N LEU E 117 18.43 24.21 -50.96
CA LEU E 117 18.50 23.91 -49.54
C LEU E 117 19.95 23.70 -49.10
N ARG E 118 20.75 23.04 -49.96
CA ARG E 118 22.17 22.89 -49.68
C ARG E 118 22.86 24.25 -49.60
N SER E 119 22.51 25.15 -50.52
CA SER E 119 23.10 26.49 -50.51
C SER E 119 22.68 27.27 -49.27
N PHE E 120 21.43 27.12 -48.84
CA PHE E 120 20.97 27.76 -47.62
C PHE E 120 21.76 27.26 -46.41
N LYS E 121 21.89 25.93 -46.30
CA LYS E 121 22.64 25.35 -45.19
C LYS E 121 24.09 25.79 -45.20
N GLY E 122 24.70 25.86 -46.38
CA GLY E 122 26.06 26.37 -46.47
C GLY E 122 26.17 27.85 -46.15
N GLY E 123 25.11 28.61 -46.42
CA GLY E 123 25.11 30.02 -46.09
C GLY E 123 24.90 30.33 -44.63
N LEU E 124 24.34 29.39 -43.86
CA LEU E 124 24.16 29.60 -42.42
C LEU E 124 25.17 28.83 -41.60
N GLN E 125 26.44 28.84 -42.00
CA GLN E 125 27.46 28.11 -41.25
C GLN E 125 27.95 28.89 -40.03
N GLU E 126 28.10 30.20 -40.16
CA GLU E 126 28.66 31.01 -39.07
C GLU E 126 27.67 31.24 -37.94
N GLU E 127 26.37 31.06 -38.19
CA GLU E 127 25.34 31.30 -37.19
C GLU E 127 24.76 30.04 -36.58
N ILE E 128 24.84 28.90 -37.27
CA ILE E 128 24.23 27.65 -36.82
C ILE E 128 25.28 26.56 -36.76
N SER E 129 25.22 25.75 -35.71
CA SER E 129 26.13 24.62 -35.55
C SER E 129 25.83 23.55 -36.60
N LYS E 130 26.80 22.66 -36.81
CA LYS E 130 26.64 21.60 -37.81
C LYS E 130 25.56 20.61 -37.42
N CYS E 131 25.36 20.38 -36.12
CA CYS E 131 24.35 19.43 -35.68
C CYS E 131 22.95 19.82 -36.14
N LYS E 132 22.67 21.12 -36.21
CA LYS E 132 21.38 21.60 -36.69
C LYS E 132 21.38 21.86 -38.19
N LEU E 133 22.49 21.57 -38.86
CA LEU E 133 22.63 21.71 -40.30
C LEU E 133 22.79 20.35 -40.98
N ASP E 134 22.37 19.27 -40.32
CA ASP E 134 22.51 17.93 -40.85
C ASP E 134 21.64 17.75 -42.10
N ASP E 135 21.94 16.70 -42.87
CA ASP E 135 21.28 16.49 -44.15
C ASP E 135 19.79 16.22 -44.03
N ASP E 136 19.30 15.85 -42.85
CA ASP E 136 17.88 15.59 -42.65
C ASP E 136 17.10 16.85 -42.26
N MSE E 137 17.69 18.03 -42.47
CA MSE E 137 17.05 19.28 -42.06
C MSE E 137 16.45 20.03 -43.24
O MSE E 137 17.15 20.39 -44.18
CB MSE E 137 18.04 20.17 -41.33
CG MSE E 137 18.48 19.66 -39.97
SE MSE E 137 17.28 20.19 -38.51
CE MSE E 137 15.95 18.78 -38.66
N ASN E 138 15.14 20.25 -43.18
CA ASN E 138 14.44 21.03 -44.20
C ASN E 138 14.48 22.52 -43.81
N LEU E 139 13.95 23.37 -44.69
CA LEU E 139 14.05 24.81 -44.50
C LEU E 139 13.23 25.28 -43.30
N LEU E 140 12.13 24.58 -42.97
CA LEU E 140 11.32 24.99 -41.84
C LEU E 140 12.05 24.77 -40.52
N ASP E 141 12.78 23.66 -40.40
CA ASP E 141 13.59 23.43 -39.21
C ASP E 141 14.70 24.45 -39.10
N ILE E 142 15.27 24.88 -40.23
CA ILE E 142 16.28 25.94 -40.20
C ILE E 142 15.66 27.25 -39.74
N PHE E 143 14.45 27.56 -40.20
CA PHE E 143 13.74 28.74 -39.71
C PHE E 143 13.52 28.66 -38.20
N ILE E 144 13.14 27.49 -37.70
CA ILE E 144 12.91 27.32 -36.27
C ILE E 144 14.20 27.53 -35.49
N GLU E 145 15.31 26.96 -35.98
CA GLU E 145 16.58 27.13 -35.30
C GLU E 145 17.03 28.58 -35.32
N MSE E 146 16.80 29.28 -36.42
CA MSE E 146 17.15 30.69 -36.53
C MSE E 146 16.34 31.53 -35.54
O MSE E 146 16.86 32.44 -34.91
CB MSE E 146 16.94 31.20 -37.96
CG MSE E 146 18.01 30.75 -38.93
SE MSE E 146 18.15 31.95 -40.47
CE MSE E 146 16.38 31.69 -41.21
N GLU E 147 15.05 31.21 -35.43
CA GLU E 147 14.22 31.89 -34.44
C GLU E 147 14.71 31.62 -33.03
N LYS E 148 15.15 30.40 -32.77
CA LYS E 148 15.70 30.06 -31.45
C LYS E 148 16.95 30.89 -31.16
N ARG E 149 17.83 31.04 -32.16
CA ARG E 149 19.07 31.81 -32.00
C ARG E 149 18.88 33.30 -32.25
N VAL E 150 17.64 33.79 -32.22
CA VAL E 150 17.22 35.18 -32.37
C VAL E 150 17.92 35.88 -33.53
N ILE E 151 18.11 35.17 -34.64
CA ILE E 151 18.60 35.79 -35.87
C ILE E 151 17.48 36.02 -36.87
N LEU E 152 16.38 35.27 -36.79
CA LEU E 152 15.21 35.45 -37.63
C LEU E 152 14.02 35.88 -36.77
N GLY E 153 13.22 36.80 -37.30
CA GLY E 153 12.05 37.28 -36.57
C GLY E 153 11.29 38.29 -37.41
N GLU E 154 10.16 38.73 -36.85
CA GLU E 154 9.33 39.72 -37.53
C GLU E 154 10.03 41.06 -37.68
N GLY E 155 11.03 41.35 -36.84
CA GLY E 155 11.75 42.60 -36.94
C GLY E 155 13.19 42.42 -37.40
N LYS E 156 13.64 41.16 -37.45
CA LYS E 156 15.00 40.82 -37.85
C LYS E 156 14.92 39.92 -39.08
N LEU E 157 14.94 40.54 -40.27
CA LEU E 157 14.92 39.82 -41.53
C LEU E 157 16.20 40.03 -42.33
N ASP E 158 17.23 40.62 -41.72
CA ASP E 158 18.44 40.98 -42.45
C ASP E 158 19.17 39.74 -42.96
N ILE E 159 19.44 38.79 -42.06
CA ILE E 159 20.15 37.58 -42.46
C ILE E 159 19.32 36.76 -43.44
N LEU E 160 18.00 36.76 -43.30
CA LEU E 160 17.14 36.06 -44.25
C LEU E 160 17.31 36.61 -45.65
N LYS E 161 17.24 37.94 -45.79
CA LYS E 161 17.45 38.57 -47.10
C LYS E 161 18.86 38.30 -47.61
N ARG E 162 19.85 38.33 -46.71
CA ARG E 162 21.23 38.10 -47.12
C ARG E 162 21.40 36.71 -47.73
N VAL E 163 20.86 35.69 -47.07
CA VAL E 163 21.02 34.33 -47.57
C VAL E 163 20.14 34.09 -48.79
N CYS E 164 18.94 34.70 -48.85
CA CYS E 164 18.05 34.47 -49.98
C CYS E 164 18.54 35.14 -51.25
N ALA E 165 19.12 36.33 -51.13
CA ALA E 165 19.61 37.04 -52.32
C ALA E 165 20.74 36.28 -53.00
N GLN E 166 21.52 35.51 -52.23
CA GLN E 166 22.60 34.72 -52.81
C GLN E 166 22.12 33.49 -53.56
N ILE E 167 20.83 33.15 -53.47
CA ILE E 167 20.33 31.92 -54.08
C ILE E 167 19.35 32.25 -55.20
N ASN E 168 18.30 33.01 -54.89
CA ASN E 168 17.26 33.28 -55.85
C ASN E 168 16.68 34.67 -55.60
N LYS E 169 16.03 35.21 -56.62
CA LYS E 169 15.43 36.54 -56.53
C LYS E 169 13.97 36.50 -56.10
N SER E 170 13.28 35.40 -56.41
CA SER E 170 11.88 35.29 -56.01
C SER E 170 11.73 35.20 -54.50
N LEU E 171 12.72 34.63 -53.81
CA LEU E 171 12.67 34.58 -52.35
C LEU E 171 12.74 35.98 -51.75
N LEU E 172 13.66 36.82 -52.26
CA LEU E 172 13.71 38.21 -51.82
C LEU E 172 12.45 38.96 -52.22
N LYS E 173 11.86 38.61 -53.37
CA LYS E 173 10.59 39.23 -53.76
C LYS E 173 9.49 38.90 -52.77
N ILE E 174 9.41 37.64 -52.32
CA ILE E 174 8.42 37.25 -51.32
C ILE E 174 8.67 38.00 -50.01
N ILE E 175 9.94 38.11 -49.61
CA ILE E 175 10.26 38.82 -48.38
C ILE E 175 9.83 40.27 -48.47
N ASN E 176 10.10 40.92 -49.60
CA ASN E 176 9.74 42.33 -49.76
C ASN E 176 8.22 42.49 -49.84
N ASP E 177 7.52 41.54 -50.45
CA ASP E 177 6.07 41.60 -50.48
C ASP E 177 5.48 41.50 -49.08
N TYR E 178 6.02 40.60 -48.26
CA TYR E 178 5.58 40.52 -46.87
C TYR E 178 5.88 41.82 -46.13
N GLU E 179 7.06 42.41 -46.38
CA GLU E 179 7.44 43.63 -45.66
C GLU E 179 6.55 44.80 -46.05
N GLU E 180 6.19 44.91 -47.32
CA GLU E 180 5.32 46.00 -47.76
C GLU E 180 3.90 45.87 -47.22
N PHE E 181 3.47 44.65 -46.89
CA PHE E 181 2.15 44.45 -46.29
C PHE E 181 2.15 44.80 -44.80
N MSE F 1 -44.02 -18.80 30.05
CA MSE F 1 -45.16 -19.29 30.82
C MSE F 1 -44.69 -20.06 32.05
O MSE F 1 -44.44 -19.48 33.11
CB MSE F 1 -46.06 -20.17 29.96
CG MSE F 1 -47.39 -20.54 30.61
SE MSE F 1 -48.14 -22.20 29.92
CE MSE F 1 -49.71 -22.32 31.07
N SER F 2 -44.57 -21.38 31.91
CA SER F 2 -44.19 -22.24 33.03
C SER F 2 -42.71 -22.08 33.36
N ALA F 3 -42.24 -22.83 34.35
CA ALA F 3 -40.86 -22.69 34.80
C ALA F 3 -39.87 -23.30 33.81
N GLU F 4 -40.25 -24.41 33.15
CA GLU F 4 -39.36 -24.98 32.14
C GLU F 4 -39.19 -24.02 30.97
N VAL F 5 -40.25 -23.32 30.59
CA VAL F 5 -40.17 -22.36 29.49
C VAL F 5 -39.24 -21.21 29.86
N ILE F 6 -39.38 -20.69 31.09
CA ILE F 6 -38.51 -19.60 31.54
C ILE F 6 -37.06 -20.07 31.59
N GLY F 7 -36.83 -21.30 32.05
CA GLY F 7 -35.47 -21.82 32.08
C GLY F 7 -34.86 -21.95 30.69
N GLN F 8 -35.64 -22.48 29.75
CA GLN F 8 -35.16 -22.60 28.37
C GLN F 8 -34.85 -21.23 27.78
N VAL F 9 -35.72 -20.25 28.01
CA VAL F 9 -35.49 -18.90 27.49
C VAL F 9 -34.23 -18.30 28.12
N GLU F 10 -34.05 -18.49 29.43
CA GLU F 10 -32.88 -17.94 30.10
C GLU F 10 -31.60 -18.60 29.60
N GLU F 11 -31.65 -19.89 29.29
CA GLU F 11 -30.46 -20.59 28.83
C GLU F 11 -30.16 -20.33 27.35
N ALA F 12 -31.17 -19.96 26.56
CA ALA F 12 -30.97 -19.76 25.14
C ALA F 12 -30.53 -18.36 24.75
N LEU F 13 -30.66 -17.38 25.65
CA LEU F 13 -30.31 -16.00 25.32
C LEU F 13 -28.85 -15.71 25.62
N ASP F 14 -28.30 -14.73 24.91
CA ASP F 14 -26.95 -14.25 25.13
C ASP F 14 -26.98 -12.97 25.95
N THR F 15 -25.78 -12.47 26.29
CA THR F 15 -25.68 -11.31 27.19
C THR F 15 -26.37 -10.08 26.61
N ASP F 16 -26.16 -9.79 25.33
CA ASP F 16 -26.78 -8.62 24.73
C ASP F 16 -28.30 -8.74 24.70
N GLU F 17 -28.80 -9.92 24.32
CA GLU F 17 -30.25 -10.12 24.32
C GLU F 17 -30.83 -10.05 25.72
N LYS F 18 -30.09 -10.55 26.71
CA LYS F 18 -30.52 -10.44 28.10
C LYS F 18 -30.62 -8.98 28.53
N GLU F 19 -29.59 -8.19 28.19
CA GLU F 19 -29.59 -6.78 28.54
C GLU F 19 -30.75 -6.05 27.87
N MSE F 20 -31.04 -6.39 26.61
CA MSE F 20 -32.15 -5.76 25.91
C MSE F 20 -33.49 -6.14 26.55
O MSE F 20 -34.38 -5.29 26.70
CB MSE F 20 -32.15 -6.15 24.42
CG MSE F 20 -33.38 -5.66 23.67
SE MSE F 20 -33.24 -5.92 21.75
CE MSE F 20 -31.78 -4.68 21.38
N LEU F 21 -33.63 -7.42 26.91
CA LEU F 21 -34.87 -7.88 27.54
C LEU F 21 -35.09 -7.19 28.88
N LEU F 22 -34.01 -7.00 29.65
CA LEU F 22 -34.12 -6.27 30.92
C LEU F 22 -34.56 -4.83 30.70
N PHE F 23 -34.09 -4.21 29.61
CA PHE F 23 -34.43 -2.81 29.33
C PHE F 23 -35.90 -2.67 28.95
N LEU F 24 -36.42 -3.62 28.17
CA LEU F 24 -37.80 -3.50 27.70
C LEU F 24 -38.79 -3.58 28.85
N CYS F 25 -38.49 -4.36 29.88
CA CYS F 25 -39.37 -4.52 31.04
C CYS F 25 -39.08 -3.52 32.15
N ARG F 26 -38.30 -2.47 31.87
CA ARG F 26 -38.00 -1.48 32.91
C ARG F 26 -39.25 -0.73 33.34
N ASP F 27 -40.20 -0.53 32.43
CA ASP F 27 -41.42 0.21 32.77
C ASP F 27 -42.39 -0.62 33.58
N VAL F 28 -42.31 -1.95 33.48
CA VAL F 28 -43.24 -2.82 34.20
C VAL F 28 -42.72 -3.19 35.58
N ALA F 29 -41.40 -3.14 35.81
CA ALA F 29 -40.73 -3.32 37.09
C ALA F 29 -41.61 -3.00 38.30
N ILE F 30 -41.88 -4.02 39.12
CA ILE F 30 -42.73 -3.85 40.29
C ILE F 30 -41.88 -3.47 41.49
N ASP F 31 -41.40 -2.21 41.50
CA ASP F 31 -40.60 -1.67 42.59
C ASP F 31 -39.43 -2.58 42.94
N VAL F 32 -38.71 -2.99 41.91
CA VAL F 32 -37.56 -3.88 42.08
C VAL F 32 -36.66 -3.71 40.87
N VAL F 33 -35.36 -3.91 41.07
CA VAL F 33 -34.39 -3.91 39.99
C VAL F 33 -33.82 -5.31 39.84
N PRO F 34 -34.44 -6.17 39.05
CA PRO F 34 -33.96 -7.55 38.92
C PRO F 34 -32.64 -7.60 38.17
N PRO F 35 -31.62 -8.24 38.76
CA PRO F 35 -30.33 -8.37 38.08
C PRO F 35 -30.38 -9.41 36.98
N ASN F 36 -30.99 -10.56 37.27
CA ASN F 36 -31.02 -11.66 36.31
C ASN F 36 -32.33 -11.66 35.53
N VAL F 37 -32.28 -12.25 34.33
CA VAL F 37 -33.46 -12.31 33.48
C VAL F 37 -34.43 -13.37 33.98
N ARG F 38 -33.90 -14.49 34.51
CA ARG F 38 -34.78 -15.52 35.06
C ARG F 38 -35.59 -14.95 36.22
N ASP F 39 -34.95 -14.18 37.10
CA ASP F 39 -35.67 -13.54 38.19
C ASP F 39 -36.74 -12.59 37.66
N LEU F 40 -36.43 -11.83 36.62
CA LEU F 40 -37.41 -10.92 36.03
C LEU F 40 -38.62 -11.69 35.50
N LEU F 41 -38.37 -12.77 34.75
CA LEU F 41 -39.47 -13.55 34.20
C LEU F 41 -40.29 -14.19 35.32
N ASP F 42 -39.63 -14.66 36.38
CA ASP F 42 -40.35 -15.23 37.52
C ASP F 42 -41.24 -14.18 38.17
N ILE F 43 -40.72 -12.96 38.36
CA ILE F 43 -41.53 -11.90 38.94
C ILE F 43 -42.72 -11.58 38.06
N LEU F 44 -42.51 -11.49 36.74
CA LEU F 44 -43.61 -11.20 35.84
C LEU F 44 -44.67 -12.30 35.87
N ARG F 45 -44.24 -13.56 35.97
CA ARG F 45 -45.21 -14.65 36.07
C ARG F 45 -45.97 -14.59 37.38
N GLU F 46 -45.27 -14.35 38.48
CA GLU F 46 -45.94 -14.26 39.78
C GLU F 46 -46.94 -13.13 39.80
N ARG F 47 -46.59 -11.99 39.19
CA ARG F 47 -47.50 -10.85 39.14
C ARG F 47 -48.55 -10.98 38.05
N GLY F 48 -48.61 -12.12 37.35
CA GLY F 48 -49.61 -12.34 36.33
C GLY F 48 -49.40 -11.51 35.08
N LYS F 49 -48.17 -11.09 34.80
CA LYS F 49 -47.87 -10.27 33.65
C LYS F 49 -46.90 -10.98 32.70
N LEU F 50 -46.91 -12.32 32.72
CA LEU F 50 -46.07 -13.12 31.83
C LEU F 50 -46.88 -14.31 31.31
N SER F 51 -47.90 -14.02 30.50
CA SER F 51 -48.62 -15.07 29.82
C SER F 51 -47.80 -15.58 28.65
N VAL F 52 -48.38 -16.51 27.87
CA VAL F 52 -47.70 -17.00 26.68
C VAL F 52 -47.54 -15.88 25.66
N GLY F 53 -48.55 -15.01 25.55
CA GLY F 53 -48.45 -13.90 24.61
C GLY F 53 -47.42 -12.87 25.03
N ASP F 54 -47.27 -12.64 26.32
CA ASP F 54 -46.28 -11.68 26.79
C ASP F 54 -44.86 -12.17 26.50
N LEU F 55 -44.58 -13.44 26.79
CA LEU F 55 -43.28 -14.00 26.46
C LEU F 55 -43.06 -14.08 24.96
N ALA F 56 -44.13 -14.32 24.19
CA ALA F 56 -44.00 -14.30 22.74
C ALA F 56 -43.61 -12.92 22.24
N GLU F 57 -44.23 -11.87 22.80
CA GLU F 57 -43.84 -10.52 22.44
C GLU F 57 -42.40 -10.22 22.85
N LEU F 58 -41.99 -10.69 24.03
CA LEU F 58 -40.61 -10.48 24.48
C LEU F 58 -39.62 -11.13 23.52
N LEU F 59 -39.90 -12.37 23.10
CA LEU F 59 -39.02 -13.04 22.15
C LEU F 59 -39.08 -12.38 20.77
N TYR F 60 -40.22 -11.82 20.40
CA TYR F 60 -40.35 -11.13 19.13
C TYR F 60 -39.55 -9.83 19.10
N ARG F 61 -39.45 -9.15 20.25
CA ARG F 61 -38.71 -7.89 20.29
C ARG F 61 -37.21 -8.09 20.17
N VAL F 62 -36.70 -9.24 20.63
CA VAL F 62 -35.27 -9.52 20.55
C VAL F 62 -34.94 -10.26 19.26
N ARG F 63 -35.94 -10.38 18.38
CA ARG F 63 -35.78 -10.97 17.06
C ARG F 63 -35.21 -12.40 17.15
N ARG F 64 -35.77 -13.19 18.05
CA ARG F 64 -35.38 -14.58 18.23
C ARG F 64 -36.52 -15.50 17.81
N PHE F 65 -36.79 -15.52 16.51
CA PHE F 65 -37.93 -16.29 16.01
C PHE F 65 -37.70 -17.79 16.11
N ASP F 66 -36.43 -18.23 16.08
CA ASP F 66 -36.15 -19.65 16.27
C ASP F 66 -36.59 -20.11 17.66
N LEU F 67 -36.36 -19.28 18.68
CA LEU F 67 -36.87 -19.58 20.01
C LEU F 67 -38.38 -19.43 20.08
N LEU F 68 -38.93 -18.51 19.28
CA LEU F 68 -40.38 -18.36 19.24
C LEU F 68 -41.06 -19.61 18.71
N LYS F 69 -40.45 -20.29 17.74
CA LYS F 69 -41.05 -21.51 17.22
C LYS F 69 -40.67 -22.76 17.99
N ARG F 70 -39.46 -22.83 18.54
CA ARG F 70 -39.06 -24.07 19.21
C ARG F 70 -39.69 -24.17 20.59
N ILE F 71 -39.75 -23.08 21.33
CA ILE F 71 -40.22 -23.09 22.70
C ILE F 71 -41.73 -22.88 22.72
N LEU F 72 -42.19 -21.77 22.15
CA LEU F 72 -43.60 -21.41 22.19
C LEU F 72 -44.41 -21.92 21.01
N LYS F 73 -43.76 -22.53 20.01
CA LYS F 73 -44.45 -23.12 18.85
C LYS F 73 -45.29 -22.08 18.13
N MSE F 74 -44.64 -21.02 17.67
CA MSE F 74 -45.30 -19.94 16.95
C MSE F 74 -44.45 -19.39 15.81
O MSE F 74 -43.23 -19.51 15.84
CB MSE F 74 -45.66 -18.80 17.91
CG MSE F 74 -46.63 -19.16 19.02
SE MSE F 74 -46.91 -17.68 20.25
CE MSE F 74 -47.73 -16.41 19.02
N ASP F 75 -45.11 -18.80 14.83
CA ASP F 75 -44.43 -18.14 13.72
C ASP F 75 -44.57 -16.63 13.89
N ARG F 76 -44.01 -15.89 12.92
CA ARG F 76 -44.08 -14.44 12.97
C ARG F 76 -45.51 -13.94 12.75
N LYS F 77 -46.27 -14.61 11.88
CA LYS F 77 -47.63 -14.18 11.59
C LYS F 77 -48.51 -14.22 12.85
N ALA F 78 -48.39 -15.29 13.64
CA ALA F 78 -49.23 -15.44 14.83
C ALA F 78 -48.93 -14.34 15.85
N VAL F 79 -47.64 -14.11 16.13
CA VAL F 79 -47.28 -13.09 17.11
C VAL F 79 -47.63 -11.70 16.59
N GLU F 80 -47.51 -11.46 15.29
CA GLU F 80 -47.89 -10.16 14.74
C GLU F 80 -49.39 -9.92 14.86
N THR F 81 -50.19 -10.95 14.61
CA THR F 81 -51.63 -10.82 14.79
C THR F 81 -51.98 -10.60 16.26
N HIS F 82 -51.29 -11.30 17.16
CA HIS F 82 -51.52 -11.11 18.59
C HIS F 82 -51.19 -9.69 19.02
N LEU F 83 -50.09 -9.12 18.49
CA LEU F 83 -49.74 -7.74 18.80
C LEU F 83 -50.72 -6.76 18.18
N LEU F 84 -51.29 -7.09 17.02
CA LEU F 84 -52.28 -6.21 16.41
C LEU F 84 -53.58 -6.20 17.21
N ARG F 85 -54.01 -7.35 17.72
CA ARG F 85 -55.30 -7.45 18.38
C ARG F 85 -55.25 -7.20 19.89
N ASN F 86 -54.09 -7.37 20.52
CA ASN F 86 -54.04 -7.27 21.97
C ASN F 86 -53.10 -6.15 22.42
N PRO F 87 -53.33 -5.56 23.58
CA PRO F 87 -52.42 -4.53 24.08
C PRO F 87 -51.03 -5.09 24.37
N HIS F 88 -50.03 -4.25 24.15
CA HIS F 88 -48.64 -4.67 24.21
C HIS F 88 -48.10 -4.67 25.64
N LEU F 89 -47.22 -5.63 25.93
CA LEU F 89 -46.52 -5.65 27.20
C LEU F 89 -45.39 -4.63 27.23
N VAL F 90 -44.75 -4.39 26.09
CA VAL F 90 -43.64 -3.44 25.98
C VAL F 90 -44.13 -2.26 25.16
N SER F 91 -44.01 -1.06 25.72
CA SER F 91 -44.51 0.14 25.06
C SER F 91 -43.68 0.43 23.80
N ASP F 92 -44.27 1.27 22.93
CA ASP F 92 -43.60 1.65 21.70
C ASP F 92 -42.32 2.45 21.95
N TYR F 93 -42.21 3.10 23.11
CA TYR F 93 -41.00 3.85 23.43
C TYR F 93 -39.80 2.92 23.57
N ARG F 94 -39.97 1.82 24.30
CA ARG F 94 -38.88 0.85 24.46
C ARG F 94 -38.52 0.20 23.13
N VAL F 95 -39.53 -0.10 22.30
CA VAL F 95 -39.26 -0.69 21.00
C VAL F 95 -38.49 0.30 20.12
N LEU F 96 -38.85 1.58 20.19
CA LEU F 96 -38.12 2.60 19.44
C LEU F 96 -36.67 2.70 19.91
N MSE F 97 -36.46 2.67 21.22
CA MSE F 97 -35.10 2.72 21.77
C MSE F 97 -34.29 1.53 21.30
O MSE F 97 -33.13 1.68 20.90
CB MSE F 97 -35.15 2.76 23.30
CG MSE F 97 -35.74 4.05 23.87
SE MSE F 97 -34.86 5.66 23.21
CE MSE F 97 -36.21 6.25 21.94
N ALA F 98 -34.90 0.33 21.32
CA ALA F 98 -34.19 -0.86 20.88
C ALA F 98 -33.86 -0.81 19.39
N GLU F 99 -34.81 -0.33 18.57
CA GLU F 99 -34.55 -0.20 17.14
C GLU F 99 -33.42 0.77 16.86
N ILE F 100 -33.43 1.93 17.53
CA ILE F 100 -32.36 2.90 17.37
C ILE F 100 -31.03 2.31 17.80
N GLY F 101 -31.03 1.54 18.89
CA GLY F 101 -29.80 0.91 19.34
C GLY F 101 -29.27 -0.10 18.36
N GLU F 102 -30.16 -0.83 17.69
CA GLU F 102 -29.72 -1.82 16.71
C GLU F 102 -29.20 -1.18 15.44
N ASP F 103 -29.59 0.06 15.14
CA ASP F 103 -29.12 0.76 13.95
C ASP F 103 -27.89 1.62 14.21
N LEU F 104 -27.13 1.32 15.27
CA LEU F 104 -25.95 2.11 15.63
C LEU F 104 -24.76 1.18 15.80
N ASP F 105 -23.69 1.46 15.07
CA ASP F 105 -22.44 0.72 15.24
C ASP F 105 -21.65 1.32 16.40
N LYS F 106 -20.49 0.73 16.69
CA LYS F 106 -19.70 1.18 17.84
C LYS F 106 -19.24 2.62 17.67
N SER F 107 -18.92 3.04 16.45
CA SER F 107 -18.48 4.41 16.23
C SER F 107 -19.60 5.40 16.48
N ASP F 108 -20.80 5.12 15.97
CA ASP F 108 -21.93 6.00 16.21
C ASP F 108 -22.29 6.05 17.70
N VAL F 109 -22.23 4.91 18.38
CA VAL F 109 -22.54 4.89 19.81
C VAL F 109 -21.51 5.70 20.58
N SER F 110 -20.23 5.58 20.20
CA SER F 110 -19.19 6.35 20.87
C SER F 110 -19.39 7.85 20.65
N SER F 111 -19.69 8.25 19.41
CA SER F 111 -19.95 9.66 19.14
C SER F 111 -21.18 10.17 19.86
N LEU F 112 -22.19 9.31 20.01
CA LEU F 112 -23.39 9.70 20.75
C LEU F 112 -23.09 9.89 22.24
N ILE F 113 -22.28 9.01 22.80
CA ILE F 113 -21.88 9.15 24.20
C ILE F 113 -21.05 10.40 24.39
N PHE F 114 -20.18 10.70 23.43
CA PHE F 114 -19.35 11.91 23.53
C PHE F 114 -20.20 13.17 23.49
N LEU F 115 -21.32 13.15 22.77
CA LEU F 115 -22.20 14.32 22.73
C LEU F 115 -23.01 14.45 24.00
N MSE F 116 -23.36 13.34 24.64
CA MSE F 116 -24.24 13.35 25.80
C MSE F 116 -23.52 13.76 27.09
O MSE F 116 -24.16 14.16 28.06
CB MSE F 116 -24.89 11.99 25.99
CG MSE F 116 -25.88 11.60 24.91
SE MSE F 116 -27.50 12.69 24.93
CE MSE F 116 -28.56 11.67 23.66
N LYS F 117 -22.18 13.66 27.08
CA LYS F 117 -21.43 13.92 28.31
C LYS F 117 -21.54 15.38 28.76
N ASP F 118 -21.92 16.29 27.85
CA ASP F 118 -22.12 17.67 28.27
C ASP F 118 -23.41 17.82 29.07
N TYR F 119 -24.46 17.10 28.66
CA TYR F 119 -25.73 17.15 29.36
C TYR F 119 -25.83 16.16 30.52
N MSE F 120 -24.97 15.15 30.53
CA MSE F 120 -25.09 14.02 31.46
C MSE F 120 -23.87 13.86 32.36
O MSE F 120 -23.98 13.88 33.58
CB MSE F 120 -25.34 12.74 30.67
CG MSE F 120 -25.00 11.45 31.40
SE MSE F 120 -25.12 9.92 30.21
CE MSE F 120 -23.93 8.71 31.16
N GLY F 121 -22.71 13.71 31.74
CA GLY F 121 -21.47 13.44 32.44
C GLY F 121 -20.82 12.15 31.95
N ARG F 122 -19.69 11.82 32.59
CA ARG F 122 -18.94 10.64 32.18
C ARG F 122 -19.66 9.36 32.59
N GLY F 123 -20.38 9.37 33.71
CA GLY F 123 -21.16 8.21 34.10
C GLY F 123 -20.27 7.03 34.46
N LYS F 124 -20.70 5.83 34.04
CA LYS F 124 -19.92 4.63 34.28
C LYS F 124 -18.60 4.70 33.53
N ILE F 125 -17.50 4.39 34.24
CA ILE F 125 -16.18 4.49 33.65
C ILE F 125 -15.97 3.46 32.54
N SER F 126 -16.83 2.45 32.45
CA SER F 126 -16.69 1.43 31.42
C SER F 126 -16.83 2.06 30.03
N LYS F 127 -15.93 1.69 29.14
CA LYS F 127 -15.94 2.19 27.77
C LYS F 127 -16.71 1.28 26.83
N GLU F 128 -17.36 0.24 27.37
CA GLU F 128 -18.19 -0.65 26.57
C GLU F 128 -19.64 -0.45 26.98
N LYS F 129 -20.22 0.68 26.57
CA LYS F 129 -21.59 0.99 26.91
C LYS F 129 -22.49 0.79 25.70
N SER F 130 -23.62 0.13 25.90
CA SER F 130 -24.61 -0.05 24.86
C SER F 130 -25.48 1.21 24.74
N PHE F 131 -26.23 1.32 23.64
CA PHE F 131 -27.15 2.44 23.52
C PHE F 131 -28.20 2.38 24.62
N LEU F 132 -28.62 1.17 24.99
CA LEU F 132 -29.63 1.03 26.04
C LEU F 132 -29.09 1.47 27.39
N ASP F 133 -27.82 1.21 27.66
CA ASP F 133 -27.21 1.72 28.89
C ASP F 133 -27.22 3.24 28.92
N LEU F 134 -26.91 3.87 27.79
CA LEU F 134 -26.95 5.32 27.72
C LEU F 134 -28.38 5.85 27.92
N VAL F 135 -29.36 5.16 27.35
CA VAL F 135 -30.76 5.57 27.52
C VAL F 135 -31.16 5.45 28.99
N VAL F 136 -30.71 4.39 29.66
CA VAL F 136 -31.02 4.23 31.08
C VAL F 136 -30.38 5.35 31.89
N GLU F 137 -29.12 5.69 31.59
CA GLU F 137 -28.46 6.78 32.28
C GLU F 137 -29.18 8.11 32.07
N LEU F 138 -29.64 8.36 30.84
CA LEU F 138 -30.37 9.59 30.56
C LEU F 138 -31.73 9.61 31.28
N GLU F 139 -32.38 8.44 31.36
CA GLU F 139 -33.66 8.35 32.07
C GLU F 139 -33.47 8.62 33.56
N LYS F 140 -32.40 8.09 34.15
CA LYS F 140 -32.12 8.35 35.56
C LYS F 140 -31.85 9.83 35.81
N LEU F 141 -31.38 10.55 34.80
CA LEU F 141 -31.09 11.97 34.91
C LEU F 141 -32.21 12.84 34.35
N ASN F 142 -33.35 12.24 33.98
CA ASN F 142 -34.51 12.97 33.45
C ASN F 142 -34.13 13.77 32.21
N LEU F 143 -33.34 13.17 31.32
CA LEU F 143 -32.95 13.80 30.07
C LEU F 143 -33.65 13.24 28.85
N VAL F 144 -34.10 11.99 28.90
CA VAL F 144 -34.87 11.39 27.82
C VAL F 144 -36.13 10.79 28.42
N ALA F 145 -37.20 10.82 27.65
CA ALA F 145 -38.51 10.34 28.09
C ALA F 145 -39.41 10.22 26.87
N PRO F 146 -40.48 9.41 26.96
CA PRO F 146 -41.43 9.33 25.83
C PRO F 146 -42.01 10.68 25.43
N ASP F 147 -42.04 11.66 26.32
CA ASP F 147 -42.50 13.00 25.98
C ASP F 147 -41.36 14.01 25.90
N GLN F 148 -40.10 13.54 25.87
CA GLN F 148 -38.94 14.43 25.82
C GLN F 148 -37.86 13.72 24.99
N LEU F 149 -37.96 13.86 23.67
CA LEU F 149 -37.03 13.25 22.74
C LEU F 149 -36.27 14.28 21.91
N ASP F 150 -36.39 15.57 22.25
CA ASP F 150 -35.74 16.61 21.46
C ASP F 150 -34.21 16.51 21.57
N LEU F 151 -33.71 16.21 22.76
CA LEU F 151 -32.27 16.07 22.93
C LEU F 151 -31.74 14.87 22.16
N LEU F 152 -32.43 13.74 22.24
CA LEU F 152 -32.04 12.57 21.46
C LEU F 152 -32.11 12.85 19.97
N GLU F 153 -33.14 13.59 19.54
CA GLU F 153 -33.25 13.96 18.13
C GLU F 153 -32.05 14.81 17.69
N LYS F 154 -31.70 15.82 18.49
CA LYS F 154 -30.58 16.68 18.15
C LYS F 154 -29.26 15.90 18.12
N CYS F 155 -29.07 15.00 19.08
CA CYS F 155 -27.83 14.24 19.15
C CYS F 155 -27.73 13.24 17.99
N LEU F 156 -28.85 12.64 17.58
CA LEU F 156 -28.83 11.77 16.41
C LEU F 156 -28.62 12.57 15.13
N LYS F 157 -29.14 13.79 15.07
CA LYS F 157 -28.89 14.65 13.92
C LYS F 157 -27.41 15.04 13.83
N ASN F 158 -26.78 15.26 14.98
CA ASN F 158 -25.39 15.70 14.97
C ASN F 158 -24.43 14.57 14.59
N ILE F 159 -24.84 13.31 14.75
CA ILE F 159 -24.05 12.18 14.30
C ILE F 159 -24.50 11.70 12.92
N HIS F 160 -25.29 12.51 12.21
CA HIS F 160 -25.72 12.22 10.84
C HIS F 160 -26.52 10.92 10.75
N ARG F 161 -27.43 10.72 11.70
CA ARG F 161 -28.35 9.58 11.68
C ARG F 161 -29.77 10.12 11.51
N ILE F 162 -30.05 10.66 10.32
CA ILE F 162 -31.34 11.27 10.05
C ILE F 162 -32.43 10.21 9.96
N ASP F 163 -32.09 8.97 9.62
CA ASP F 163 -33.08 7.90 9.59
C ASP F 163 -33.63 7.64 10.99
N LEU F 164 -32.78 7.67 12.00
CA LEU F 164 -33.24 7.49 13.36
C LEU F 164 -34.05 8.70 13.83
N LYS F 165 -33.68 9.90 13.40
CA LYS F 165 -34.51 11.06 13.65
C LYS F 165 -35.89 10.89 13.04
N THR F 166 -35.96 10.30 11.85
CA THR F 166 -37.25 10.05 11.22
C THR F 166 -38.04 8.98 11.97
N LYS F 167 -37.34 7.97 12.50
CA LYS F 167 -38.01 6.99 13.37
C LYS F 167 -38.63 7.67 14.59
N ILE F 168 -37.88 8.58 15.21
CA ILE F 168 -38.39 9.30 16.38
C ILE F 168 -39.58 10.17 15.99
N GLN F 169 -39.49 10.82 14.83
CA GLN F 169 -40.59 11.66 14.37
C GLN F 169 -41.84 10.82 14.08
N LYS F 170 -41.66 9.62 13.52
CA LYS F 170 -42.79 8.74 13.28
C LYS F 170 -43.43 8.29 14.59
N TYR F 171 -42.60 7.99 15.60
CA TYR F 171 -43.14 7.67 16.91
C TYR F 171 -43.92 8.84 17.50
N LYS F 172 -43.37 10.04 17.39
CA LYS F 172 -44.06 11.23 17.90
C LYS F 172 -45.38 11.46 17.15
N GLN F 173 -45.41 11.18 15.86
CA GLN F 173 -46.63 11.35 15.09
C GLN F 173 -47.67 10.28 15.42
N SER F 174 -47.22 9.07 15.77
CA SER F 174 -48.17 8.00 16.09
C SER F 174 -48.89 8.21 17.42
N VAL F 175 -48.31 8.95 18.36
CA VAL F 175 -48.99 9.20 19.62
C VAL F 175 -50.06 10.27 19.44
N MSE G 1 12.45 11.00 44.92
CA MSE G 1 11.56 9.88 44.61
C MSE G 1 10.22 10.05 45.32
O MSE G 1 10.17 10.36 46.52
CB MSE G 1 12.20 8.55 45.01
CG MSE G 1 11.37 7.33 44.65
SE MSE G 1 11.02 7.19 42.73
CE MSE G 1 10.24 5.40 42.71
N SER G 2 9.13 9.84 44.58
CA SER G 2 7.79 9.99 45.13
C SER G 2 6.80 9.30 44.21
N ALA G 3 5.52 9.38 44.58
CA ALA G 3 4.47 8.77 43.77
C ALA G 3 4.22 9.56 42.49
N GLU G 4 4.42 10.88 42.53
CA GLU G 4 4.25 11.69 41.35
C GLU G 4 5.21 11.27 40.24
N VAL G 5 6.45 10.90 40.62
CA VAL G 5 7.43 10.46 39.63
C VAL G 5 6.96 9.18 38.95
N ILE G 6 6.48 8.22 39.75
CA ILE G 6 6.01 6.96 39.18
C ILE G 6 4.81 7.20 38.28
N GLY G 7 3.90 8.09 38.70
CA GLY G 7 2.75 8.40 37.87
C GLY G 7 3.12 9.05 36.55
N GLN G 8 4.05 10.01 36.60
CA GLN G 8 4.51 10.67 35.39
C GLN G 8 5.17 9.67 34.45
N VAL G 9 6.02 8.79 34.98
CA VAL G 9 6.69 7.80 34.14
C VAL G 9 5.67 6.85 33.51
N GLU G 10 4.70 6.39 34.31
CA GLU G 10 3.72 5.45 33.78
C GLU G 10 2.82 6.09 32.72
N GLU G 11 2.45 7.35 32.91
CA GLU G 11 1.58 8.01 31.95
C GLU G 11 2.33 8.51 30.71
N ALA G 12 3.64 8.73 30.81
CA ALA G 12 4.42 9.26 29.71
C ALA G 12 4.92 8.19 28.74
N LEU G 13 4.87 6.92 29.12
CA LEU G 13 5.38 5.85 28.27
C LEU G 13 4.32 5.35 27.31
N ASP G 14 4.75 4.80 26.19
CA ASP G 14 3.87 4.20 25.21
C ASP G 14 3.81 2.67 25.40
N THR G 15 2.94 2.03 24.62
CA THR G 15 2.68 0.62 24.80
C THR G 15 3.94 -0.22 24.61
N ASP G 16 4.71 0.06 23.56
CA ASP G 16 5.91 -0.73 23.29
C ASP G 16 6.94 -0.55 24.40
N GLU G 17 7.14 0.69 24.86
CA GLU G 17 8.08 0.93 25.95
C GLU G 17 7.63 0.26 27.24
N LYS G 18 6.32 0.26 27.50
CA LYS G 18 5.81 -0.43 28.68
C LYS G 18 6.06 -1.92 28.60
N GLU G 19 5.75 -2.53 27.45
CA GLU G 19 5.96 -3.97 27.28
C GLU G 19 7.42 -4.32 27.41
N MSE G 20 8.32 -3.45 26.93
CA MSE G 20 9.75 -3.69 27.05
C MSE G 20 10.22 -3.58 28.50
O MSE G 20 10.96 -4.43 28.99
CB MSE G 20 10.53 -2.71 26.18
CG MSE G 20 12.04 -2.83 26.32
SE MSE G 20 13.00 -1.65 25.12
CE MSE G 20 14.78 -1.89 25.85
N LEU G 21 9.76 -2.53 29.18
CA LEU G 21 10.12 -2.33 30.57
C LEU G 21 9.68 -3.50 31.44
N LEU G 22 8.49 -4.05 31.17
CA LEU G 22 8.06 -5.23 31.91
C LEU G 22 9.00 -6.40 31.67
N PHE G 23 9.52 -6.54 30.45
CA PHE G 23 10.43 -7.64 30.13
C PHE G 23 11.78 -7.45 30.78
N LEU G 24 12.29 -6.22 30.83
CA LEU G 24 13.61 -5.97 31.38
C LEU G 24 13.67 -6.26 32.87
N CYS G 25 12.58 -6.05 33.60
CA CYS G 25 12.53 -6.29 35.03
C CYS G 25 12.08 -7.71 35.38
N ARG G 26 12.08 -8.62 34.40
CA ARG G 26 11.71 -10.00 34.68
C ARG G 26 12.69 -10.69 35.62
N ASP G 27 13.96 -10.28 35.58
CA ASP G 27 14.96 -10.93 36.43
C ASP G 27 14.88 -10.47 37.88
N VAL G 28 14.41 -9.25 38.14
CA VAL G 28 14.35 -8.76 39.51
C VAL G 28 12.97 -9.00 40.13
N ALA G 29 11.92 -8.99 39.31
CA ALA G 29 10.59 -9.35 39.79
C ALA G 29 10.31 -10.80 39.40
N ILE G 30 10.78 -11.71 40.23
CA ILE G 30 10.51 -13.13 40.04
C ILE G 30 9.37 -13.57 40.95
N ASP G 31 9.31 -12.97 42.15
CA ASP G 31 8.29 -13.38 43.11
C ASP G 31 6.89 -12.90 42.73
N VAL G 32 6.80 -11.88 41.89
CA VAL G 32 5.51 -11.38 41.40
C VAL G 32 5.58 -11.28 39.88
N VAL G 33 4.43 -11.41 39.24
CA VAL G 33 4.33 -11.19 37.80
C VAL G 33 3.48 -9.93 37.61
N PRO G 34 4.10 -8.75 37.55
CA PRO G 34 3.34 -7.50 37.48
C PRO G 34 2.59 -7.38 36.17
N PRO G 35 1.28 -7.11 36.23
CA PRO G 35 0.51 -6.98 34.98
C PRO G 35 0.80 -5.68 34.24
N ASN G 36 0.70 -4.56 34.93
CA ASN G 36 0.97 -3.24 34.36
C ASN G 36 2.30 -2.71 34.87
N VAL G 37 2.78 -1.65 34.21
CA VAL G 37 4.08 -1.09 34.57
C VAL G 37 4.02 -0.38 35.92
N ARG G 38 2.89 0.26 36.23
CA ARG G 38 2.78 0.94 37.52
C ARG G 38 2.88 -0.05 38.69
N ASP G 39 2.23 -1.21 38.58
CA ASP G 39 2.37 -2.22 39.61
C ASP G 39 3.82 -2.69 39.74
N LEU G 40 4.51 -2.83 38.60
CA LEU G 40 5.92 -3.22 38.63
C LEU G 40 6.74 -2.19 39.39
N LEU G 41 6.54 -0.90 39.09
CA LEU G 41 7.29 0.15 39.77
C LEU G 41 6.96 0.20 41.26
N ASP G 42 5.69 -0.01 41.61
CA ASP G 42 5.30 -0.03 43.02
C ASP G 42 5.98 -1.18 43.75
N ILE G 43 6.00 -2.36 43.13
CA ILE G 43 6.67 -3.51 43.74
C ILE G 43 8.16 -3.24 43.91
N LEU G 44 8.80 -2.68 42.88
CA LEU G 44 10.22 -2.39 42.97
C LEU G 44 10.52 -1.38 44.06
N ARG G 45 9.67 -0.36 44.21
CA ARG G 45 9.87 0.65 45.24
C ARG G 45 9.66 0.06 46.63
N GLU G 46 8.61 -0.73 46.82
CA GLU G 46 8.34 -1.33 48.13
C GLU G 46 9.48 -2.26 48.55
N ARG G 47 10.01 -3.04 47.62
CA ARG G 47 11.10 -3.97 47.91
C ARG G 47 12.47 -3.29 47.93
N GLY G 48 12.51 -1.96 47.82
CA GLY G 48 13.76 -1.24 47.88
C GLY G 48 14.67 -1.38 46.68
N LYS G 49 14.12 -1.69 45.50
CA LYS G 49 14.91 -1.83 44.28
C LYS G 49 14.52 -0.80 43.24
N LEU G 50 13.98 0.35 43.68
CA LEU G 50 13.59 1.44 42.78
C LEU G 50 14.01 2.77 43.39
N SER G 51 15.32 2.99 43.50
CA SER G 51 15.84 4.29 43.86
C SER G 51 15.75 5.22 42.66
N VAL G 52 16.27 6.44 42.82
CA VAL G 52 16.31 7.36 41.68
C VAL G 52 17.23 6.80 40.60
N GLY G 53 18.34 6.17 41.00
CA GLY G 53 19.24 5.59 40.02
C GLY G 53 18.64 4.39 39.32
N ASP G 54 17.85 3.60 40.02
CA ASP G 54 17.22 2.44 39.41
C ASP G 54 16.20 2.87 38.35
N LEU G 55 15.36 3.85 38.67
CA LEU G 55 14.42 4.36 37.68
C LEU G 55 15.15 5.06 36.53
N ALA G 56 16.27 5.73 36.83
CA ALA G 56 17.05 6.34 35.76
C ALA G 56 17.59 5.28 34.81
N GLU G 57 18.08 4.16 35.35
CA GLU G 57 18.54 3.06 34.50
C GLU G 57 17.40 2.48 33.69
N LEU G 58 16.23 2.33 34.32
CA LEU G 58 15.08 1.80 33.59
C LEU G 58 14.68 2.70 32.42
N LEU G 59 14.66 4.02 32.65
CA LEU G 59 14.35 4.94 31.56
C LEU G 59 15.46 4.97 30.51
N TYR G 60 16.70 4.76 30.93
CA TYR G 60 17.82 4.73 29.99
C TYR G 60 17.77 3.49 29.10
N ARG G 61 17.28 2.36 29.65
CA ARG G 61 17.21 1.15 28.86
C ARG G 61 16.13 1.22 27.78
N VAL G 62 15.06 1.96 28.05
CA VAL G 62 13.97 2.09 27.08
C VAL G 62 14.24 3.31 26.20
N ARG G 63 15.42 3.90 26.36
CA ARG G 63 15.88 5.01 25.53
C ARG G 63 14.90 6.18 25.56
N ARG G 64 14.48 6.55 26.77
CA ARG G 64 13.58 7.67 26.98
C ARG G 64 14.36 8.78 27.69
N PHE G 65 15.29 9.38 26.95
CA PHE G 65 16.16 10.40 27.53
C PHE G 65 15.41 11.68 27.84
N ASP G 66 14.31 11.93 27.10
CA ASP G 66 13.48 13.09 27.39
C ASP G 66 12.88 12.99 28.80
N LEU G 67 12.48 11.78 29.21
CA LEU G 67 12.01 11.59 30.57
C LEU G 67 13.15 11.66 31.57
N LEU G 68 14.36 11.24 31.18
CA LEU G 68 15.51 11.37 32.05
C LEU G 68 15.83 12.83 32.34
N LYS G 69 15.61 13.71 31.37
CA LYS G 69 15.90 15.12 31.55
C LYS G 69 14.74 15.88 32.19
N ARG G 70 13.50 15.51 31.87
CA ARG G 70 12.35 16.24 32.38
C ARG G 70 11.98 15.82 33.80
N ILE G 71 11.99 14.51 34.07
CA ILE G 71 11.50 14.00 35.35
C ILE G 71 12.64 13.92 36.35
N LEU G 72 13.69 13.17 36.02
CA LEU G 72 14.79 12.94 36.94
C LEU G 72 15.93 13.93 36.80
N LYS G 73 15.88 14.81 35.81
CA LYS G 73 16.89 15.86 35.60
C LYS G 73 18.29 15.25 35.46
N MSE G 74 18.42 14.35 34.50
CA MSE G 74 19.69 13.66 34.26
C MSE G 74 20.01 13.54 32.77
O MSE G 74 19.10 13.49 31.94
CB MSE G 74 19.66 12.26 34.89
CG MSE G 74 19.47 12.25 36.40
SE MSE G 74 19.59 10.46 37.16
CE MSE G 74 21.46 10.09 36.78
N ASP G 75 21.29 13.50 32.45
CA ASP G 75 21.76 13.30 31.09
C ASP G 75 22.24 11.86 30.90
N ARG G 76 22.70 11.56 29.70
CA ARG G 76 23.19 10.21 29.42
C ARG G 76 24.48 9.91 30.18
N LYS G 77 25.37 10.91 30.29
CA LYS G 77 26.64 10.70 30.98
C LYS G 77 26.42 10.36 32.45
N ALA G 78 25.47 11.04 33.09
CA ALA G 78 25.21 10.78 34.52
C ALA G 78 24.71 9.35 34.73
N VAL G 79 23.77 8.90 33.89
CA VAL G 79 23.23 7.55 34.03
C VAL G 79 24.32 6.52 33.73
N GLU G 80 25.18 6.80 32.76
CA GLU G 80 26.27 5.87 32.45
C GLU G 80 27.26 5.80 33.61
N THR G 81 27.56 6.93 34.25
CA THR G 81 28.43 6.92 35.42
C THR G 81 27.80 6.15 36.57
N HIS G 82 26.48 6.31 36.76
CA HIS G 82 25.79 5.55 37.79
C HIS G 82 25.86 4.05 37.50
N LEU G 83 25.72 3.66 36.24
CA LEU G 83 25.86 2.25 35.88
C LEU G 83 27.29 1.76 36.07
N LEU G 84 28.27 2.65 35.89
CA LEU G 84 29.66 2.28 36.13
C LEU G 84 29.94 2.05 37.61
N ARG G 85 29.33 2.86 38.47
CA ARG G 85 29.64 2.79 39.90
C ARG G 85 28.78 1.79 40.65
N ASN G 86 27.59 1.47 40.16
CA ASN G 86 26.68 0.59 40.90
C ASN G 86 26.33 -0.64 40.09
N PRO G 87 26.00 -1.75 40.74
CA PRO G 87 25.56 -2.94 39.99
C PRO G 87 24.25 -2.65 39.27
N HIS G 88 24.08 -3.28 38.12
CA HIS G 88 22.95 -2.97 37.26
C HIS G 88 21.69 -3.68 37.73
N LEU G 89 20.55 -2.98 37.60
CA LEU G 89 19.26 -3.60 37.89
C LEU G 89 18.81 -4.51 36.76
N VAL G 90 19.14 -4.16 35.52
CA VAL G 90 18.79 -4.96 34.34
C VAL G 90 20.08 -5.55 33.78
N SER G 91 20.13 -6.87 33.68
CA SER G 91 21.33 -7.54 33.21
C SER G 91 21.57 -7.26 31.72
N ASP G 92 22.80 -7.51 31.29
CA ASP G 92 23.14 -7.32 29.88
C ASP G 92 22.40 -8.30 28.98
N TYR G 93 21.95 -9.43 29.53
CA TYR G 93 21.20 -10.41 28.74
C TYR G 93 19.86 -9.82 28.28
N ARG G 94 19.14 -9.17 29.20
CA ARG G 94 17.86 -8.55 28.84
C ARG G 94 18.07 -7.43 27.82
N VAL G 95 19.12 -6.63 28.00
CA VAL G 95 19.40 -5.55 27.06
C VAL G 95 19.73 -6.12 25.68
N LEU G 96 20.49 -7.21 25.64
CA LEU G 96 20.81 -7.86 24.37
C LEU G 96 19.55 -8.41 23.70
N MSE G 97 18.66 -9.03 24.48
CA MSE G 97 17.42 -9.54 23.93
C MSE G 97 16.57 -8.43 23.34
O MSE G 97 16.03 -8.55 22.24
CB MSE G 97 16.62 -10.28 25.02
CG MSE G 97 17.24 -11.60 25.45
SE MSE G 97 17.53 -12.84 23.97
CE MSE G 97 19.45 -12.59 23.73
N ALA G 98 16.49 -7.31 24.07
CA ALA G 98 15.74 -6.15 23.58
C ALA G 98 16.37 -5.58 22.31
N GLU G 99 17.70 -5.52 22.27
CA GLU G 99 18.39 -5.01 21.08
C GLU G 99 18.10 -5.89 19.87
N ILE G 100 18.17 -7.22 20.04
CA ILE G 100 17.84 -8.12 18.95
C ILE G 100 16.39 -7.94 18.51
N GLY G 101 15.48 -7.76 19.48
CA GLY G 101 14.08 -7.57 19.15
C GLY G 101 13.82 -6.29 18.38
N GLU G 102 14.56 -5.22 18.70
CA GLU G 102 14.35 -3.96 18.00
C GLU G 102 14.81 -4.00 16.55
N ASP G 103 15.75 -4.89 16.22
CA ASP G 103 16.23 -5.03 14.85
C ASP G 103 15.49 -6.11 14.08
N LEU G 104 14.28 -6.47 14.51
CA LEU G 104 13.50 -7.52 13.85
C LEU G 104 12.11 -6.98 13.55
N ASP G 105 11.73 -7.02 12.27
CA ASP G 105 10.38 -6.64 11.87
C ASP G 105 9.43 -7.83 12.00
N LYS G 106 8.16 -7.61 11.67
CA LYS G 106 7.17 -8.67 11.82
C LYS G 106 7.51 -9.87 10.94
N SER G 107 8.06 -9.63 9.76
CA SER G 107 8.42 -10.73 8.86
C SER G 107 9.56 -11.55 9.45
N ASP G 108 10.60 -10.89 9.98
CA ASP G 108 11.70 -11.62 10.59
C ASP G 108 11.26 -12.40 11.81
N VAL G 109 10.39 -11.80 12.64
CA VAL G 109 9.90 -12.50 13.83
C VAL G 109 9.05 -13.69 13.44
N SER G 110 8.21 -13.55 12.41
CA SER G 110 7.39 -14.67 11.95
C SER G 110 8.26 -15.80 11.41
N SER G 111 9.27 -15.47 10.61
CA SER G 111 10.16 -16.49 10.08
C SER G 111 10.96 -17.16 11.19
N LEU G 112 11.33 -16.40 12.22
CA LEU G 112 12.05 -16.98 13.36
C LEU G 112 11.15 -17.92 14.14
N ILE G 113 9.87 -17.56 14.31
CA ILE G 113 8.93 -18.44 14.99
C ILE G 113 8.72 -19.72 14.18
N PHE G 114 8.67 -19.61 12.85
CA PHE G 114 8.49 -20.80 12.03
C PHE G 114 9.67 -21.76 12.12
N LEU G 115 10.88 -21.24 12.32
CA LEU G 115 12.04 -22.12 12.42
C LEU G 115 12.09 -22.84 13.75
N MSE G 116 11.52 -22.26 14.80
CA MSE G 116 11.67 -22.80 16.14
C MSE G 116 10.46 -23.64 16.59
O MSE G 116 10.50 -24.25 17.65
CB MSE G 116 11.89 -21.66 17.14
CG MSE G 116 13.33 -21.18 17.20
SE MSE G 116 13.54 -19.56 18.25
CE MSE G 116 15.41 -19.74 18.75
N LYS G 117 9.40 -23.65 15.78
CA LYS G 117 8.16 -24.33 16.15
C LYS G 117 8.37 -25.81 16.41
N ASP G 118 9.46 -26.40 15.92
CA ASP G 118 9.73 -27.81 16.19
C ASP G 118 10.15 -28.02 17.63
N TYR G 119 10.94 -27.10 18.19
CA TYR G 119 11.39 -27.20 19.56
C TYR G 119 10.39 -26.62 20.55
N MSE G 120 9.45 -25.83 20.08
CA MSE G 120 8.46 -25.18 20.94
C MSE G 120 7.45 -26.17 21.52
O MSE G 120 7.36 -26.35 22.74
CB MSE G 120 7.69 -24.10 20.18
CG MSE G 120 8.54 -22.96 19.65
SE MSE G 120 9.19 -21.78 21.04
CE MSE G 120 10.05 -20.46 19.90
N GLY G 121 6.70 -26.82 20.63
CA GLY G 121 5.49 -27.49 21.02
C GLY G 121 4.28 -26.59 21.07
N ARG G 122 4.47 -25.28 20.86
CA ARG G 122 3.35 -24.35 20.83
C ARG G 122 2.46 -24.63 19.64
N GLY G 123 1.15 -24.45 19.83
CA GLY G 123 0.17 -24.77 18.82
C GLY G 123 -0.03 -23.65 17.82
N LYS G 124 -1.23 -23.60 17.25
CA LYS G 124 -1.57 -22.62 16.22
C LYS G 124 -2.22 -21.41 16.88
N ILE G 125 -1.38 -20.52 17.40
CA ILE G 125 -1.80 -19.21 17.88
C ILE G 125 -1.40 -18.18 16.81
N SER G 126 -2.39 -17.46 16.29
CA SER G 126 -2.17 -16.58 15.15
C SER G 126 -1.87 -15.14 15.54
N LYS G 127 -2.05 -14.78 16.81
CA LYS G 127 -1.74 -13.44 17.31
C LYS G 127 -0.28 -13.07 17.08
N GLU G 128 -0.05 -12.10 16.18
CA GLU G 128 1.30 -11.59 15.89
C GLU G 128 2.03 -11.28 17.19
N LYS G 129 3.02 -12.12 17.51
CA LYS G 129 3.77 -12.02 18.76
C LYS G 129 5.10 -11.31 18.52
N SER G 130 5.48 -10.46 19.46
CA SER G 130 6.75 -9.75 19.40
C SER G 130 7.90 -10.69 19.74
N PHE G 131 9.12 -10.24 19.42
CA PHE G 131 10.30 -11.04 19.72
C PHE G 131 10.47 -11.24 21.21
N LEU G 132 10.12 -10.23 22.02
CA LEU G 132 10.24 -10.37 23.46
C LEU G 132 9.27 -11.41 24.00
N ASP G 133 8.08 -11.50 23.41
CA ASP G 133 7.16 -12.57 23.77
C ASP G 133 7.75 -13.94 23.42
N LEU G 134 8.45 -14.01 22.29
CA LEU G 134 9.12 -15.25 21.92
C LEU G 134 10.21 -15.61 22.92
N VAL G 135 10.95 -14.60 23.40
CA VAL G 135 11.98 -14.85 24.40
C VAL G 135 11.35 -15.34 25.70
N VAL G 136 10.20 -14.77 26.07
CA VAL G 136 9.51 -15.21 27.27
C VAL G 136 9.06 -16.66 27.11
N GLU G 137 8.53 -17.02 25.94
CA GLU G 137 8.12 -18.40 25.68
C GLU G 137 9.32 -19.34 25.74
N LEU G 138 10.46 -18.91 25.21
CA LEU G 138 11.66 -19.75 25.24
C LEU G 138 12.16 -19.93 26.67
N GLU G 139 12.05 -18.88 27.50
CA GLU G 139 12.43 -18.98 28.90
C GLU G 139 11.50 -19.94 29.63
N LYS G 140 10.21 -19.89 29.33
CA LYS G 140 9.27 -20.83 29.94
C LYS G 140 9.60 -22.27 29.56
N LEU G 141 10.23 -22.48 28.41
CA LEU G 141 10.60 -23.82 27.95
C LEU G 141 12.06 -24.14 28.20
N ASN G 142 12.79 -23.26 28.89
CA ASN G 142 14.21 -23.47 29.19
C ASN G 142 15.03 -23.69 27.92
N LEU G 143 14.72 -22.90 26.89
CA LEU G 143 15.43 -22.98 25.61
C LEU G 143 16.40 -21.84 25.39
N VAL G 144 16.20 -20.68 26.02
CA VAL G 144 17.12 -19.57 25.94
C VAL G 144 17.47 -19.12 27.36
N ALA G 145 18.70 -18.65 27.53
CA ALA G 145 19.22 -18.25 28.82
C ALA G 145 20.52 -17.47 28.58
N PRO G 146 20.94 -16.66 29.56
CA PRO G 146 22.24 -15.96 29.41
C PRO G 146 23.41 -16.90 29.18
N ASP G 147 23.32 -18.15 29.62
CA ASP G 147 24.34 -19.15 29.36
C ASP G 147 23.88 -20.19 28.35
N GLN G 148 22.78 -19.93 27.63
CA GLN G 148 22.22 -20.87 26.66
C GLN G 148 21.63 -20.03 25.51
N LEU G 149 22.50 -19.63 24.59
CA LEU G 149 22.11 -18.81 23.45
C LEU G 149 22.40 -19.48 22.11
N ASP G 150 22.79 -20.76 22.12
CA ASP G 150 23.19 -21.42 20.88
C ASP G 150 22.00 -21.59 19.93
N LEU G 151 20.83 -21.94 20.47
CA LEU G 151 19.65 -22.13 19.61
C LEU G 151 19.23 -20.81 18.98
N LEU G 152 19.17 -19.74 19.78
CA LEU G 152 18.82 -18.43 19.24
C LEU G 152 19.86 -17.96 18.24
N GLU G 153 21.14 -18.23 18.51
CA GLU G 153 22.20 -17.85 17.59
C GLU G 153 22.04 -18.56 16.24
N LYS G 154 21.81 -19.89 16.28
CA LYS G 154 21.66 -20.63 15.04
C LYS G 154 20.42 -20.19 14.27
N CYS G 155 19.31 -19.94 14.99
CA CYS G 155 18.09 -19.54 14.30
C CYS G 155 18.21 -18.14 13.70
N LEU G 156 18.93 -17.23 14.37
CA LEU G 156 19.18 -15.92 13.78
C LEU G 156 20.12 -16.02 12.59
N LYS G 157 21.06 -16.97 12.62
CA LYS G 157 21.92 -17.20 11.47
C LYS G 157 21.11 -17.73 10.28
N ASN G 158 20.14 -18.60 10.55
CA ASN G 158 19.37 -19.21 9.48
C ASN G 158 18.36 -18.28 8.83
N ILE G 159 17.97 -17.19 9.51
CA ILE G 159 17.07 -16.21 8.92
C ILE G 159 17.87 -15.08 8.31
N HIS G 160 19.18 -15.33 8.10
CA HIS G 160 20.08 -14.37 7.44
C HIS G 160 20.17 -13.06 8.22
N ARG G 161 20.27 -13.16 9.54
CA ARG G 161 20.47 -12.01 10.41
C ARG G 161 21.80 -12.18 11.13
N ILE G 162 22.89 -12.03 10.38
CA ILE G 162 24.22 -12.27 10.93
C ILE G 162 24.63 -11.16 11.91
N ASP G 163 24.06 -9.96 11.76
CA ASP G 163 24.40 -8.88 12.69
C ASP G 163 23.93 -9.20 14.11
N LEU G 164 22.75 -9.78 14.25
CA LEU G 164 22.27 -10.17 15.58
C LEU G 164 23.08 -11.33 16.14
N LYS G 165 23.51 -12.24 15.27
CA LYS G 165 24.43 -13.29 15.69
C LYS G 165 25.72 -12.68 16.22
N THR G 166 26.18 -11.61 15.60
CA THR G 166 27.39 -10.93 16.08
C THR G 166 27.16 -10.22 17.41
N LYS G 167 25.96 -9.67 17.60
CA LYS G 167 25.62 -9.13 18.92
C LYS G 167 25.69 -10.21 19.99
N ILE G 168 25.13 -11.39 19.68
CA ILE G 168 25.17 -12.50 20.62
C ILE G 168 26.61 -12.94 20.89
N GLN G 169 27.43 -13.00 19.85
CA GLN G 169 28.83 -13.40 20.00
C GLN G 169 29.61 -12.39 20.83
N LYS G 170 29.37 -11.11 20.62
CA LYS G 170 30.05 -10.09 21.43
C LYS G 170 29.60 -10.15 22.88
N TYR G 171 28.33 -10.39 23.12
CA TYR G 171 27.87 -10.58 24.50
C TYR G 171 28.56 -11.78 25.14
N LYS G 172 28.66 -12.90 24.41
CA LYS G 172 29.34 -14.07 24.94
C LYS G 172 30.81 -13.79 25.21
N GLN G 173 31.45 -12.98 24.36
CA GLN G 173 32.85 -12.65 24.56
C GLN G 173 33.06 -11.72 25.74
N SER G 174 32.06 -10.87 26.05
CA SER G 174 32.21 -9.97 27.18
C SER G 174 32.19 -10.70 28.52
N VAL G 175 31.62 -11.90 28.57
CA VAL G 175 31.59 -12.69 29.79
C VAL G 175 32.95 -13.35 30.03
N MSE H 1 -18.03 27.19 22.79
CA MSE H 1 -17.34 25.90 22.76
C MSE H 1 -18.20 24.81 23.38
O MSE H 1 -18.73 24.97 24.48
CB MSE H 1 -15.99 26.00 23.47
CG MSE H 1 -15.27 24.67 23.61
SE MSE H 1 -14.80 23.89 21.87
CE MSE H 1 -13.59 25.28 21.23
N SER H 2 -18.33 23.68 22.68
CA SER H 2 -19.18 22.59 23.13
C SER H 2 -18.68 21.29 22.49
N ALA H 3 -19.38 20.20 22.81
CA ALA H 3 -19.00 18.90 22.27
C ALA H 3 -19.36 18.78 20.79
N GLU H 4 -20.42 19.46 20.36
CA GLU H 4 -20.81 19.43 18.95
C GLU H 4 -19.72 20.00 18.06
N VAL H 5 -19.07 21.08 18.51
CA VAL H 5 -17.99 21.68 17.71
C VAL H 5 -16.82 20.72 17.60
N ILE H 6 -16.43 20.09 18.71
CA ILE H 6 -15.33 19.13 18.69
C ILE H 6 -15.68 17.96 17.78
N GLY H 7 -16.93 17.49 17.82
CA GLY H 7 -17.34 16.42 16.95
C GLY H 7 -17.27 16.78 15.49
N GLN H 8 -17.73 18.00 15.14
CA GLN H 8 -17.64 18.46 13.76
C GLN H 8 -16.20 18.53 13.28
N VAL H 9 -15.31 19.07 14.11
CA VAL H 9 -13.90 19.16 13.74
C VAL H 9 -13.30 17.78 13.57
N GLU H 10 -13.63 16.86 14.49
CA GLU H 10 -13.07 15.51 14.42
C GLU H 10 -13.57 14.76 13.19
N GLU H 11 -14.83 14.98 12.81
CA GLU H 11 -15.36 14.30 11.64
C GLU H 11 -14.87 14.91 10.34
N ALA H 12 -14.45 16.18 10.36
CA ALA H 12 -13.98 16.83 9.15
C ALA H 12 -12.52 16.57 8.84
N LEU H 13 -11.75 16.04 9.79
CA LEU H 13 -10.32 15.81 9.59
C LEU H 13 -10.07 14.42 9.03
N ASP H 14 -8.94 14.29 8.32
CA ASP H 14 -8.46 13.02 7.79
C ASP H 14 -7.37 12.46 8.71
N THR H 15 -6.91 11.25 8.39
CA THR H 15 -5.95 10.57 9.25
C THR H 15 -4.65 11.37 9.38
N ASP H 16 -4.12 11.87 8.26
CA ASP H 16 -2.88 12.63 8.30
C ASP H 16 -3.03 13.93 9.08
N GLU H 17 -4.15 14.64 8.87
CA GLU H 17 -4.39 15.86 9.62
C GLU H 17 -4.53 15.57 11.11
N LYS H 18 -5.16 14.44 11.46
CA LYS H 18 -5.26 14.04 12.85
C LYS H 18 -3.89 13.77 13.45
N GLU H 19 -3.04 13.05 12.71
CA GLU H 19 -1.70 12.76 13.21
C GLU H 19 -0.89 14.03 13.40
N MSE H 20 -1.05 15.00 12.49
CA MSE H 20 -0.35 16.27 12.62
C MSE H 20 -0.85 17.06 13.83
O MSE H 20 -0.06 17.63 14.57
CB MSE H 20 -0.49 17.11 11.35
CG MSE H 20 0.01 18.53 11.49
SE MSE H 20 -0.11 19.56 9.84
CE MSE H 20 0.31 21.32 10.55
N LEU H 21 -2.17 17.08 14.01
CA LEU H 21 -2.76 17.78 15.14
C LEU H 21 -2.28 17.19 16.45
N LEU H 22 -2.14 15.86 16.52
CA LEU H 22 -1.61 15.24 17.73
C LEU H 22 -0.17 15.67 17.98
N PHE H 23 0.61 15.84 16.92
CA PHE H 23 2.02 16.22 17.09
C PHE H 23 2.15 17.67 17.54
N LEU H 24 1.31 18.56 17.00
CA LEU H 24 1.42 19.98 17.36
C LEU H 24 1.09 20.23 18.83
N CYS H 25 0.19 19.44 19.41
CA CYS H 25 -0.20 19.59 20.80
C CYS H 25 0.65 18.76 21.75
N ARG H 26 1.80 18.26 21.28
CA ARG H 26 2.67 17.48 22.16
C ARG H 26 3.24 18.35 23.28
N ASP H 27 3.45 19.64 23.01
CA ASP H 27 4.05 20.52 24.01
C ASP H 27 3.05 20.96 25.08
N VAL H 28 1.75 20.97 24.77
CA VAL H 28 0.78 21.42 25.76
C VAL H 28 0.25 20.23 26.59
N ALA H 29 0.24 19.03 26.01
CA ALA H 29 -0.07 17.82 26.76
C ALA H 29 1.24 17.04 26.85
N ILE H 30 2.03 17.34 27.87
CA ILE H 30 3.28 16.63 28.10
C ILE H 30 3.11 15.50 29.10
N ASP H 31 2.17 15.65 30.05
CA ASP H 31 1.91 14.62 31.04
C ASP H 31 1.17 13.46 30.42
N VAL H 32 -0.07 13.68 29.99
CA VAL H 32 -0.87 12.63 29.37
C VAL H 32 -0.51 12.51 27.90
N VAL H 33 -0.69 11.30 27.36
CA VAL H 33 -0.46 11.03 25.94
C VAL H 33 -1.80 10.70 25.30
N PRO H 34 -2.49 11.68 24.72
CA PRO H 34 -3.83 11.43 24.15
C PRO H 34 -3.73 10.50 22.96
N PRO H 35 -4.53 9.42 22.93
CA PRO H 35 -4.45 8.47 21.81
C PRO H 35 -5.07 9.00 20.52
N ASN H 36 -6.31 9.45 20.58
CA ASN H 36 -7.02 10.00 19.43
C ASN H 36 -7.13 11.50 19.55
N VAL H 37 -7.50 12.15 18.44
CA VAL H 37 -7.62 13.60 18.43
C VAL H 37 -8.81 14.06 19.26
N ARG H 38 -9.90 13.28 19.26
CA ARG H 38 -11.06 13.64 20.07
C ARG H 38 -10.70 13.68 21.55
N ASP H 39 -9.96 12.67 22.03
CA ASP H 39 -9.51 12.68 23.41
C ASP H 39 -8.59 13.87 23.70
N LEU H 40 -7.72 14.20 22.74
CA LEU H 40 -6.84 15.35 22.92
C LEU H 40 -7.63 16.64 23.08
N LEU H 41 -8.62 16.85 22.21
CA LEU H 41 -9.44 18.06 22.30
C LEU H 41 -10.26 18.08 23.59
N ASP H 42 -10.76 16.92 24.01
CA ASP H 42 -11.50 16.85 25.26
C ASP H 42 -10.61 17.20 26.45
N ILE H 43 -9.37 16.69 26.46
CA ILE H 43 -8.44 17.02 27.54
C ILE H 43 -8.12 18.51 27.54
N LEU H 44 -7.88 19.08 26.35
CA LEU H 44 -7.58 20.50 26.27
C LEU H 44 -8.75 21.35 26.76
N ARG H 45 -9.98 20.93 26.42
CA ARG H 45 -11.16 21.67 26.87
C ARG H 45 -11.33 21.56 28.38
N GLU H 46 -11.15 20.36 28.94
CA GLU H 46 -11.29 20.16 30.38
C GLU H 46 -10.27 21.00 31.15
N ARG H 47 -9.04 21.09 30.66
CA ARG H 47 -7.99 21.87 31.29
C ARG H 47 -8.11 23.36 30.98
N GLY H 48 -9.16 23.79 30.28
CA GLY H 48 -9.33 25.20 29.99
C GLY H 48 -8.37 25.75 28.96
N LYS H 49 -7.84 24.90 28.08
CA LYS H 49 -6.90 25.32 27.05
C LYS H 49 -7.46 25.09 25.65
N LEU H 50 -8.80 25.09 25.52
CA LEU H 50 -9.46 24.93 24.23
C LEU H 50 -10.62 25.91 24.14
N SER H 51 -10.30 27.19 24.13
CA SER H 51 -11.28 28.22 23.85
C SER H 51 -11.56 28.26 22.35
N VAL H 52 -12.38 29.22 21.93
CA VAL H 52 -12.63 29.39 20.50
C VAL H 52 -11.35 29.80 19.79
N GLY H 53 -10.54 30.65 20.43
CA GLY H 53 -9.29 31.06 19.83
C GLY H 53 -8.26 29.95 19.72
N ASP H 54 -8.21 29.07 20.72
CA ASP H 54 -7.27 27.95 20.67
C ASP H 54 -7.62 26.98 19.55
N LEU H 55 -8.90 26.63 19.44
CA LEU H 55 -9.32 25.77 18.34
C LEU H 55 -9.14 26.47 16.99
N ALA H 56 -9.34 27.78 16.96
CA ALA H 56 -9.09 28.53 15.73
C ALA H 56 -7.63 28.45 15.32
N GLU H 57 -6.71 28.58 16.29
CA GLU H 57 -5.30 28.44 15.99
C GLU H 57 -4.97 27.03 15.52
N LEU H 58 -5.56 26.02 16.16
CA LEU H 58 -5.33 24.65 15.74
C LEU H 58 -5.79 24.41 14.31
N LEU H 59 -6.97 24.93 13.95
CA LEU H 59 -7.44 24.79 12.58
C LEU H 59 -6.61 25.62 11.61
N TYR H 60 -6.08 26.75 12.06
CA TYR H 60 -5.23 27.58 11.20
C TYR H 60 -3.90 26.92 10.91
N ARG H 61 -3.37 26.15 11.86
CA ARG H 61 -2.08 25.49 11.62
C ARG H 61 -2.20 24.36 10.61
N VAL H 62 -3.37 23.71 10.54
CA VAL H 62 -3.57 22.62 9.59
C VAL H 62 -4.16 23.18 8.30
N ARG H 63 -4.25 24.50 8.21
CA ARG H 63 -4.70 25.20 7.00
C ARG H 63 -6.08 24.73 6.56
N ARG H 64 -7.01 24.65 7.52
CA ARG H 64 -8.38 24.24 7.25
C ARG H 64 -9.30 25.45 7.45
N PHE H 65 -9.18 26.42 6.55
CA PHE H 65 -9.95 27.65 6.68
C PHE H 65 -11.43 27.43 6.41
N ASP H 66 -11.76 26.39 5.63
CA ASP H 66 -13.16 26.05 5.42
C ASP H 66 -13.84 25.67 6.73
N LEU H 67 -13.11 24.97 7.61
CA LEU H 67 -13.65 24.67 8.93
C LEU H 67 -13.69 25.92 9.82
N LEU H 68 -12.74 26.83 9.65
CA LEU H 68 -12.77 28.08 10.39
C LEU H 68 -13.99 28.91 10.03
N LYS H 69 -14.42 28.87 8.77
CA LYS H 69 -15.57 29.64 8.32
C LYS H 69 -16.89 28.93 8.59
N ARG H 70 -16.92 27.60 8.45
CA ARG H 70 -18.16 26.85 8.63
C ARG H 70 -18.47 26.57 10.08
N ILE H 71 -17.46 26.15 10.86
CA ILE H 71 -17.69 25.71 12.23
C ILE H 71 -17.54 26.87 13.19
N LEU H 72 -16.38 27.53 13.17
CA LEU H 72 -16.10 28.60 14.12
C LEU H 72 -16.47 29.98 13.58
N LYS H 73 -16.89 30.07 12.32
CA LYS H 73 -17.33 31.33 11.71
C LYS H 73 -16.24 32.39 11.78
N MSE H 74 -15.02 32.01 11.39
CA MSE H 74 -13.88 32.92 11.44
C MSE H 74 -13.09 32.94 10.13
O MSE H 74 -12.93 31.91 9.47
CB MSE H 74 -12.96 32.56 12.60
CG MSE H 74 -13.60 32.68 13.97
SE MSE H 74 -12.42 32.10 15.41
CE MSE H 74 -11.03 33.46 15.24
N ASP H 75 -12.60 34.12 9.77
CA ASP H 75 -11.76 34.32 8.60
C ASP H 75 -10.30 34.35 9.02
N ARG H 76 -9.42 34.58 8.04
CA ARG H 76 -7.99 34.65 8.34
C ARG H 76 -7.66 35.86 9.20
N LYS H 77 -8.36 36.97 8.99
CA LYS H 77 -8.08 38.18 9.76
C LYS H 77 -8.33 37.96 11.25
N ALA H 78 -9.43 37.28 11.59
CA ALA H 78 -9.76 37.06 12.99
C ALA H 78 -8.72 36.17 13.68
N VAL H 79 -8.35 35.06 13.04
CA VAL H 79 -7.39 34.14 13.66
C VAL H 79 -6.02 34.79 13.75
N GLU H 80 -5.62 35.55 12.73
CA GLU H 80 -4.31 36.21 12.78
C GLU H 80 -4.27 37.29 13.85
N THR H 81 -5.36 38.06 13.99
CA THR H 81 -5.41 39.05 15.06
C THR H 81 -5.40 38.40 16.43
N HIS H 82 -6.12 37.29 16.59
CA HIS H 82 -6.09 36.57 17.86
C HIS H 82 -4.70 36.06 18.18
N LEU H 83 -3.99 35.53 17.17
CA LEU H 83 -2.63 35.06 17.41
C LEU H 83 -1.68 36.22 17.71
N LEU H 84 -1.92 37.38 17.11
CA LEU H 84 -1.08 38.55 17.41
C LEU H 84 -1.31 39.06 18.83
N ARG H 85 -2.57 39.04 19.28
CA ARG H 85 -2.91 39.62 20.57
C ARG H 85 -2.82 38.63 21.73
N ASN H 86 -2.88 37.32 21.45
CA ASN H 86 -2.91 36.32 22.51
C ASN H 86 -1.71 35.38 22.36
N PRO H 87 -1.22 34.80 23.46
CA PRO H 87 -0.13 33.83 23.34
C PRO H 87 -0.56 32.58 22.61
N HIS H 88 0.40 32.00 21.89
CA HIS H 88 0.11 30.87 21.01
C HIS H 88 0.08 29.56 21.79
N LEU H 89 -0.84 28.68 21.39
CA LEU H 89 -0.89 27.35 21.98
C LEU H 89 0.19 26.43 21.41
N VAL H 90 0.52 26.59 20.12
CA VAL H 90 1.52 25.77 19.46
C VAL H 90 2.73 26.65 19.15
N SER H 91 3.90 26.24 19.62
CA SER H 91 5.11 27.01 19.42
C SER H 91 5.52 27.01 17.95
N ASP H 92 6.38 27.97 17.60
CA ASP H 92 6.87 28.06 16.22
C ASP H 92 7.75 26.88 15.85
N TYR H 93 8.35 26.20 16.83
CA TYR H 93 9.17 25.03 16.53
C TYR H 93 8.33 23.90 15.96
N ARG H 94 7.16 23.64 16.56
CA ARG H 94 6.27 22.59 16.06
C ARG H 94 5.76 22.95 14.67
N VAL H 95 5.45 24.22 14.44
CA VAL H 95 4.98 24.65 13.12
C VAL H 95 6.09 24.46 12.09
N LEU H 96 7.33 24.77 12.46
CA LEU H 96 8.46 24.55 11.56
C LEU H 96 8.63 23.07 11.24
N MSE H 97 8.51 22.21 12.25
CA MSE H 97 8.62 20.77 12.04
C MSE H 97 7.55 20.26 11.08
O MSE H 97 7.84 19.52 10.14
CB MSE H 97 8.52 20.03 13.37
CG MSE H 97 9.69 20.27 14.33
SE MSE H 97 11.41 19.71 13.61
CE MSE H 97 12.06 21.43 12.96
N ALA H 98 6.31 20.70 11.30
CA ALA H 98 5.21 20.30 10.44
C ALA H 98 5.40 20.80 9.01
N GLU H 99 5.85 22.05 8.87
CA GLU H 99 6.10 22.60 7.54
C GLU H 99 7.19 21.83 6.80
N ILE H 100 8.28 21.51 7.50
CA ILE H 100 9.35 20.71 6.89
C ILE H 100 8.82 19.33 6.49
N GLY H 101 7.97 18.74 7.33
CA GLY H 101 7.40 17.44 7.00
C GLY H 101 6.49 17.51 5.78
N GLU H 102 5.78 18.62 5.61
CA GLU H 102 4.89 18.75 4.47
C GLU H 102 5.65 18.96 3.16
N ASP H 103 6.89 19.45 3.22
CA ASP H 103 7.70 19.66 2.03
C ASP H 103 8.60 18.46 1.72
N LEU H 104 8.27 17.27 2.22
CA LEU H 104 9.07 16.08 2.02
C LEU H 104 8.18 14.95 1.54
N ASP H 105 8.54 14.34 0.40
CA ASP H 105 7.83 13.17 -0.06
C ASP H 105 8.38 11.93 0.65
N LYS H 106 7.76 10.78 0.39
CA LYS H 106 8.16 9.56 1.08
C LYS H 106 9.60 9.15 0.76
N SER H 107 10.07 9.40 -0.47
CA SER H 107 11.43 9.05 -0.82
C SER H 107 12.43 9.89 -0.03
N ASP H 108 12.18 11.20 0.08
CA ASP H 108 13.05 12.06 0.87
C ASP H 108 13.06 11.63 2.33
N VAL H 109 11.90 11.27 2.87
CA VAL H 109 11.82 10.83 4.27
C VAL H 109 12.60 9.53 4.46
N SER H 110 12.51 8.61 3.50
CA SER H 110 13.27 7.37 3.59
C SER H 110 14.77 7.64 3.57
N SER H 111 15.22 8.51 2.66
CA SER H 111 16.63 8.86 2.61
C SER H 111 17.08 9.56 3.87
N LEU H 112 16.22 10.39 4.46
CA LEU H 112 16.56 11.07 5.71
C LEU H 112 16.67 10.07 6.87
N ILE H 113 15.78 9.08 6.91
CA ILE H 113 15.85 8.05 7.94
C ILE H 113 17.13 7.23 7.78
N PHE H 114 17.51 6.94 6.54
CA PHE H 114 18.73 6.18 6.31
C PHE H 114 19.98 6.91 6.81
N LEU H 115 19.97 8.25 6.76
CA LEU H 115 21.12 9.01 7.23
C LEU H 115 21.21 9.00 8.75
N MSE H 116 20.09 8.94 9.45
CA MSE H 116 20.08 9.07 10.89
C MSE H 116 20.05 7.75 11.63
O MSE H 116 19.90 7.71 12.85
CB MSE H 116 18.89 9.93 11.34
CG MSE H 116 19.20 11.42 11.40
SE MSE H 116 17.62 12.54 11.20
CE MSE H 116 18.37 14.22 11.81
N LYS H 117 20.22 6.64 10.90
CA LYS H 117 20.30 5.34 11.56
C LYS H 117 21.62 5.17 12.30
N ASP H 118 22.63 5.97 11.98
CA ASP H 118 23.90 5.91 12.69
C ASP H 118 23.77 6.50 14.09
N TYR H 119 23.01 7.58 14.24
CA TYR H 119 22.81 8.24 15.52
C TYR H 119 21.69 7.63 16.34
N MSE H 120 20.84 6.79 15.74
CA MSE H 120 19.76 6.14 16.46
C MSE H 120 20.00 4.64 16.56
O MSE H 120 19.32 3.94 17.31
CB MSE H 120 18.42 6.42 15.78
CG MSE H 120 18.12 7.89 15.54
SE MSE H 120 16.31 8.20 14.88
CE MSE H 120 16.27 6.85 13.48
N LYS H 127 8.85 -0.31 8.12
CA LYS H 127 7.65 0.49 8.33
C LYS H 127 7.73 1.81 7.58
N GLU H 128 6.58 2.25 7.07
CA GLU H 128 6.47 3.53 6.36
C GLU H 128 6.07 4.60 7.37
N LYS H 129 7.09 5.14 8.06
CA LYS H 129 6.87 6.13 9.11
C LYS H 129 7.01 7.54 8.54
N SER H 130 6.13 8.42 8.99
CA SER H 130 6.13 9.81 8.55
C SER H 130 7.26 10.59 9.22
N PHE H 131 7.54 11.78 8.67
CA PHE H 131 8.58 12.64 9.21
C PHE H 131 8.29 13.06 10.64
N LEU H 132 7.01 13.26 10.97
CA LEU H 132 6.66 13.66 12.34
C LEU H 132 6.95 12.53 13.33
N ASP H 133 6.75 11.28 12.92
CA ASP H 133 7.13 10.16 13.78
C ASP H 133 8.63 10.14 14.01
N LEU H 134 9.41 10.45 12.97
CA LEU H 134 10.86 10.54 13.14
C LEU H 134 11.24 11.67 14.08
N VAL H 135 10.54 12.80 13.99
CA VAL H 135 10.81 13.92 14.90
C VAL H 135 10.48 13.53 16.33
N VAL H 136 9.39 12.78 16.53
CA VAL H 136 9.04 12.32 17.88
C VAL H 136 10.11 11.37 18.40
N GLU H 137 10.59 10.47 17.55
CA GLU H 137 11.66 9.55 17.95
C GLU H 137 12.92 10.32 18.33
N LEU H 138 13.26 11.35 17.57
CA LEU H 138 14.44 12.15 17.88
C LEU H 138 14.25 12.93 19.17
N GLU H 139 13.04 13.42 19.44
CA GLU H 139 12.76 14.11 20.69
C GLU H 139 12.88 13.18 21.88
N LYS H 140 12.39 11.94 21.75
CA LYS H 140 12.56 10.96 22.81
C LYS H 140 14.01 10.62 23.07
N LEU H 141 14.87 10.80 22.08
CA LEU H 141 16.30 10.53 22.21
C LEU H 141 17.12 11.78 22.50
N ASN H 142 16.46 12.92 22.73
CA ASN H 142 17.14 14.19 23.01
C ASN H 142 18.10 14.57 21.88
N LEU H 143 17.66 14.35 20.64
CA LEU H 143 18.45 14.68 19.46
C LEU H 143 17.96 15.91 18.72
N VAL H 144 16.67 16.26 18.84
CA VAL H 144 16.13 17.47 18.25
C VAL H 144 15.39 18.24 19.32
N ALA H 145 15.43 19.56 19.21
CA ALA H 145 14.83 20.47 20.18
C ALA H 145 14.78 21.86 19.55
N PRO H 146 13.93 22.76 20.07
CA PRO H 146 13.92 24.13 19.55
C PRO H 146 15.26 24.83 19.62
N ASP H 147 16.15 24.41 20.51
CA ASP H 147 17.51 24.93 20.60
C ASP H 147 18.55 23.91 20.12
N GLN H 148 18.10 22.85 19.42
CA GLN H 148 18.98 21.78 18.96
C GLN H 148 18.49 21.32 17.59
N LEU H 149 18.89 22.05 16.55
CA LEU H 149 18.50 21.75 15.18
C LEU H 149 19.69 21.48 14.27
N ASP H 150 20.91 21.38 14.82
CA ASP H 150 22.09 21.25 13.98
C ASP H 150 22.12 19.90 13.26
N LEU H 151 21.75 18.82 13.96
CA LEU H 151 21.76 17.51 13.33
C LEU H 151 20.73 17.41 12.22
N LEU H 152 19.50 17.90 12.49
CA LEU H 152 18.47 17.90 11.46
C LEU H 152 18.86 18.78 10.28
N GLU H 153 19.48 19.93 10.57
CA GLU H 153 19.94 20.82 9.50
C GLU H 153 20.97 20.11 8.62
N LYS H 154 21.97 19.46 9.24
CA LYS H 154 22.99 18.77 8.47
C LYS H 154 22.40 17.63 7.66
N CYS H 155 21.46 16.87 8.24
CA CYS H 155 20.87 15.74 7.54
C CYS H 155 19.99 16.21 6.38
N LEU H 156 19.29 17.33 6.54
CA LEU H 156 18.53 17.88 5.43
C LEU H 156 19.45 18.45 4.35
N LYS H 157 20.61 18.98 4.74
CA LYS H 157 21.59 19.41 3.76
C LYS H 157 22.14 18.24 2.96
N ASN H 158 22.34 17.09 3.62
CA ASN H 158 22.94 15.95 2.96
C ASN H 158 22.01 15.25 1.97
N ILE H 159 20.69 15.45 2.09
CA ILE H 159 19.74 14.87 1.14
C ILE H 159 19.44 15.89 0.06
N HIS H 160 20.27 16.91 -0.06
CA HIS H 160 20.13 17.96 -1.08
C HIS H 160 18.81 18.71 -0.93
N ARG H 161 18.46 19.02 0.32
CA ARG H 161 17.28 19.83 0.64
C ARG H 161 17.76 21.11 1.30
N ILE H 162 18.40 21.98 0.51
CA ILE H 162 18.97 23.20 1.07
C ILE H 162 17.87 24.18 1.45
N ASP H 163 16.70 24.09 0.82
CA ASP H 163 15.60 24.99 1.16
C ASP H 163 15.12 24.76 2.59
N LEU H 164 15.07 23.49 3.03
CA LEU H 164 14.67 23.21 4.40
C LEU H 164 15.75 23.66 5.39
N LYS H 165 17.02 23.53 5.01
CA LYS H 165 18.09 24.09 5.82
C LYS H 165 17.94 25.60 5.95
N THR H 166 17.52 26.27 4.88
CA THR H 166 17.31 27.71 4.94
C THR H 166 16.10 28.05 5.82
N LYS H 167 15.06 27.23 5.78
CA LYS H 167 13.93 27.42 6.70
C LYS H 167 14.38 27.30 8.15
N ILE H 168 15.21 26.28 8.45
CA ILE H 168 15.70 26.11 9.82
C ILE H 168 16.55 27.30 10.23
N GLN H 169 17.39 27.79 9.32
CA GLN H 169 18.22 28.96 9.63
C GLN H 169 17.36 30.20 9.84
N LYS H 170 16.29 30.34 9.07
CA LYS H 170 15.38 31.47 9.26
C LYS H 170 14.70 31.40 10.61
N TYR H 171 14.30 30.20 11.04
CA TYR H 171 13.76 30.04 12.39
C TYR H 171 14.79 30.42 13.45
N LYS H 172 16.03 29.96 13.28
CA LYS H 172 17.08 30.27 14.24
C LYS H 172 17.32 31.77 14.32
N GLN H 173 17.25 32.47 13.18
CA GLN H 173 17.42 33.92 13.20
C GLN H 173 16.19 34.62 13.79
N SER H 174 15.01 34.03 13.61
CA SER H 174 13.80 34.59 14.19
C SER H 174 13.75 34.40 15.70
N VAL H 175 14.52 33.45 16.24
CA VAL H 175 14.54 33.26 17.68
C VAL H 175 15.32 34.38 18.36
N GLN H 176 16.35 34.92 17.69
CA GLN H 176 17.12 36.04 18.22
C GLN H 176 16.25 37.27 18.45
N MSE I 1 -23.49 23.65 -3.38
CA MSE I 1 -22.44 23.92 -4.35
C MSE I 1 -22.21 22.73 -5.26
O MSE I 1 -21.13 22.60 -5.86
CB MSE I 1 -21.15 24.30 -3.63
CG MSE I 1 -20.55 23.19 -2.78
SE MSE I 1 -18.69 23.50 -2.30
CE MSE I 1 -18.40 21.91 -1.19
N ASP I 2 -23.21 21.85 -5.36
CA ASP I 2 -23.08 20.68 -6.23
C ASP I 2 -22.78 21.02 -7.68
N PRO I 3 -23.34 22.09 -8.28
CA PRO I 3 -22.86 22.47 -9.62
C PRO I 3 -21.38 22.80 -9.66
N PHE I 4 -20.84 23.41 -8.61
CA PHE I 4 -19.40 23.67 -8.59
C PHE I 4 -18.60 22.37 -8.49
N LEU I 5 -19.12 21.41 -7.72
CA LEU I 5 -18.44 20.12 -7.61
C LEU I 5 -18.48 19.37 -8.93
N VAL I 6 -19.59 19.46 -9.68
CA VAL I 6 -19.63 18.80 -10.98
C VAL I 6 -18.74 19.53 -11.98
N LEU I 7 -18.60 20.85 -11.84
CA LEU I 7 -17.60 21.58 -12.61
C LEU I 7 -16.21 21.01 -12.36
N LEU I 8 -15.82 20.93 -11.09
CA LEU I 8 -14.49 20.43 -10.75
C LEU I 8 -14.30 18.99 -11.23
N GLY I 9 -15.33 18.17 -11.12
CA GLY I 9 -15.23 16.79 -11.58
C GLY I 9 -15.07 16.69 -13.09
N SER I 10 -15.82 17.50 -13.84
CA SER I 10 -15.68 17.49 -15.29
C SER I 10 -14.32 18.00 -15.72
N VAL I 11 -13.80 19.01 -15.03
CA VAL I 11 -12.46 19.51 -15.37
C VAL I 11 -11.39 18.47 -15.03
N SER I 12 -11.56 17.78 -13.91
CA SER I 12 -10.59 16.75 -13.54
C SER I 12 -10.62 15.57 -14.50
N SER I 13 -11.82 15.18 -14.94
CA SER I 13 -11.94 14.08 -15.89
C SER I 13 -11.43 14.45 -17.28
N SER I 14 -11.33 15.74 -17.58
CA SER I 14 -10.87 16.20 -18.89
C SER I 14 -9.40 16.61 -18.88
N LEU I 15 -8.62 16.02 -17.99
CA LEU I 15 -7.18 16.31 -17.89
C LEU I 15 -6.39 15.01 -17.98
N SER I 16 -5.20 15.11 -18.56
CA SER I 16 -4.29 13.99 -18.67
C SER I 16 -3.29 14.00 -17.52
N SER I 17 -2.53 12.91 -17.42
CA SER I 17 -1.55 12.78 -16.34
C SER I 17 -0.46 13.85 -16.44
N SER I 18 -0.04 14.17 -17.67
CA SER I 18 0.96 15.23 -17.85
C SER I 18 0.41 16.58 -17.40
N GLU I 19 -0.83 16.88 -17.77
CA GLU I 19 -1.47 18.11 -17.30
C GLU I 19 -1.62 18.10 -15.79
N LEU I 20 -1.84 16.92 -15.21
CA LEU I 20 -1.94 16.83 -13.75
C LEU I 20 -0.60 17.14 -13.10
N THR I 21 0.50 16.65 -13.67
CA THR I 21 1.82 16.98 -13.14
C THR I 21 2.14 18.46 -13.30
N GLU I 22 1.71 19.05 -14.42
CA GLU I 22 1.89 20.49 -14.60
C GLU I 22 1.12 21.27 -13.55
N LEU I 23 -0.12 20.87 -13.27
CA LEU I 23 -0.91 21.53 -12.24
C LEU I 23 -0.27 21.34 -10.87
N LYS I 24 0.28 20.16 -10.60
CA LYS I 24 0.98 19.92 -9.35
C LYS I 24 2.15 20.88 -9.19
N PHE I 25 2.96 21.02 -10.24
CA PHE I 25 4.08 21.96 -10.17
C PHE I 25 3.59 23.39 -9.98
N LEU I 26 2.49 23.76 -10.65
CA LEU I 26 1.99 25.13 -10.54
C LEU I 26 1.49 25.42 -9.13
N CYS I 27 0.84 24.44 -8.50
CA CYS I 27 0.29 24.63 -7.16
C CYS I 27 1.34 24.48 -6.06
N LEU I 28 2.57 24.13 -6.39
CA LEU I 28 3.62 24.04 -5.38
C LEU I 28 3.88 25.42 -4.81
N GLY I 29 3.79 25.53 -3.49
CA GLY I 29 3.82 26.82 -2.83
C GLY I 29 2.55 27.06 -2.05
N ARG I 30 1.42 26.69 -2.65
CA ARG I 30 0.15 26.65 -1.95
C ARG I 30 -0.13 25.30 -1.31
N VAL I 31 0.40 24.23 -1.90
CA VAL I 31 0.26 22.88 -1.39
C VAL I 31 1.65 22.27 -1.24
N GLY I 32 1.87 21.55 -0.16
CA GLY I 32 3.17 20.94 0.07
C GLY I 32 3.46 19.81 -0.89
N LYS I 33 4.74 19.44 -0.95
CA LYS I 33 5.15 18.34 -1.81
C LYS I 33 4.58 17.01 -1.32
N ARG I 34 4.49 16.84 0.00
CA ARG I 34 3.94 15.61 0.56
C ARG I 34 2.47 15.45 0.20
N LYS I 35 1.70 16.54 0.29
CA LYS I 35 0.30 16.48 -0.10
C LYS I 35 0.15 16.29 -1.60
N LEU I 36 1.02 16.93 -2.39
CA LEU I 36 0.95 16.79 -3.85
C LEU I 36 1.29 15.36 -4.28
N GLU I 37 2.14 14.67 -3.51
CA GLU I 37 2.47 13.28 -3.85
C GLU I 37 1.25 12.37 -3.78
N ARG I 38 0.33 12.65 -2.85
CA ARG I 38 -0.87 11.83 -2.70
C ARG I 38 -1.96 12.19 -3.70
N VAL I 39 -1.83 13.30 -4.42
CA VAL I 39 -2.84 13.71 -5.38
C VAL I 39 -2.80 12.77 -6.58
N GLN I 40 -3.92 12.12 -6.87
CA GLN I 40 -4.03 11.21 -8.01
C GLN I 40 -5.05 11.67 -9.04
N SER I 41 -5.58 12.88 -8.89
CA SER I 41 -6.59 13.40 -9.80
C SER I 41 -6.70 14.90 -9.61
N GLY I 42 -7.21 15.57 -10.65
CA GLY I 42 -7.46 16.99 -10.53
C GLY I 42 -8.46 17.34 -9.45
N LEU I 43 -9.43 16.44 -9.21
CA LEU I 43 -10.43 16.67 -8.18
C LEU I 43 -9.81 16.70 -6.80
N ASP I 44 -8.78 15.87 -6.57
CA ASP I 44 -8.10 15.86 -5.28
C ASP I 44 -7.44 17.22 -5.01
N LEU I 45 -6.71 17.73 -6.00
CA LEU I 45 -6.05 19.03 -5.84
C LEU I 45 -7.07 20.15 -5.69
N PHE I 46 -8.17 20.09 -6.46
CA PHE I 46 -9.21 21.11 -6.35
C PHE I 46 -9.85 21.08 -4.97
N SER I 47 -10.05 19.90 -4.39
CA SER I 47 -10.62 19.81 -3.05
C SER I 47 -9.64 20.30 -2.00
N MSE I 48 -8.35 20.01 -2.18
CA MSE I 48 -7.33 20.51 -1.26
C MSE I 48 -7.28 22.03 -1.28
O MSE I 48 -7.06 22.66 -0.26
CB MSE I 48 -5.95 19.92 -1.61
CG MSE I 48 -5.76 18.49 -1.15
SE MSE I 48 -3.96 17.83 -1.52
CE MSE I 48 -4.09 16.09 -0.64
N LEU I 49 -7.49 22.60 -2.47
CA LEU I 49 -7.57 24.06 -2.56
C LEU I 49 -8.88 24.59 -1.99
N LEU I 50 -9.95 23.80 -2.07
CA LEU I 50 -11.21 24.17 -1.45
C LEU I 50 -11.06 24.26 0.07
N GLU I 51 -10.35 23.31 0.67
CA GLU I 51 -10.18 23.31 2.11
C GLU I 51 -9.37 24.52 2.58
N GLN I 52 -8.32 24.89 1.83
CA GLN I 52 -7.50 26.04 2.19
C GLN I 52 -8.14 27.36 1.82
N ASN I 53 -9.36 27.36 1.30
CA ASN I 53 -10.12 28.55 0.93
C ASN I 53 -9.41 29.39 -0.13
N ASP I 54 -8.44 28.80 -0.84
CA ASP I 54 -7.84 29.45 -2.01
C ASP I 54 -8.71 29.29 -3.25
N LEU I 55 -9.90 28.73 -3.11
CA LEU I 55 -10.74 28.39 -4.24
C LEU I 55 -12.15 28.16 -3.73
N GLU I 56 -13.13 28.78 -4.38
CA GLU I 56 -14.53 28.67 -3.98
C GLU I 56 -15.40 29.13 -5.13
N PRO I 57 -16.68 28.76 -5.14
CA PRO I 57 -17.56 29.22 -6.23
C PRO I 57 -17.67 30.72 -6.35
N GLY I 58 -17.40 31.47 -5.29
CA GLY I 58 -17.42 32.91 -5.36
C GLY I 58 -16.13 33.49 -5.90
N HIS I 59 -15.01 32.89 -5.53
CA HIS I 59 -13.68 33.33 -5.98
C HIS I 59 -13.05 32.18 -6.77
N THR I 60 -13.28 32.19 -8.09
CA THR I 60 -12.70 31.21 -9.00
C THR I 60 -11.45 31.74 -9.69
N GLU I 61 -10.76 32.70 -9.06
CA GLU I 61 -9.57 33.28 -9.69
C GLU I 61 -8.45 32.25 -9.84
N LEU I 62 -8.21 31.45 -8.81
CA LEU I 62 -7.13 30.48 -8.87
C LEU I 62 -7.38 29.41 -9.93
N LEU I 63 -8.63 28.96 -10.04
CA LEU I 63 -8.96 27.95 -11.04
C LEU I 63 -8.76 28.49 -12.45
N ARG I 64 -9.28 29.69 -12.71
CA ARG I 64 -9.12 30.30 -14.02
C ARG I 64 -7.66 30.54 -14.35
N GLU I 65 -6.87 30.97 -13.36
CA GLU I 65 -5.45 31.20 -13.59
C GLU I 65 -4.72 29.90 -13.91
N LEU I 66 -4.95 28.86 -13.10
CA LEU I 66 -4.30 27.57 -13.34
C LEU I 66 -4.70 27.01 -14.70
N LEU I 67 -5.95 27.21 -15.11
CA LEU I 67 -6.42 26.61 -16.35
C LEU I 67 -6.00 27.42 -17.56
N ALA I 68 -5.80 28.73 -17.40
CA ALA I 68 -5.26 29.54 -18.48
C ALA I 68 -3.77 29.35 -18.65
N SER I 69 -3.04 29.10 -17.55
CA SER I 69 -1.63 28.77 -17.67
C SER I 69 -1.43 27.53 -18.52
N LEU I 70 -2.30 26.53 -18.35
CA LEU I 70 -2.25 25.29 -19.13
C LEU I 70 -2.83 25.44 -20.54
N ARG I 71 -2.99 26.69 -21.01
CA ARG I 71 -3.55 27.03 -22.33
C ARG I 71 -4.68 26.11 -22.75
N ARG I 72 -5.61 25.84 -21.84
CA ARG I 72 -6.79 25.00 -22.09
C ARG I 72 -8.03 25.87 -21.92
N HIS I 73 -8.46 26.52 -23.00
CA HIS I 73 -9.64 27.39 -22.94
C HIS I 73 -10.94 26.61 -23.09
N ASP I 74 -10.87 25.35 -23.54
CA ASP I 74 -12.07 24.53 -23.65
C ASP I 74 -12.72 24.31 -22.29
N LEU I 75 -11.91 24.14 -21.24
CA LEU I 75 -12.46 24.04 -19.89
C LEU I 75 -12.70 25.40 -19.27
N LEU I 76 -11.97 26.43 -19.73
CA LEU I 76 -12.28 27.79 -19.32
C LEU I 76 -13.68 28.18 -19.74
N ARG I 77 -14.16 27.67 -20.88
CA ARG I 77 -15.53 27.93 -21.28
C ARG I 77 -16.51 27.25 -20.34
N ARG I 78 -16.18 26.05 -19.86
CA ARG I 78 -17.02 25.40 -18.85
C ARG I 78 -17.09 26.24 -17.57
N VAL I 79 -15.94 26.75 -17.13
CA VAL I 79 -15.91 27.60 -15.95
C VAL I 79 -16.79 28.83 -16.16
N ASP I 80 -16.64 29.49 -17.31
CA ASP I 80 -17.44 30.69 -17.60
C ASP I 80 -18.93 30.36 -17.70
N ASP I 81 -19.27 29.18 -18.21
CA ASP I 81 -20.67 28.76 -18.25
C ASP I 81 -21.22 28.59 -16.84
N PHE I 82 -20.40 28.04 -15.94
CA PHE I 82 -20.83 27.92 -14.55
C PHE I 82 -20.99 29.29 -13.91
N GLU I 83 -20.12 30.25 -14.25
CA GLU I 83 -20.23 31.59 -13.68
C GLU I 83 -21.55 32.25 -14.03
N ALA I 84 -22.18 31.85 -15.13
CA ALA I 84 -23.47 32.39 -15.52
C ALA I 84 -24.60 31.42 -15.19
N MSE J 1 -28.17 -32.46 10.44
CA MSE J 1 -26.78 -32.76 10.77
C MSE J 1 -25.84 -32.35 9.65
O MSE J 1 -24.95 -31.51 9.85
CB MSE J 1 -26.62 -34.24 11.09
CG MSE J 1 -27.49 -34.74 12.24
SE MSE J 1 -27.29 -33.64 13.85
CE MSE J 1 -28.00 -34.90 15.16
N ASP J 2 -26.05 -32.93 8.47
CA ASP J 2 -25.25 -32.54 7.31
C ASP J 2 -25.53 -31.11 6.87
N PHE J 3 -26.69 -30.56 7.25
CA PHE J 3 -27.03 -29.18 6.87
C PHE J 3 -26.00 -28.19 7.40
N SER J 4 -25.57 -28.37 8.66
CA SER J 4 -24.56 -27.49 9.23
C SER J 4 -23.23 -27.63 8.51
N ARG J 5 -22.86 -28.85 8.14
CA ARG J 5 -21.62 -29.05 7.40
C ARG J 5 -21.68 -28.40 6.03
N ASN J 6 -22.86 -28.46 5.38
CA ASN J 6 -23.03 -27.79 4.10
C ASN J 6 -22.90 -26.27 4.25
N LEU J 7 -23.51 -25.72 5.31
CA LEU J 7 -23.38 -24.29 5.57
C LEU J 7 -21.92 -23.91 5.81
N TYR J 8 -21.19 -24.76 6.54
CA TYR J 8 -19.78 -24.49 6.81
C TYR J 8 -18.96 -24.53 5.53
N ASP J 9 -19.24 -25.50 4.65
CA ASP J 9 -18.51 -25.59 3.38
C ASP J 9 -18.81 -24.38 2.50
N ILE J 10 -20.08 -23.95 2.44
CA ILE J 10 -20.41 -22.76 1.68
C ILE J 10 -19.69 -21.54 2.24
N GLY J 11 -19.63 -21.42 3.57
CA GLY J 11 -18.93 -20.29 4.17
C GLY J 11 -17.44 -20.31 3.93
N GLU J 12 -16.84 -21.50 3.92
CA GLU J 12 -15.40 -21.61 3.68
C GLU J 12 -15.02 -21.22 2.26
N GLN J 13 -15.95 -21.30 1.31
CA GLN J 13 -15.71 -20.92 -0.07
C GLN J 13 -16.08 -19.47 -0.35
N LEU J 14 -16.18 -18.65 0.69
CA LEU J 14 -16.56 -17.24 0.57
C LEU J 14 -15.42 -16.37 1.09
N ASP J 15 -15.12 -15.31 0.33
CA ASP J 15 -14.04 -14.40 0.68
C ASP J 15 -14.58 -13.23 1.50
N SER J 16 -13.70 -12.27 1.80
CA SER J 16 -14.13 -11.13 2.60
C SER J 16 -14.98 -10.17 1.77
N GLU J 17 -14.67 -10.03 0.48
CA GLU J 17 -15.45 -9.15 -0.39
C GLU J 17 -16.84 -9.73 -0.62
N ASP J 18 -16.92 -11.03 -0.90
CA ASP J 18 -18.22 -11.69 -1.00
C ASP J 18 -18.98 -11.58 0.32
N LEU J 19 -18.27 -11.62 1.44
CA LEU J 19 -18.90 -11.47 2.75
C LEU J 19 -19.50 -10.08 2.91
N ALA J 20 -18.75 -9.04 2.49
CA ALA J 20 -19.29 -7.69 2.55
C ALA J 20 -20.50 -7.53 1.64
N SER J 21 -20.45 -8.16 0.46
CA SER J 21 -21.60 -8.13 -0.43
C SER J 21 -22.81 -8.79 0.22
N LEU J 22 -22.61 -9.94 0.87
CA LEU J 22 -23.70 -10.63 1.55
C LEU J 22 -24.27 -9.78 2.67
N LYS J 23 -23.39 -9.10 3.42
CA LYS J 23 -23.86 -8.24 4.50
C LYS J 23 -24.65 -7.06 3.97
N PHE J 24 -24.22 -6.47 2.83
CA PHE J 24 -24.97 -5.37 2.25
C PHE J 24 -26.32 -5.82 1.71
N LEU J 25 -26.36 -6.95 1.02
CA LEU J 25 -27.62 -7.41 0.45
C LEU J 25 -28.64 -7.82 1.51
N SER J 26 -28.20 -8.10 2.74
CA SER J 26 -29.07 -8.47 3.83
C SER J 26 -29.26 -7.33 4.83
N LEU J 27 -29.02 -6.08 4.41
CA LEU J 27 -29.15 -4.95 5.31
C LEU J 27 -30.59 -4.71 5.73
N ASP J 28 -31.55 -5.05 4.87
CA ASP J 28 -32.95 -4.82 5.19
C ASP J 28 -33.47 -5.78 6.26
N TYR J 29 -32.67 -6.78 6.67
CA TYR J 29 -33.09 -7.75 7.66
C TYR J 29 -32.17 -7.82 8.88
N ILE J 30 -30.92 -7.40 8.76
CA ILE J 30 -29.97 -7.42 9.87
C ILE J 30 -29.47 -5.99 10.07
N PRO J 31 -29.73 -5.37 11.22
CA PRO J 31 -29.31 -3.98 11.42
C PRO J 31 -27.80 -3.86 11.55
N GLN J 32 -27.35 -2.60 11.62
CA GLN J 32 -25.91 -2.32 11.62
C GLN J 32 -25.22 -2.84 12.87
N ARG J 33 -25.87 -2.71 14.04
CA ARG J 33 -25.23 -3.13 15.28
C ARG J 33 -24.94 -4.63 15.27
N LYS J 34 -25.88 -5.43 14.76
CA LYS J 34 -25.65 -6.87 14.64
C LYS J 34 -24.78 -7.24 13.44
N GLN J 35 -24.68 -6.35 12.46
CA GLN J 35 -23.89 -6.63 11.26
C GLN J 35 -22.42 -6.29 11.42
N GLU J 36 -22.09 -5.34 12.31
CA GLU J 36 -20.70 -4.94 12.48
C GLU J 36 -19.78 -6.09 12.88
N PRO J 37 -20.10 -6.94 13.85
CA PRO J 37 -19.17 -8.02 14.21
C PRO J 37 -19.18 -9.20 13.24
N ILE J 38 -19.97 -9.14 12.17
CA ILE J 38 -20.02 -10.25 11.22
C ILE J 38 -18.77 -10.22 10.37
N LYS J 39 -17.80 -11.06 10.73
CA LYS J 39 -16.54 -11.17 10.00
C LYS J 39 -16.36 -12.55 9.38
N ASP J 40 -17.38 -13.40 9.45
CA ASP J 40 -17.34 -14.70 8.79
C ASP J 40 -18.74 -15.02 8.30
N ALA J 41 -18.82 -15.94 7.34
CA ALA J 41 -20.11 -16.29 6.75
C ALA J 41 -20.99 -17.01 7.76
N LEU J 42 -20.39 -17.91 8.55
CA LEU J 42 -21.14 -18.69 9.51
C LEU J 42 -21.91 -17.82 10.50
N MSE J 43 -21.36 -16.65 10.85
CA MSE J 43 -22.05 -15.74 11.77
C MSE J 43 -23.29 -15.13 11.14
O MSE J 43 -24.35 -15.01 11.76
CB MSE J 43 -21.09 -14.64 12.24
CG MSE J 43 -19.77 -15.17 12.79
SE MSE J 43 -18.48 -13.76 13.19
CE MSE J 43 -16.99 -14.87 13.78
N LEU J 44 -23.14 -14.72 9.87
CA LEU J 44 -24.30 -14.28 9.08
C LEU J 44 -25.37 -15.36 9.04
N PHE J 45 -24.95 -16.59 8.72
CA PHE J 45 -25.87 -17.73 8.72
C PHE J 45 -26.57 -17.88 10.07
N GLN J 46 -25.81 -17.76 11.16
CA GLN J 46 -26.39 -17.86 12.50
C GLN J 46 -27.48 -16.81 12.70
N ARG J 47 -27.19 -15.56 12.31
CA ARG J 47 -28.20 -14.50 12.43
C ARG J 47 -29.44 -14.84 11.61
N LEU J 48 -29.26 -15.29 10.37
CA LEU J 48 -30.39 -15.66 9.54
C LEU J 48 -31.20 -16.79 10.17
N GLN J 49 -30.52 -17.78 10.76
CA GLN J 49 -31.20 -18.86 11.46
C GLN J 49 -31.96 -18.33 12.68
N GLU J 50 -31.43 -17.27 13.29
CA GLU J 50 -32.13 -16.65 14.41
C GLU J 50 -33.34 -15.87 13.95
N LYS J 51 -33.40 -15.50 12.67
CA LYS J 51 -34.58 -14.88 12.10
C LYS J 51 -35.36 -15.84 11.23
N ARG J 52 -35.01 -17.13 11.27
CA ARG J 52 -35.70 -18.20 10.54
C ARG J 52 -35.72 -17.97 9.03
N MSE J 53 -34.77 -17.21 8.50
CA MSE J 53 -34.69 -17.00 7.06
C MSE J 53 -33.69 -17.97 6.46
O MSE J 53 -33.33 -17.85 5.29
CB MSE J 53 -34.30 -15.56 6.75
CG MSE J 53 -35.22 -14.53 7.36
SE MSE J 53 -34.75 -12.70 6.90
CE MSE J 53 -36.10 -11.78 7.97
N LEU J 54 -33.25 -18.93 7.27
CA LEU J 54 -32.29 -19.94 6.82
C LEU J 54 -32.51 -21.16 7.69
N GLU J 55 -33.00 -22.24 7.10
CA GLU J 55 -33.23 -23.50 7.80
C GLU J 55 -33.03 -24.64 6.82
N GLU J 56 -33.04 -25.87 7.34
CA GLU J 56 -32.89 -27.03 6.48
C GLU J 56 -34.05 -27.19 5.51
N SER J 57 -35.19 -26.56 5.80
CA SER J 57 -36.36 -26.58 4.93
C SER J 57 -36.57 -25.25 4.22
N ASN J 58 -35.78 -24.23 4.53
CA ASN J 58 -35.91 -22.90 3.93
C ASN J 58 -34.53 -22.45 3.47
N LEU J 59 -34.22 -22.70 2.20
CA LEU J 59 -32.98 -22.25 1.58
C LEU J 59 -33.21 -21.13 0.57
N SER J 60 -34.42 -20.56 0.53
CA SER J 60 -34.75 -19.59 -0.50
C SER J 60 -33.90 -18.33 -0.39
N PHE J 61 -33.75 -17.81 0.83
CA PHE J 61 -32.98 -16.57 1.00
C PHE J 61 -31.50 -16.81 0.76
N LEU J 62 -30.99 -17.98 1.18
CA LEU J 62 -29.59 -18.31 0.92
C LEU J 62 -29.34 -18.41 -0.57
N LYS J 63 -30.23 -19.07 -1.30
CA LYS J 63 -30.08 -19.19 -2.74
C LYS J 63 -30.16 -17.82 -3.42
N GLU J 64 -31.07 -16.97 -2.96
CA GLU J 64 -31.18 -15.62 -3.53
C GLU J 64 -29.90 -14.82 -3.29
N LEU J 65 -29.35 -14.91 -2.08
CA LEU J 65 -28.10 -14.22 -1.78
C LEU J 65 -26.96 -14.72 -2.65
N LEU J 66 -26.82 -16.05 -2.76
CA LEU J 66 -25.73 -16.61 -3.55
C LEU J 66 -25.90 -16.33 -5.04
N PHE J 67 -27.15 -16.16 -5.50
CA PHE J 67 -27.38 -15.87 -6.91
C PHE J 67 -27.11 -14.41 -7.24
N ARG J 68 -27.51 -13.49 -6.36
CA ARG J 68 -27.32 -12.07 -6.65
C ARG J 68 -25.86 -11.65 -6.59
N ILE J 69 -25.01 -12.39 -5.89
CA ILE J 69 -23.58 -12.06 -5.82
C ILE J 69 -22.85 -12.86 -6.89
N ASN J 70 -23.61 -13.50 -7.78
CA ASN J 70 -23.07 -14.20 -8.93
C ASN J 70 -22.14 -15.35 -8.53
N ARG J 71 -22.44 -15.98 -7.41
CA ARG J 71 -21.70 -17.17 -6.96
C ARG J 71 -22.48 -18.43 -7.34
N LEU J 72 -22.65 -18.61 -8.64
CA LEU J 72 -23.42 -19.73 -9.16
C LEU J 72 -22.74 -21.07 -8.92
N ASP J 73 -21.42 -21.09 -8.75
CA ASP J 73 -20.74 -22.35 -8.49
C ASP J 73 -21.21 -22.98 -7.18
N LEU J 74 -21.30 -22.18 -6.12
CA LEU J 74 -21.81 -22.68 -4.85
C LEU J 74 -23.28 -23.03 -4.94
N LEU J 75 -24.04 -22.26 -5.72
CA LEU J 75 -25.47 -22.54 -5.90
C LEU J 75 -25.69 -23.90 -6.55
N ILE J 76 -24.87 -24.23 -7.56
CA ILE J 76 -25.05 -25.48 -8.28
C ILE J 76 -24.47 -26.66 -7.51
N THR J 77 -23.34 -26.45 -6.83
CA THR J 77 -22.66 -27.57 -6.20
C THR J 77 -23.20 -27.88 -4.80
N TYR J 78 -23.46 -26.86 -3.97
CA TYR J 78 -23.85 -27.10 -2.58
C TYR J 78 -25.34 -26.93 -2.33
N LEU J 79 -26.06 -26.24 -3.21
CA LEU J 79 -27.48 -26.01 -3.02
C LEU J 79 -28.36 -26.65 -4.09
N ASN J 80 -27.77 -27.27 -5.12
CA ASN J 80 -28.53 -27.97 -6.16
C ASN J 80 -29.52 -27.04 -6.85
N THR J 81 -29.04 -25.89 -7.31
CA THR J 81 -29.88 -24.90 -7.97
C THR J 81 -29.13 -24.33 -9.17
N ARG J 82 -29.77 -24.37 -10.34
CA ARG J 82 -29.16 -23.86 -11.56
C ARG J 82 -29.48 -22.38 -11.75
N LYS J 83 -28.79 -21.77 -12.71
CA LYS J 83 -28.97 -20.34 -12.95
C LYS J 83 -30.36 -20.06 -13.53
N GLU J 84 -30.80 -20.88 -14.49
CA GLU J 84 -32.09 -20.66 -15.11
C GLU J 84 -33.22 -20.85 -14.12
N GLU J 85 -33.13 -21.91 -13.29
CA GLU J 85 -34.13 -22.13 -12.25
C GLU J 85 -34.29 -20.89 -11.38
N MSE J 86 -33.17 -20.30 -10.97
CA MSE J 86 -33.18 -19.11 -10.13
C MSE J 86 -33.77 -17.91 -10.85
O MSE J 86 -34.54 -17.15 -10.27
CB MSE J 86 -31.77 -18.78 -9.64
CG MSE J 86 -31.74 -18.23 -8.24
SE MSE J 86 -32.48 -19.46 -6.94
CE MSE J 86 -33.11 -18.18 -5.62
N GLU J 87 -33.40 -17.73 -12.12
CA GLU J 87 -33.99 -16.66 -12.93
C GLU J 87 -35.51 -16.79 -12.97
N ARG J 88 -36.00 -17.98 -13.31
CA ARG J 88 -37.44 -18.23 -13.36
C ARG J 88 -38.10 -17.97 -12.01
N GLU J 89 -37.50 -18.47 -10.93
CA GLU J 89 -38.08 -18.26 -9.60
C GLU J 89 -38.12 -16.80 -9.22
N LEU J 90 -37.12 -16.02 -9.62
CA LEU J 90 -37.04 -14.61 -9.28
C LEU J 90 -37.81 -13.71 -10.24
N GLN J 91 -38.28 -14.26 -11.37
CA GLN J 91 -39.13 -13.47 -12.24
C GLN J 91 -40.56 -13.38 -11.71
N THR J 92 -40.96 -14.34 -10.87
CA THR J 92 -42.23 -14.23 -10.17
C THR J 92 -42.13 -13.06 -9.18
N PRO J 93 -43.15 -12.19 -9.12
CA PRO J 93 -42.98 -10.97 -8.31
C PRO J 93 -42.93 -11.20 -6.81
N GLY J 94 -43.67 -12.18 -6.29
CA GLY J 94 -43.75 -12.35 -4.85
C GLY J 94 -42.49 -12.95 -4.22
N ARG J 95 -41.82 -13.86 -4.92
CA ARG J 95 -40.76 -14.65 -4.32
C ARG J 95 -39.47 -13.87 -4.05
N ALA J 96 -39.32 -12.66 -4.55
CA ALA J 96 -38.08 -11.91 -4.32
C ALA J 96 -38.07 -11.35 -2.90
N GLN J 97 -37.10 -11.80 -2.10
CA GLN J 97 -36.97 -11.32 -0.72
C GLN J 97 -36.03 -10.12 -0.60
N ILE J 98 -34.98 -10.09 -1.41
CA ILE J 98 -34.09 -8.94 -1.45
C ILE J 98 -34.70 -7.89 -2.37
N SER J 99 -34.84 -6.66 -1.88
CA SER J 99 -35.47 -5.61 -2.66
C SER J 99 -34.65 -5.30 -3.91
N ALA J 100 -35.36 -4.93 -4.98
CA ALA J 100 -34.69 -4.58 -6.22
C ALA J 100 -33.81 -3.35 -6.03
N TYR J 101 -34.13 -2.50 -5.06
CA TYR J 101 -33.30 -1.34 -4.75
C TYR J 101 -31.92 -1.78 -4.24
N ARG J 102 -31.90 -2.79 -3.37
CA ARG J 102 -30.62 -3.31 -2.88
C ARG J 102 -29.82 -3.90 -4.02
N VAL J 103 -30.43 -4.80 -4.80
CA VAL J 103 -29.75 -5.43 -5.92
C VAL J 103 -29.20 -4.39 -6.88
N MSE J 104 -29.95 -3.32 -7.12
CA MSE J 104 -29.55 -2.26 -8.03
C MSE J 104 -28.32 -1.53 -7.50
O MSE J 104 -27.36 -1.29 -8.24
CB MSE J 104 -30.69 -1.28 -8.26
CG MSE J 104 -30.34 -0.06 -9.11
SE MSE J 104 -29.87 1.50 -8.05
CE MSE J 104 -31.44 1.56 -6.89
N LEU J 105 -28.36 -1.18 -6.21
CA LEU J 105 -27.20 -0.57 -5.58
C LEU J 105 -25.97 -1.48 -5.68
N TYR J 106 -26.15 -2.76 -5.37
CA TYR J 106 -25.04 -3.72 -5.45
C TYR J 106 -24.48 -3.80 -6.86
N GLN J 107 -25.35 -3.82 -7.87
CA GLN J 107 -24.85 -3.88 -9.26
C GLN J 107 -24.10 -2.62 -9.64
N ILE J 108 -24.55 -1.46 -9.14
CA ILE J 108 -23.79 -0.23 -9.35
C ILE J 108 -22.41 -0.36 -8.72
N SER J 109 -22.35 -0.91 -7.51
CA SER J 109 -21.06 -1.16 -6.87
C SER J 109 -20.24 -2.18 -7.64
N GLU J 110 -20.90 -3.05 -8.41
CA GLU J 110 -20.21 -4.02 -9.26
C GLU J 110 -19.69 -3.38 -10.53
N GLU J 111 -20.18 -2.21 -10.90
CA GLU J 111 -19.80 -1.55 -12.15
C GLU J 111 -19.05 -0.25 -11.90
N VAL J 112 -18.32 -0.18 -10.80
CA VAL J 112 -17.51 0.99 -10.43
C VAL J 112 -16.10 0.53 -10.14
N SER J 113 -15.13 1.14 -10.80
CA SER J 113 -13.73 0.79 -10.60
C SER J 113 -13.15 1.57 -9.42
N ARG J 114 -11.83 1.49 -9.24
CA ARG J 114 -11.20 2.16 -8.11
C ARG J 114 -11.09 3.67 -8.33
N SER J 115 -10.66 4.08 -9.52
CA SER J 115 -10.64 5.51 -9.84
C SER J 115 -12.05 6.08 -9.87
N GLU J 116 -13.01 5.28 -10.35
CA GLU J 116 -14.40 5.72 -10.34
C GLU J 116 -14.92 5.85 -8.91
N LEU J 117 -14.47 4.98 -8.01
CA LEU J 117 -14.84 5.12 -6.59
C LEU J 117 -14.22 6.37 -5.98
N ARG J 118 -12.96 6.67 -6.34
CA ARG J 118 -12.34 7.90 -5.86
C ARG J 118 -13.09 9.12 -6.35
N SER J 119 -13.52 9.11 -7.62
CA SER J 119 -14.31 10.23 -8.14
C SER J 119 -15.67 10.31 -7.44
N PHE J 120 -16.26 9.16 -7.11
CA PHE J 120 -17.51 9.15 -6.36
C PHE J 120 -17.32 9.84 -5.00
N LYS J 121 -16.27 9.46 -4.28
CA LYS J 121 -15.99 10.07 -2.98
C LYS J 121 -15.73 11.57 -3.11
N GLY J 122 -15.01 11.97 -4.17
CA GLY J 122 -14.80 13.39 -4.40
C GLY J 122 -16.07 14.13 -4.75
N GLY J 123 -17.02 13.44 -5.39
CA GLY J 123 -18.30 14.05 -5.69
C GLY J 123 -19.23 14.16 -4.50
N LEU J 124 -19.00 13.37 -3.46
CA LEU J 124 -19.82 13.44 -2.25
C LEU J 124 -19.12 14.18 -1.10
N GLN J 125 -18.47 15.32 -1.39
CA GLN J 125 -17.77 16.04 -0.33
C GLN J 125 -18.71 16.85 0.54
N GLU J 126 -19.69 17.53 -0.07
CA GLU J 126 -20.58 18.39 0.68
C GLU J 126 -21.66 17.63 1.44
N GLU J 127 -21.89 16.36 1.10
CA GLU J 127 -22.98 15.61 1.71
C GLU J 127 -22.51 14.63 2.77
N ILE J 128 -21.25 14.19 2.73
CA ILE J 128 -20.72 13.22 3.67
C ILE J 128 -19.46 13.82 4.30
N SER J 129 -19.27 13.58 5.59
CA SER J 129 -18.09 14.10 6.26
C SER J 129 -16.84 13.43 5.74
N LYS J 130 -15.70 14.10 5.95
CA LYS J 130 -14.44 13.61 5.42
C LYS J 130 -14.00 12.32 6.10
N CYS J 131 -14.34 12.15 7.38
CA CYS J 131 -13.96 10.94 8.11
C CYS J 131 -14.48 9.68 7.44
N LYS J 132 -15.66 9.76 6.81
CA LYS J 132 -16.28 8.64 6.14
C LYS J 132 -15.89 8.55 4.67
N LEU J 133 -14.94 9.38 4.22
CA LEU J 133 -14.47 9.36 2.84
C LEU J 133 -13.05 8.81 2.71
N ASP J 134 -12.60 8.04 3.70
CA ASP J 134 -11.26 7.47 3.66
C ASP J 134 -11.13 6.46 2.52
N ASP J 135 -9.89 6.16 2.16
CA ASP J 135 -9.61 5.27 1.03
C ASP J 135 -10.03 3.84 1.29
N ASP J 136 -10.29 3.47 2.54
CA ASP J 136 -10.71 2.12 2.89
C ASP J 136 -12.21 1.91 2.76
N MSE J 137 -12.96 2.96 2.46
CA MSE J 137 -14.41 2.85 2.29
C MSE J 137 -14.77 2.34 0.90
O MSE J 137 -14.43 2.96 -0.10
CB MSE J 137 -15.07 4.20 2.53
CG MSE J 137 -15.00 4.70 3.97
SE MSE J 137 -16.21 3.77 5.18
CE MSE J 137 -15.02 2.36 5.81
N ASN J 138 -15.44 1.19 0.84
CA ASN J 138 -15.95 0.73 -0.44
C ASN J 138 -17.25 1.47 -0.76
N LEU J 139 -17.76 1.21 -1.97
CA LEU J 139 -18.94 1.96 -2.41
C LEU J 139 -20.17 1.58 -1.60
N LEU J 140 -20.24 0.35 -1.09
CA LEU J 140 -21.39 -0.06 -0.29
C LEU J 140 -21.44 0.69 1.04
N ASP J 141 -20.28 0.92 1.65
CA ASP J 141 -20.24 1.71 2.88
C ASP J 141 -20.68 3.15 2.62
N ILE J 142 -20.32 3.68 1.45
CA ILE J 142 -20.78 5.02 1.07
C ILE J 142 -22.30 5.02 0.87
N PHE J 143 -22.83 3.97 0.26
CA PHE J 143 -24.28 3.84 0.13
C PHE J 143 -24.94 3.83 1.51
N ILE J 144 -24.35 3.11 2.46
CA ILE J 144 -24.90 3.06 3.81
C ILE J 144 -24.86 4.45 4.46
N GLU J 145 -23.73 5.16 4.29
CA GLU J 145 -23.62 6.49 4.86
C GLU J 145 -24.61 7.46 4.25
N MSE J 146 -24.93 7.29 2.96
CA MSE J 146 -25.96 8.10 2.31
C MSE J 146 -27.33 7.77 2.88
O MSE J 146 -28.14 8.67 3.13
CB MSE J 146 -25.94 7.89 0.80
CG MSE J 146 -25.10 8.88 0.03
SE MSE J 146 -25.09 8.50 -1.88
CE MSE J 146 -23.72 7.12 -1.89
N GLU J 147 -27.60 6.48 3.06
CA GLU J 147 -28.87 6.05 3.64
C GLU J 147 -29.05 6.61 5.04
N LYS J 148 -27.97 6.70 5.81
CA LYS J 148 -28.06 7.30 7.14
C LYS J 148 -28.55 8.74 7.07
N ARG J 149 -28.03 9.50 6.10
CA ARG J 149 -28.40 10.88 5.91
C ARG J 149 -29.62 11.04 4.99
N VAL J 150 -30.37 9.95 4.75
CA VAL J 150 -31.57 9.95 3.93
C VAL J 150 -31.29 10.69 2.62
N ILE J 151 -30.12 10.44 2.04
CA ILE J 151 -29.77 10.99 0.73
C ILE J 151 -29.98 9.93 -0.34
N LEU J 152 -29.88 8.66 0.05
CA LEU J 152 -30.13 7.55 -0.84
C LEU J 152 -31.33 6.77 -0.33
N GLY J 153 -32.18 6.31 -1.26
CA GLY J 153 -33.34 5.53 -0.88
C GLY J 153 -34.11 5.12 -2.11
N GLU J 154 -35.16 4.33 -1.86
CA GLU J 154 -36.01 3.87 -2.96
C GLU J 154 -36.77 5.02 -3.62
N GLY J 155 -36.94 6.14 -2.92
CA GLY J 155 -37.64 7.28 -3.48
C GLY J 155 -36.73 8.48 -3.73
N LYS J 156 -35.50 8.42 -3.23
CA LYS J 156 -34.52 9.49 -3.37
C LYS J 156 -33.30 8.94 -4.12
N LEU J 157 -33.31 9.09 -5.44
CA LEU J 157 -32.21 8.67 -6.28
C LEU J 157 -31.53 9.83 -6.99
N ASP J 158 -31.84 11.07 -6.59
CA ASP J 158 -31.34 12.23 -7.32
C ASP J 158 -29.82 12.36 -7.21
N ILE J 159 -29.29 12.33 -6.00
CA ILE J 159 -27.84 12.47 -5.81
C ILE J 159 -27.11 11.27 -6.40
N LEU J 160 -27.70 10.08 -6.34
CA LEU J 160 -27.10 8.92 -6.97
C LEU J 160 -26.96 9.12 -8.47
N LYS J 161 -28.03 9.58 -9.12
CA LYS J 161 -27.97 9.88 -10.54
C LYS J 161 -26.95 10.97 -10.83
N ARG J 162 -26.85 11.98 -9.95
CA ARG J 162 -25.90 13.07 -10.16
C ARG J 162 -24.48 12.56 -10.18
N VAL J 163 -24.12 11.72 -9.19
CA VAL J 163 -22.75 11.25 -9.12
C VAL J 163 -22.48 10.23 -10.22
N CYS J 164 -23.49 9.44 -10.59
CA CYS J 164 -23.27 8.47 -11.67
C CYS J 164 -23.07 9.19 -12.99
N ALA J 165 -23.82 10.27 -13.21
CA ALA J 165 -23.58 11.09 -14.40
C ALA J 165 -22.21 11.73 -14.33
N GLN J 166 -21.72 11.98 -13.11
CA GLN J 166 -20.37 12.51 -12.98
C GLN J 166 -19.30 11.46 -13.24
N ILE J 167 -19.65 10.18 -13.27
CA ILE J 167 -18.61 9.17 -13.47
C ILE J 167 -18.80 8.34 -14.75
N ASN J 168 -19.95 7.70 -14.92
CA ASN J 168 -20.13 6.80 -16.04
C ASN J 168 -21.59 6.81 -16.50
N LYS J 169 -21.81 6.34 -17.73
CA LYS J 169 -23.13 6.40 -18.35
C LYS J 169 -23.96 5.15 -18.14
N SER J 170 -23.32 3.98 -17.99
CA SER J 170 -24.08 2.74 -17.79
C SER J 170 -24.80 2.71 -16.45
N LEU J 171 -24.25 3.40 -15.45
CA LEU J 171 -24.89 3.45 -14.15
C LEU J 171 -26.26 4.11 -14.20
N LEU J 172 -26.38 5.20 -14.98
CA LEU J 172 -27.70 5.80 -15.16
C LEU J 172 -28.65 4.84 -15.86
N LYS J 173 -28.14 4.01 -16.76
CA LYS J 173 -28.99 3.01 -17.40
C LYS J 173 -29.51 1.99 -16.38
N ILE J 174 -28.63 1.54 -15.46
CA ILE J 174 -29.07 0.61 -14.42
C ILE J 174 -30.12 1.27 -13.53
N ILE J 175 -29.87 2.52 -13.15
CA ILE J 175 -30.81 3.25 -12.29
C ILE J 175 -32.16 3.40 -12.98
N ASN J 176 -32.16 3.75 -14.28
CA ASN J 176 -33.40 3.91 -15.00
C ASN J 176 -34.13 2.60 -15.21
N ASP J 177 -33.39 1.49 -15.41
CA ASP J 177 -34.05 0.20 -15.50
C ASP J 177 -34.74 -0.16 -14.18
N TYR J 178 -34.06 0.07 -13.06
CA TYR J 178 -34.69 -0.18 -11.77
C TYR J 178 -35.91 0.71 -11.57
N GLU J 179 -35.81 1.98 -11.98
CA GLU J 179 -36.91 2.92 -11.78
C GLU J 179 -38.11 2.53 -12.65
N GLU J 180 -37.86 2.14 -13.90
CA GLU J 180 -38.93 1.71 -14.78
C GLU J 180 -39.53 0.38 -14.33
N PHE J 181 -38.79 -0.43 -13.58
CA PHE J 181 -39.38 -1.64 -13.02
C PHE J 181 -40.31 -1.32 -11.86
N SER J 182 -40.00 -0.28 -11.09
CA SER J 182 -40.86 0.23 -10.03
C SER J 182 -41.38 -0.86 -9.09
SE SE K . 4.30 -28.96 47.29
#